data_9QXZ
#
_entry.id   9QXZ
#
_cell.length_a   62.258
_cell.length_b   127.098
_cell.length_c   201.445
_cell.angle_alpha   90.00
_cell.angle_beta   90.00
_cell.angle_gamma   90.00
#
_symmetry.space_group_name_H-M   'P 21 21 21'
#
loop_
_entity.id
_entity.type
_entity.pdbx_description
1 polymer 'Non-POU domain-containing octamer-binding protein'
2 non-polymer 4-(2-chloranylethanoyl)-~{N}-[(4-methoxyphenyl)methyl]-1-(4-methoxyphenyl)sulfonyl-piperazine-2-carboxamide
3 water water
#
_entity_poly.entity_id   1
_entity_poly.type   'polypeptide(L)'
_entity_poly.pdbx_seq_one_letter_code
;EGLTIDLKNFRKPGEKTFTQRSRLFVGNLPPDITEEEMRKLFEKYGKAGEVFIHKDKGFGFIRLETRTLAEIAKVELDNM
PLRGKQLRVRFACHSASLTVRNLPQYVSNELLEEAFSVFGQVERAVVIVDDRGRPSGKGIVEFSGKPAARKALDRCSEGS
FLLTTFPRPVTVEPMDQLDDEEGLPEKLVIKNQQFHKEREQPPRFAQPGSFEYEYAMRWKALIEMEKQQQDQVDRNIKEA
REKLEMEMEAARHEHQ
;
_entity_poly.pdbx_strand_id   A,B,C,D,E,F
#
loop_
_chem_comp.id
_chem_comp.type
_chem_comp.name
_chem_comp.formula
A1JB9 non-polymer 4-(2-chloranylethanoyl)-~{N}-[(4-methoxyphenyl)methyl]-1-(4-methoxyphenyl)sulfonyl-piperazine-2-carboxamide 'C22 H26 Cl N3 O6 S'
#
# COMPACT_ATOMS: atom_id res chain seq x y z
N ASP A 6 -5.74 -1.30 0.13
CA ASP A 6 -5.82 0.05 -0.41
C ASP A 6 -6.86 0.19 -1.54
N LEU A 7 -7.85 1.08 -1.34
CA LEU A 7 -9.07 1.09 -2.15
C LEU A 7 -8.98 1.99 -3.38
N LYS A 8 -9.62 1.52 -4.46
CA LYS A 8 -9.70 2.28 -5.70
C LYS A 8 -10.35 3.64 -5.49
N ASN A 9 -11.57 3.65 -4.97
CA ASN A 9 -12.44 4.83 -4.96
C ASN A 9 -12.01 5.91 -3.96
N PHE A 10 -10.75 5.90 -3.51
CA PHE A 10 -10.23 7.00 -2.69
C PHE A 10 -10.60 8.35 -3.29
N ARG A 11 -11.31 9.15 -2.51
CA ARG A 11 -11.85 10.43 -2.96
C ARG A 11 -11.29 11.51 -2.05
N LYS A 12 -10.59 12.48 -2.64
CA LYS A 12 -10.15 13.63 -1.86
C LYS A 12 -11.36 14.27 -1.18
N PRO A 13 -11.30 14.55 0.13
CA PRO A 13 -12.49 15.09 0.81
C PRO A 13 -12.96 16.36 0.13
N GLY A 14 -14.27 16.46 -0.06
CA GLY A 14 -14.81 17.56 -0.85
C GLY A 14 -14.80 17.35 -2.35
N GLU A 15 -14.69 16.10 -2.80
CA GLU A 15 -14.57 15.82 -4.22
C GLU A 15 -15.78 15.02 -4.67
N LYS A 16 -16.58 15.59 -5.57
CA LYS A 16 -17.61 14.79 -6.20
C LYS A 16 -16.99 13.91 -7.28
N THR A 17 -17.80 12.98 -7.77
CA THR A 17 -17.39 12.02 -8.77
C THR A 17 -17.79 12.49 -10.16
N PHE A 18 -17.00 12.07 -11.15
CA PHE A 18 -17.30 12.27 -12.57
C PHE A 18 -17.35 13.74 -12.95
N THR A 19 -16.55 14.54 -12.29
CA THR A 19 -16.45 15.94 -12.65
C THR A 19 -15.59 16.10 -13.90
N GLN A 20 -15.59 17.32 -14.44
CA GLN A 20 -14.65 17.67 -15.49
C GLN A 20 -13.22 17.34 -15.10
N ARG A 21 -12.93 17.34 -13.80
CA ARG A 21 -11.56 17.21 -13.31
C ARG A 21 -11.05 15.76 -13.29
N SER A 22 -11.93 14.77 -13.49
CA SER A 22 -11.51 13.38 -13.69
C SER A 22 -11.93 12.90 -15.07
N ARG A 23 -12.06 13.83 -16.01
CA ARG A 23 -12.30 13.50 -17.39
C ARG A 23 -10.96 13.59 -18.14
N LEU A 24 -10.61 12.52 -18.85
CA LEU A 24 -9.42 12.57 -19.69
C LEU A 24 -9.82 12.66 -21.15
N PHE A 25 -9.02 13.38 -21.91
CA PHE A 25 -9.16 13.41 -23.36
C PHE A 25 -8.10 12.50 -23.98
N VAL A 26 -8.47 11.82 -25.05
CA VAL A 26 -7.59 10.91 -25.75
C VAL A 26 -7.58 11.32 -27.21
N GLY A 27 -6.39 11.57 -27.76
CA GLY A 27 -6.25 12.02 -29.12
C GLY A 27 -5.36 11.07 -29.92
N ASN A 28 -5.38 11.26 -31.24
CA ASN A 28 -4.59 10.44 -32.13
C ASN A 28 -5.17 9.04 -32.28
N LEU A 29 -6.47 8.89 -32.16
CA LEU A 29 -7.05 7.57 -32.18
C LEU A 29 -6.99 6.96 -33.58
N PRO A 30 -6.86 5.64 -33.68
CA PRO A 30 -7.04 5.00 -34.98
C PRO A 30 -8.46 5.18 -35.49
N PRO A 31 -8.65 5.16 -36.81
CA PRO A 31 -10.00 5.42 -37.37
C PRO A 31 -11.04 4.41 -36.92
N ASP A 32 -10.63 3.22 -36.49
CA ASP A 32 -11.54 2.14 -36.16
C ASP A 32 -11.65 1.94 -34.65
N ILE A 33 -11.33 2.98 -33.89
CA ILE A 33 -11.67 3.03 -32.46
C ILE A 33 -13.18 2.83 -32.25
N THR A 34 -13.53 2.09 -31.20
CA THR A 34 -14.93 1.94 -30.79
C THR A 34 -15.09 2.36 -29.33
N GLU A 35 -16.32 2.70 -28.95
CA GLU A 35 -16.57 3.01 -27.54
C GLU A 35 -16.20 1.82 -26.65
N GLU A 36 -16.57 0.60 -27.05
CA GLU A 36 -16.23 -0.57 -26.24
C GLU A 36 -14.72 -0.64 -26.05
N GLU A 37 -13.97 -0.30 -27.09
CA GLU A 37 -12.52 -0.22 -26.95
C GLU A 37 -12.13 0.84 -25.93
N MET A 38 -12.76 2.02 -26.00
CA MET A 38 -12.50 3.08 -25.03
C MET A 38 -12.62 2.53 -23.62
N ARG A 39 -13.80 1.97 -23.31
CA ARG A 39 -14.01 1.50 -21.95
C ARG A 39 -13.01 0.42 -21.59
N LYS A 40 -12.55 -0.36 -22.56
CA LYS A 40 -11.64 -1.45 -22.28
C LYS A 40 -10.23 -0.92 -22.01
N LEU A 41 -9.80 0.07 -22.78
CA LEU A 41 -8.57 0.78 -22.48
C LEU A 41 -8.50 1.26 -21.03
N PHE A 42 -9.63 1.70 -20.49
CA PHE A 42 -9.60 2.36 -19.22
C PHE A 42 -10.19 1.54 -18.10
N GLU A 43 -10.82 0.41 -18.41
CA GLU A 43 -11.15 -0.48 -17.31
C GLU A 43 -9.84 -0.85 -16.64
N LYS A 44 -9.92 -1.12 -15.36
CA LYS A 44 -8.80 -0.98 -14.46
C LYS A 44 -8.98 0.31 -13.68
N TYR A 45 -9.23 1.41 -14.38
CA TYR A 45 -9.35 2.68 -13.68
C TYR A 45 -10.77 2.88 -13.21
N GLY A 46 -11.44 1.77 -12.93
CA GLY A 46 -12.73 1.79 -12.28
C GLY A 46 -13.91 2.04 -13.19
N LYS A 47 -14.97 2.58 -12.62
CA LYS A 47 -16.20 2.83 -13.37
C LYS A 47 -16.01 4.00 -14.33
N ALA A 48 -16.60 3.89 -15.51
CA ALA A 48 -16.48 4.94 -16.50
C ALA A 48 -17.85 5.49 -16.82
N GLY A 49 -17.93 6.81 -16.93
CA GLY A 49 -19.20 7.43 -17.24
C GLY A 49 -19.37 7.65 -18.71
N GLU A 50 -19.67 8.89 -19.08
CA GLU A 50 -19.81 9.23 -20.47
C GLU A 50 -18.50 8.98 -21.21
N VAL A 51 -18.62 8.41 -22.41
CA VAL A 51 -17.52 8.19 -23.32
C VAL A 51 -17.94 8.72 -24.68
N PHE A 52 -17.20 9.68 -25.22
CA PHE A 52 -17.53 10.23 -26.53
C PHE A 52 -16.31 10.08 -27.44
N ILE A 53 -16.59 9.84 -28.72
CA ILE A 53 -15.55 9.54 -29.71
C ILE A 53 -15.93 10.26 -30.99
N HIS A 54 -15.18 11.29 -31.36
CA HIS A 54 -15.50 11.97 -32.58
C HIS A 54 -15.36 10.99 -33.74
N LYS A 55 -16.43 10.84 -34.51
CA LYS A 55 -16.54 9.80 -35.50
C LYS A 55 -15.36 9.77 -36.47
N ASP A 56 -14.56 10.83 -36.50
CA ASP A 56 -13.49 10.86 -37.49
C ASP A 56 -12.41 11.92 -37.26
N LYS A 57 -12.57 12.79 -36.27
CA LYS A 57 -11.46 13.68 -35.94
C LYS A 57 -10.36 12.99 -35.13
N GLY A 58 -10.57 11.72 -34.78
CA GLY A 58 -9.55 10.93 -34.13
C GLY A 58 -9.28 11.30 -32.70
N PHE A 59 -10.26 11.86 -31.99
CA PHE A 59 -10.14 12.08 -30.55
C PHE A 59 -11.42 11.64 -29.86
N GLY A 60 -11.36 11.61 -28.54
CA GLY A 60 -12.51 11.30 -27.72
C GLY A 60 -12.27 11.72 -26.29
N PHE A 61 -13.20 11.37 -25.41
CA PHE A 61 -12.92 11.60 -24.00
C PHE A 61 -13.79 10.70 -23.17
N ILE A 62 -13.38 10.52 -21.92
CA ILE A 62 -13.99 9.52 -21.06
C ILE A 62 -13.92 10.04 -19.63
N ARG A 63 -15.07 10.03 -18.96
CA ARG A 63 -15.17 10.48 -17.58
C ARG A 63 -14.80 9.36 -16.64
N LEU A 64 -13.64 9.48 -16.00
CA LEU A 64 -13.34 8.59 -14.90
C LEU A 64 -14.02 9.09 -13.61
N GLU A 65 -13.92 8.31 -12.53
CA GLU A 65 -14.69 8.64 -11.32
C GLU A 65 -13.97 9.63 -10.40
N THR A 66 -12.65 9.49 -10.21
CA THR A 66 -11.93 10.38 -9.32
C THR A 66 -10.74 10.99 -10.05
N ARG A 67 -10.38 12.20 -9.64
CA ARG A 67 -9.20 12.83 -10.18
C ARG A 67 -7.97 11.96 -9.97
N THR A 68 -7.95 11.21 -8.87
CA THR A 68 -6.79 10.37 -8.58
C THR A 68 -6.66 9.23 -9.57
N LEU A 69 -7.75 8.50 -9.84
CA LEU A 69 -7.69 7.44 -10.85
C LEU A 69 -7.31 8.01 -12.21
N ALA A 70 -7.85 9.17 -12.58
CA ALA A 70 -7.56 9.75 -13.87
C ALA A 70 -6.11 10.18 -14.00
N GLU A 71 -5.48 10.56 -12.88
CA GLU A 71 -4.06 10.92 -12.95
C GLU A 71 -3.20 9.69 -13.16
N ILE A 72 -3.60 8.56 -12.58
CA ILE A 72 -2.86 7.34 -12.84
C ILE A 72 -3.11 6.86 -14.27
N ALA A 73 -4.37 6.85 -14.72
CA ALA A 73 -4.64 6.49 -16.09
C ALA A 73 -3.86 7.35 -17.06
N LYS A 74 -3.76 8.64 -16.75
CA LYS A 74 -3.13 9.55 -17.68
C LYS A 74 -1.66 9.20 -17.86
N VAL A 75 -0.96 8.91 -16.77
CA VAL A 75 0.46 8.60 -16.90
C VAL A 75 0.64 7.26 -17.58
N GLU A 76 -0.22 6.30 -17.28
CA GLU A 76 -0.03 4.95 -17.81
C GLU A 76 -0.38 4.89 -19.30
N LEU A 77 -1.41 5.60 -19.73
CA LEU A 77 -1.88 5.44 -21.09
C LEU A 77 -1.24 6.41 -22.08
N ASP A 78 -0.66 7.52 -21.60
CA ASP A 78 -0.08 8.50 -22.50
C ASP A 78 1.01 7.85 -23.35
N ASN A 79 1.02 8.15 -24.66
CA ASN A 79 2.00 7.63 -25.62
C ASN A 79 1.93 6.12 -25.80
N MET A 80 0.80 5.53 -25.47
CA MET A 80 0.61 4.13 -25.79
C MET A 80 0.32 3.99 -27.28
N PRO A 81 1.00 3.11 -27.98
CA PRO A 81 0.64 2.84 -29.37
C PRO A 81 -0.61 2.00 -29.49
N LEU A 82 -1.38 2.30 -30.51
CA LEU A 82 -2.57 1.51 -30.83
C LEU A 82 -2.68 1.54 -32.35
N ARG A 83 -2.53 0.38 -32.99
CA ARG A 83 -2.74 0.25 -34.43
C ARG A 83 -2.15 1.44 -35.18
N GLY A 84 -0.86 1.69 -34.95
CA GLY A 84 -0.08 2.61 -35.75
C GLY A 84 0.02 4.01 -35.20
N LYS A 85 -0.61 4.29 -34.08
CA LYS A 85 -0.75 5.64 -33.59
C LYS A 85 -0.29 5.66 -32.14
N GLN A 86 0.46 6.72 -31.77
CA GLN A 86 0.80 6.98 -30.38
C GLN A 86 -0.36 7.74 -29.73
N LEU A 87 -1.02 7.11 -28.79
CA LEU A 87 -2.12 7.79 -28.13
C LEU A 87 -1.60 8.95 -27.28
N ARG A 88 -2.32 10.08 -27.35
CA ARG A 88 -2.03 11.26 -26.55
C ARG A 88 -3.17 11.42 -25.53
N VAL A 89 -2.86 11.27 -24.23
CA VAL A 89 -3.87 11.32 -23.17
C VAL A 89 -3.56 12.51 -22.27
N ARG A 90 -4.56 13.37 -22.05
CA ARG A 90 -4.35 14.59 -21.28
C ARG A 90 -5.61 15.03 -20.54
N PHE A 91 -5.40 15.93 -19.58
CA PHE A 91 -6.47 16.72 -19.00
C PHE A 91 -6.73 17.95 -19.88
N ALA A 92 -7.99 18.31 -20.01
CA ALA A 92 -8.38 19.55 -20.69
C ALA A 92 -8.55 20.64 -19.65
N CYS A 93 -8.55 21.88 -20.10
CA CYS A 93 -8.83 22.94 -19.15
C CYS A 93 -10.33 22.94 -18.83
N HIS A 94 -10.67 23.34 -17.61
CA HIS A 94 -12.07 23.32 -17.19
C HIS A 94 -12.87 24.28 -18.08
N SER A 95 -14.03 23.82 -18.56
CA SER A 95 -14.87 24.71 -19.36
C SER A 95 -15.65 25.73 -18.51
N ALA A 96 -15.83 25.51 -17.21
CA ALA A 96 -16.75 26.36 -16.44
C ALA A 96 -16.15 26.72 -15.08
N SER A 97 -14.99 27.38 -15.07
CA SER A 97 -14.21 27.58 -13.85
C SER A 97 -14.07 29.08 -13.62
N LEU A 98 -14.60 29.57 -12.48
CA LEU A 98 -14.66 31.00 -12.22
C LEU A 98 -13.80 31.39 -11.02
N THR A 99 -13.23 32.60 -11.08
CA THR A 99 -12.58 33.23 -9.94
C THR A 99 -13.57 34.16 -9.23
N VAL A 100 -13.59 34.09 -7.91
CA VAL A 100 -14.40 34.97 -7.07
C VAL A 100 -13.47 35.83 -6.25
N ARG A 101 -13.58 37.15 -6.39
CA ARG A 101 -12.75 38.10 -5.65
C ARG A 101 -13.56 38.82 -4.59
N ASN A 102 -12.91 39.09 -3.46
CA ASN A 102 -13.43 40.02 -2.47
C ASN A 102 -14.48 39.33 -1.61
N LEU A 103 -14.35 38.02 -1.47
CA LEU A 103 -15.06 37.29 -0.43
C LEU A 103 -15.19 38.11 0.85
N PRO A 104 -16.34 38.12 1.52
CA PRO A 104 -16.39 38.65 2.88
C PRO A 104 -15.78 37.65 3.82
N GLN A 105 -15.68 38.01 5.09
CA GLN A 105 -15.08 37.08 6.03
C GLN A 105 -16.09 36.03 6.48
N TYR A 106 -15.56 34.96 7.09
CA TYR A 106 -16.35 33.85 7.60
C TYR A 106 -17.11 33.14 6.49
N VAL A 107 -16.44 32.96 5.35
CA VAL A 107 -16.94 32.22 4.21
C VAL A 107 -16.18 30.90 4.14
N SER A 108 -16.91 29.82 3.94
CA SER A 108 -16.38 28.49 3.87
C SER A 108 -16.58 27.94 2.46
N ASN A 109 -15.89 26.84 2.13
CA ASN A 109 -16.15 26.20 0.84
C ASN A 109 -17.64 25.88 0.69
N GLU A 110 -18.26 25.34 1.75
CA GLU A 110 -19.68 24.99 1.65
C GLU A 110 -20.53 26.22 1.39
N LEU A 111 -20.37 27.27 2.19
CA LEU A 111 -21.14 28.49 1.91
C LEU A 111 -20.93 28.92 0.47
N LEU A 112 -19.66 28.96 0.03
CA LEU A 112 -19.37 29.44 -1.32
C LEU A 112 -20.11 28.60 -2.36
N GLU A 113 -20.22 27.31 -2.11
CA GLU A 113 -20.88 26.43 -3.07
C GLU A 113 -22.39 26.57 -2.98
N GLU A 114 -22.94 26.60 -1.76
CA GLU A 114 -24.37 26.90 -1.61
C GLU A 114 -24.72 28.14 -2.38
N ALA A 115 -23.93 29.19 -2.19
CA ALA A 115 -24.23 30.47 -2.81
C ALA A 115 -24.28 30.32 -4.31
N PHE A 116 -23.26 29.68 -4.89
CA PHE A 116 -23.21 29.65 -6.34
C PHE A 116 -24.08 28.56 -6.94
N SER A 117 -24.49 27.57 -6.15
CA SER A 117 -25.41 26.59 -6.67
C SER A 117 -26.69 27.22 -7.21
N VAL A 118 -26.90 28.51 -6.95
CA VAL A 118 -28.07 29.19 -7.48
C VAL A 118 -28.01 29.22 -9.00
N PHE A 119 -26.82 29.30 -9.56
CA PHE A 119 -26.65 29.51 -10.99
C PHE A 119 -26.58 28.23 -11.78
N GLY A 120 -26.40 27.10 -11.13
CA GLY A 120 -26.22 25.84 -11.80
C GLY A 120 -25.51 24.87 -10.88
N GLN A 121 -25.27 23.67 -11.40
CA GLN A 121 -24.68 22.64 -10.55
C GLN A 121 -23.19 22.94 -10.33
N VAL A 122 -22.79 23.04 -9.06
CA VAL A 122 -21.43 23.40 -8.70
C VAL A 122 -20.65 22.10 -8.52
N GLU A 123 -19.60 21.95 -9.30
CA GLU A 123 -18.74 20.78 -9.14
C GLU A 123 -17.91 20.90 -7.88
N ARG A 124 -17.37 22.09 -7.63
CA ARG A 124 -16.33 22.29 -6.65
C ARG A 124 -16.28 23.77 -6.28
N ALA A 125 -16.06 24.06 -5.01
CA ALA A 125 -15.93 25.44 -4.60
C ALA A 125 -14.90 25.48 -3.49
N VAL A 126 -13.97 26.43 -3.57
CA VAL A 126 -12.96 26.49 -2.52
C VAL A 126 -12.60 27.92 -2.23
N VAL A 127 -12.59 28.23 -0.93
CA VAL A 127 -12.05 29.46 -0.38
C VAL A 127 -10.54 29.27 -0.27
N ILE A 128 -9.79 30.06 -1.03
CA ILE A 128 -8.34 29.88 -1.05
C ILE A 128 -7.73 30.38 0.26
N VAL A 129 -6.90 29.56 0.84
CA VAL A 129 -6.29 29.79 2.13
C VAL A 129 -4.78 29.93 1.94
N ASP A 130 -4.17 30.80 2.75
CA ASP A 130 -2.74 31.07 2.66
C ASP A 130 -1.97 30.04 3.49
N ASP A 131 -0.63 30.20 3.57
CA ASP A 131 0.24 29.16 4.14
C ASP A 131 0.14 29.07 5.66
N ARG A 132 -0.50 30.05 6.30
CA ARG A 132 -0.87 30.00 7.71
C ARG A 132 -2.38 29.76 7.90
N GLY A 133 -3.07 29.31 6.84
CA GLY A 133 -4.46 28.87 6.96
C GLY A 133 -5.52 29.95 6.94
N ARG A 134 -5.17 31.19 6.65
CA ARG A 134 -6.15 32.25 6.72
C ARG A 134 -6.62 32.67 5.33
N PRO A 135 -7.92 32.95 5.18
CA PRO A 135 -8.46 33.18 3.83
C PRO A 135 -7.77 34.32 3.13
N SER A 136 -7.46 34.09 1.84
CA SER A 136 -6.87 35.12 0.97
C SER A 136 -7.87 36.16 0.48
N GLY A 137 -9.18 35.86 0.54
CA GLY A 137 -10.19 36.71 -0.04
C GLY A 137 -10.54 36.36 -1.47
N LYS A 138 -9.84 35.40 -2.07
CA LYS A 138 -10.14 34.89 -3.40
C LYS A 138 -10.75 33.48 -3.30
N GLY A 139 -11.55 33.10 -4.31
CA GLY A 139 -12.16 31.78 -4.33
C GLY A 139 -12.29 31.23 -5.74
N ILE A 140 -12.55 29.93 -5.81
CA ILE A 140 -12.76 29.24 -7.07
C ILE A 140 -14.15 28.65 -7.05
N VAL A 141 -14.82 28.69 -8.19
CA VAL A 141 -16.07 27.97 -8.32
C VAL A 141 -16.07 27.34 -9.70
N GLU A 142 -16.23 26.02 -9.73
CA GLU A 142 -16.28 25.28 -10.97
C GLU A 142 -17.66 24.64 -11.09
N PHE A 143 -18.36 24.98 -12.18
CA PHE A 143 -19.65 24.42 -12.50
C PHE A 143 -19.48 23.22 -13.44
N SER A 144 -20.52 22.40 -13.49
CA SER A 144 -20.44 21.22 -14.32
C SER A 144 -20.55 21.56 -15.80
N GLY A 145 -21.08 22.73 -16.13
CA GLY A 145 -21.28 23.11 -17.50
C GLY A 145 -21.07 24.59 -17.70
N LYS A 146 -20.55 24.95 -18.88
CA LYS A 146 -20.26 26.35 -19.13
C LYS A 146 -21.48 27.25 -19.05
N PRO A 147 -22.70 26.84 -19.42
CA PRO A 147 -23.81 27.80 -19.35
C PRO A 147 -24.10 28.27 -17.92
N ALA A 148 -23.93 27.40 -16.91
CA ALA A 148 -24.03 27.86 -15.52
C ALA A 148 -23.04 28.98 -15.20
N ALA A 149 -21.80 28.85 -15.67
CA ALA A 149 -20.80 29.87 -15.38
C ALA A 149 -21.04 31.15 -16.16
N ARG A 150 -21.57 31.05 -17.37
CA ARG A 150 -22.01 32.25 -18.06
C ARG A 150 -23.06 33.00 -17.22
N LYS A 151 -24.04 32.26 -16.70
CA LYS A 151 -25.09 32.91 -15.90
C LYS A 151 -24.48 33.62 -14.71
N ALA A 152 -23.62 32.91 -13.98
CA ALA A 152 -23.01 33.49 -12.79
C ALA A 152 -22.23 34.73 -13.14
N LEU A 153 -21.47 34.70 -14.24
CA LEU A 153 -20.76 35.90 -14.66
C LEU A 153 -21.74 37.03 -14.92
N ASP A 154 -22.75 36.78 -15.75
CA ASP A 154 -23.64 37.85 -16.16
C ASP A 154 -24.37 38.42 -14.96
N ARG A 155 -24.96 37.56 -14.14
CA ARG A 155 -25.79 38.01 -13.02
C ARG A 155 -24.93 38.69 -11.94
N CYS A 156 -23.73 38.17 -11.66
CA CYS A 156 -22.88 38.84 -10.67
C CYS A 156 -22.26 40.13 -11.17
N SER A 157 -22.30 40.37 -12.46
CA SER A 157 -21.78 41.62 -13.00
C SER A 157 -22.84 42.71 -13.05
N GLU A 158 -24.06 42.34 -13.42
CA GLU A 158 -25.13 43.32 -13.54
C GLU A 158 -25.72 43.64 -12.17
N GLY A 159 -25.75 42.65 -11.27
CA GLY A 159 -26.24 42.85 -9.93
C GLY A 159 -25.11 42.77 -8.90
N SER A 160 -25.50 42.93 -7.64
CA SER A 160 -24.57 42.86 -6.51
C SER A 160 -24.87 41.58 -5.74
N PHE A 161 -23.98 40.61 -5.86
CA PHE A 161 -24.16 39.32 -5.22
C PHE A 161 -23.50 39.37 -3.85
N LEU A 162 -24.26 39.09 -2.81
CA LEU A 162 -23.81 39.22 -1.42
C LEU A 162 -23.90 37.85 -0.75
N LEU A 163 -22.78 37.38 -0.23
CA LEU A 163 -22.74 36.07 0.38
C LEU A 163 -23.07 36.10 1.86
N THR A 164 -23.02 37.26 2.49
CA THR A 164 -23.30 37.37 3.91
C THR A 164 -23.97 38.70 4.15
N THR A 165 -24.00 39.14 5.41
CA THR A 165 -24.64 40.41 5.67
C THR A 165 -23.78 41.59 5.25
N PHE A 166 -22.48 41.40 5.03
CA PHE A 166 -21.64 42.52 4.68
C PHE A 166 -21.95 42.99 3.28
N PRO A 167 -22.24 44.38 3.06
CA PRO A 167 -22.76 44.91 1.79
C PRO A 167 -21.69 45.10 0.71
N ARG A 168 -20.87 44.08 0.53
CA ARG A 168 -19.81 44.15 -0.47
C ARG A 168 -20.05 43.03 -1.46
N PRO A 169 -20.41 43.33 -2.70
CA PRO A 169 -20.65 42.26 -3.68
C PRO A 169 -19.34 41.61 -4.07
N VAL A 170 -19.40 40.32 -4.41
CA VAL A 170 -18.24 39.63 -4.96
C VAL A 170 -18.06 40.03 -6.43
N THR A 171 -16.80 40.09 -6.86
CA THR A 171 -16.46 40.10 -8.28
C THR A 171 -16.24 38.68 -8.77
N VAL A 172 -16.79 38.37 -9.94
CA VAL A 172 -16.75 37.04 -10.53
C VAL A 172 -16.23 37.15 -11.95
N GLU A 173 -15.11 36.51 -12.25
CA GLU A 173 -14.53 36.57 -13.58
C GLU A 173 -14.03 35.20 -14.01
N PRO A 174 -13.81 35.00 -15.30
CA PRO A 174 -13.25 33.72 -15.76
C PRO A 174 -11.93 33.47 -15.07
N MET A 175 -11.74 32.24 -14.62
CA MET A 175 -10.52 31.88 -13.93
C MET A 175 -9.42 31.64 -14.96
N ASP A 176 -8.23 32.15 -14.66
CA ASP A 176 -7.08 32.04 -15.56
C ASP A 176 -6.35 30.74 -15.25
N GLN A 177 -6.56 29.73 -16.08
CA GLN A 177 -6.02 28.39 -15.83
C GLN A 177 -4.55 28.35 -16.21
N LEU A 178 -3.70 28.14 -15.22
CA LEU A 178 -2.27 28.06 -15.41
C LEU A 178 -1.82 26.65 -15.09
N ASP A 179 -0.86 26.15 -15.85
CA ASP A 179 -0.32 24.82 -15.60
C ASP A 179 1.05 25.00 -14.96
N ASP A 180 1.12 24.75 -13.65
CA ASP A 180 2.35 24.76 -12.88
C ASP A 180 2.73 23.35 -12.46
N GLU A 181 2.33 22.36 -13.25
CA GLU A 181 2.59 20.97 -12.94
C GLU A 181 3.39 20.30 -14.04
N GLU A 182 2.87 20.33 -15.27
CA GLU A 182 3.58 19.78 -16.42
C GLU A 182 4.52 20.81 -17.02
N GLY A 183 4.07 22.05 -17.13
CA GLY A 183 4.95 23.11 -17.54
C GLY A 183 5.26 23.07 -19.02
N LEU A 184 6.53 23.31 -19.36
CA LEU A 184 6.96 23.38 -20.75
C LEU A 184 8.13 22.43 -20.92
N PRO A 185 7.85 21.14 -21.13
CA PRO A 185 8.95 20.16 -21.21
C PRO A 185 9.76 20.33 -22.49
N GLU A 186 11.09 20.20 -22.35
CA GLU A 186 12.02 20.35 -23.48
C GLU A 186 11.52 19.67 -24.75
N LYS A 187 11.05 18.42 -24.64
CA LYS A 187 10.59 17.68 -25.81
C LYS A 187 9.56 18.45 -26.64
N LEU A 188 8.76 19.29 -26.00
CA LEU A 188 7.75 20.03 -26.75
C LEU A 188 8.35 21.16 -27.59
N VAL A 189 9.58 21.60 -27.28
CA VAL A 189 10.09 22.82 -27.88
C VAL A 189 10.73 22.54 -29.23
N ILE A 190 10.32 23.32 -30.23
CA ILE A 190 10.89 23.21 -31.56
C ILE A 190 12.35 23.62 -31.49
N LYS A 191 13.24 22.69 -31.82
CA LYS A 191 14.67 22.85 -31.59
C LYS A 191 15.39 23.20 -32.89
N ASN A 192 15.01 24.33 -33.45
CA ASN A 192 15.47 24.79 -34.74
C ASN A 192 16.63 25.79 -34.57
N GLN A 193 17.00 26.42 -35.70
CA GLN A 193 17.97 27.51 -35.69
C GLN A 193 17.76 28.51 -34.55
N GLN A 194 16.54 29.04 -34.39
CA GLN A 194 16.31 30.12 -33.44
C GLN A 194 16.50 29.64 -32.00
N PHE A 195 15.94 28.48 -31.67
CA PHE A 195 16.21 27.82 -30.40
C PHE A 195 17.70 27.83 -30.10
N HIS A 196 18.53 27.37 -31.05
CA HIS A 196 19.95 27.20 -30.74
C HIS A 196 20.68 28.54 -30.56
N LYS A 197 20.25 29.59 -31.29
CA LYS A 197 20.88 30.90 -31.07
C LYS A 197 20.55 31.47 -29.71
N GLU A 198 19.32 31.28 -29.26
CA GLU A 198 18.94 31.73 -27.94
C GLU A 198 19.68 30.95 -26.86
N ARG A 199 19.96 29.68 -27.11
CA ARG A 199 20.67 28.87 -26.13
C ARG A 199 22.19 29.02 -26.22
N GLU A 200 22.72 29.81 -27.15
CA GLU A 200 24.17 29.86 -27.34
C GLU A 200 24.92 30.08 -26.03
N GLN A 201 24.42 30.99 -25.19
CA GLN A 201 25.07 31.32 -23.93
C GLN A 201 24.41 30.58 -22.79
N PRO A 202 25.11 29.69 -22.10
CA PRO A 202 24.49 28.96 -20.99
C PRO A 202 24.04 29.93 -19.92
N PRO A 203 23.20 29.47 -18.99
CA PRO A 203 22.88 30.29 -17.82
C PRO A 203 24.17 30.74 -17.13
N ARG A 204 24.18 32.00 -16.70
CA ARG A 204 25.39 32.67 -16.25
C ARG A 204 24.97 33.96 -15.54
N PHE A 205 25.92 34.55 -14.80
CA PHE A 205 25.75 35.92 -14.32
C PHE A 205 26.46 36.90 -15.24
N ALA A 206 25.76 37.97 -15.63
CA ALA A 206 26.38 39.00 -16.45
C ALA A 206 27.59 39.57 -15.71
N GLN A 207 28.71 39.61 -16.40
CA GLN A 207 29.87 40.17 -15.72
C GLN A 207 30.09 41.59 -16.17
N PRO A 208 30.53 42.43 -15.22
CA PRO A 208 30.68 43.86 -15.51
C PRO A 208 31.68 44.10 -16.63
N GLY A 209 31.41 45.16 -17.38
CA GLY A 209 32.12 45.37 -18.62
C GLY A 209 31.74 44.25 -19.55
N SER A 210 30.57 44.34 -20.18
CA SER A 210 30.06 43.35 -21.14
C SER A 210 28.69 43.82 -21.63
N PHE A 211 28.34 43.53 -22.89
CA PHE A 211 27.15 44.17 -23.44
C PHE A 211 25.88 43.73 -22.71
N GLU A 212 25.83 42.50 -22.19
CA GLU A 212 24.68 42.10 -21.39
C GLU A 212 24.62 42.92 -20.10
N TYR A 213 25.74 43.04 -19.40
CA TYR A 213 25.75 43.66 -18.07
C TYR A 213 25.01 44.98 -18.06
N GLU A 214 25.30 45.87 -19.00
CA GLU A 214 24.65 47.17 -19.02
C GLU A 214 23.12 47.05 -19.15
N TYR A 215 22.65 46.17 -20.04
CA TYR A 215 21.21 46.06 -20.27
C TYR A 215 20.50 45.31 -19.15
N ALA A 216 21.15 44.32 -18.54
CA ALA A 216 20.51 43.69 -17.40
C ALA A 216 20.26 44.71 -16.29
N MET A 217 21.21 45.62 -16.09
CA MET A 217 21.05 46.66 -15.07
C MET A 217 19.86 47.54 -15.37
N ARG A 218 19.71 47.94 -16.64
CA ARG A 218 18.58 48.80 -16.96
C ARG A 218 17.28 48.07 -16.67
N TRP A 219 17.25 46.76 -16.98
CA TRP A 219 16.05 46.00 -16.66
C TRP A 219 15.81 45.96 -15.15
N LYS A 220 16.86 45.68 -14.38
CA LYS A 220 16.71 45.66 -12.93
C LYS A 220 16.18 47.00 -12.43
N ALA A 221 16.66 48.10 -13.02
CA ALA A 221 16.16 49.41 -12.64
C ALA A 221 14.69 49.54 -12.99
N LEU A 222 14.31 49.07 -14.18
CA LEU A 222 12.93 49.11 -14.60
C LEU A 222 12.05 48.30 -13.66
N ILE A 223 12.50 47.10 -13.26
CA ILE A 223 11.75 46.29 -12.30
C ILE A 223 11.52 47.08 -11.02
N GLU A 224 12.61 47.64 -10.46
CA GLU A 224 12.52 48.47 -9.27
C GLU A 224 11.50 49.60 -9.43
N MET A 225 11.57 50.30 -10.55
CA MET A 225 10.63 51.39 -10.81
C MET A 225 9.19 50.88 -10.86
N GLU A 226 8.94 49.78 -11.60
CA GLU A 226 7.63 49.15 -11.57
C GLU A 226 7.17 48.90 -10.13
N LYS A 227 8.01 48.23 -9.34
CA LYS A 227 7.63 47.87 -7.98
C LYS A 227 7.21 49.09 -7.20
N GLN A 228 8.01 50.15 -7.27
CA GLN A 228 7.68 51.36 -6.53
C GLN A 228 6.33 51.91 -6.97
N GLN A 229 6.16 52.09 -8.28
CA GLN A 229 4.89 52.57 -8.81
C GLN A 229 3.74 51.68 -8.31
N GLN A 230 3.87 50.36 -8.46
CA GLN A 230 2.79 49.47 -8.05
C GLN A 230 2.55 49.53 -6.53
N ASP A 231 3.57 49.86 -5.75
CA ASP A 231 3.35 49.98 -4.30
C ASP A 231 2.60 51.26 -3.95
N GLN A 232 2.77 52.31 -4.75
CA GLN A 232 2.01 53.53 -4.54
C GLN A 232 0.53 53.28 -4.78
N VAL A 233 0.20 52.55 -5.86
CA VAL A 233 -1.19 52.22 -6.16
C VAL A 233 -1.76 51.33 -5.08
N ASP A 234 -1.07 50.23 -4.75
CA ASP A 234 -1.55 49.31 -3.73
C ASP A 234 -1.90 50.02 -2.42
N ARG A 235 -1.08 51.00 -2.01
CA ARG A 235 -1.37 51.70 -0.76
C ARG A 235 -2.57 52.62 -0.91
N ASN A 236 -2.67 53.35 -2.02
CA ASN A 236 -3.86 54.18 -2.22
C ASN A 236 -5.10 53.31 -2.25
N ILE A 237 -5.03 52.19 -2.98
CA ILE A 237 -6.17 51.28 -3.04
C ILE A 237 -6.56 50.84 -1.64
N LYS A 238 -5.58 50.38 -0.87
CA LYS A 238 -5.83 49.87 0.47
C LYS A 238 -6.53 50.92 1.33
N GLU A 239 -6.07 52.17 1.27
CA GLU A 239 -6.70 53.19 2.09
C GLU A 239 -8.13 53.44 1.65
N ALA A 240 -8.38 53.46 0.35
CA ALA A 240 -9.74 53.76 -0.10
C ALA A 240 -10.67 52.59 0.22
N ARG A 241 -10.19 51.36 0.04
CA ARG A 241 -11.05 50.22 0.33
C ARG A 241 -11.43 50.21 1.80
N GLU A 242 -10.47 50.45 2.69
CA GLU A 242 -10.75 50.35 4.12
C GLU A 242 -11.59 51.52 4.62
N LYS A 243 -11.69 52.58 3.85
CA LYS A 243 -12.58 53.64 4.26
C LYS A 243 -14.03 53.24 3.97
N LEU A 244 -14.31 52.83 2.74
CA LEU A 244 -15.64 52.37 2.39
C LEU A 244 -16.05 51.15 3.21
N GLU A 245 -15.09 50.30 3.58
CA GLU A 245 -15.42 49.11 4.32
C GLU A 245 -15.78 49.41 5.78
N MET A 246 -15.17 50.46 6.37
CA MET A 246 -15.61 50.93 7.68
C MET A 246 -16.98 51.59 7.61
N GLU A 247 -17.29 52.31 6.52
CA GLU A 247 -18.65 52.80 6.34
C GLU A 247 -19.63 51.64 6.22
N MET A 248 -19.29 50.61 5.45
CA MET A 248 -20.18 49.46 5.32
C MET A 248 -20.47 48.85 6.70
N GLU A 249 -19.42 48.63 7.49
CA GLU A 249 -19.57 48.03 8.80
C GLU A 249 -20.45 48.88 9.71
N ALA A 250 -20.21 50.19 9.74
CA ALA A 250 -21.07 51.08 10.51
C ALA A 250 -22.52 50.92 10.09
N ALA A 251 -22.75 50.92 8.76
CA ALA A 251 -24.10 50.83 8.22
C ALA A 251 -24.77 49.50 8.55
N ARG A 252 -24.00 48.44 8.75
CA ARG A 252 -24.59 47.16 9.10
C ARG A 252 -24.87 47.07 10.59
N HIS A 253 -24.11 47.80 11.40
CA HIS A 253 -24.43 47.90 12.82
C HIS A 253 -25.64 48.82 13.04
N GLU A 254 -25.74 49.89 12.24
CA GLU A 254 -26.87 50.81 12.29
C GLU A 254 -28.15 50.12 11.81
N HIS A 255 -28.07 48.80 11.62
CA HIS A 255 -29.25 47.96 11.46
C HIS A 255 -29.47 47.11 12.71
N GLN A 256 -28.46 46.33 13.08
CA GLN A 256 -28.48 45.37 14.20
C GLN A 256 -28.66 46.01 15.58
N LYS B 8 0.60 2.89 -6.26
CA LYS B 8 0.76 1.53 -6.74
C LYS B 8 1.91 1.47 -7.72
N ASN B 9 3.09 1.92 -7.26
CA ASN B 9 4.29 2.16 -8.06
C ASN B 9 4.18 3.48 -8.82
N PHE B 10 3.15 4.28 -8.55
CA PHE B 10 2.84 5.42 -9.42
C PHE B 10 3.80 6.57 -9.21
N ARG B 11 4.47 7.00 -10.30
CA ARG B 11 5.35 8.16 -10.28
C ARG B 11 5.07 9.01 -11.51
N LYS B 12 4.68 10.27 -11.30
CA LYS B 12 4.40 11.15 -12.43
C LYS B 12 5.69 11.38 -13.22
N PRO B 13 5.63 11.33 -14.55
CA PRO B 13 6.88 11.45 -15.33
C PRO B 13 7.61 12.73 -14.96
N GLY B 14 8.90 12.60 -14.67
CA GLY B 14 9.68 13.72 -14.19
C GLY B 14 9.84 13.80 -12.69
N GLU B 15 8.82 13.41 -11.92
CA GLU B 15 8.82 13.59 -10.47
C GLU B 15 10.00 12.88 -9.79
N LYS B 16 10.72 13.61 -8.97
CA LYS B 16 11.71 12.96 -8.12
C LYS B 16 11.01 12.39 -6.89
N THR B 17 11.69 11.50 -6.18
CA THR B 17 11.08 10.87 -5.01
C THR B 17 11.56 11.50 -3.71
N PHE B 18 10.73 11.36 -2.69
CA PHE B 18 11.10 11.79 -1.35
C PHE B 18 11.48 13.25 -1.33
N THR B 19 10.91 14.02 -2.25
CA THR B 19 11.00 15.47 -2.17
C THR B 19 10.14 16.00 -1.02
N GLN B 20 10.35 17.28 -0.72
CA GLN B 20 9.55 17.93 0.32
C GLN B 20 8.06 17.82 0.04
N ARG B 21 7.66 17.68 -1.22
CA ARG B 21 6.25 17.70 -1.57
C ARG B 21 5.53 16.42 -1.19
N SER B 22 6.23 15.39 -0.71
CA SER B 22 5.56 14.19 -0.20
C SER B 22 5.88 13.99 1.28
N ARG B 23 6.21 15.07 1.95
CA ARG B 23 6.56 15.04 3.36
C ARG B 23 5.36 15.48 4.21
N LEU B 24 5.00 14.67 5.20
CA LEU B 24 3.77 14.92 5.94
C LEU B 24 4.08 15.33 7.36
N PHE B 25 3.35 16.33 7.83
CA PHE B 25 3.33 16.66 9.25
C PHE B 25 2.28 15.81 9.93
N VAL B 26 2.60 15.31 11.12
CA VAL B 26 1.68 14.48 11.88
C VAL B 26 1.53 15.06 13.28
N GLY B 27 0.30 15.47 13.63
CA GLY B 27 0.07 16.23 14.83
C GLY B 27 -0.92 15.56 15.76
N ASN B 28 -0.82 15.94 17.04
CA ASN B 28 -1.65 15.41 18.11
C ASN B 28 -1.26 13.99 18.48
N LEU B 29 -0.07 13.57 18.08
CA LEU B 29 0.43 12.25 18.38
C LEU B 29 0.25 11.95 19.86
N PRO B 30 0.11 10.69 20.25
CA PRO B 30 0.05 10.35 21.66
C PRO B 30 1.43 10.29 22.25
N PRO B 31 1.57 10.52 23.55
CA PRO B 31 2.89 10.56 24.18
C PRO B 31 3.70 9.30 23.93
N ASP B 32 4.97 9.50 23.57
CA ASP B 32 5.94 8.44 23.30
C ASP B 32 5.95 8.03 21.82
N ILE B 33 5.07 7.08 21.46
CA ILE B 33 5.00 6.49 20.13
C ILE B 33 6.40 6.29 19.55
N THR B 34 6.90 5.06 19.56
CA THR B 34 8.21 4.84 18.99
C THR B 34 8.22 5.24 17.53
N GLU B 35 9.39 5.58 17.02
CA GLU B 35 9.53 5.82 15.59
C GLU B 35 8.84 4.71 14.80
N GLU B 36 9.12 3.46 15.13
CA GLU B 36 8.64 2.36 14.30
C GLU B 36 7.11 2.34 14.23
N GLU B 37 6.44 2.59 15.35
CA GLU B 37 4.98 2.63 15.36
C GLU B 37 4.47 3.60 14.29
N MET B 38 4.93 4.84 14.35
CA MET B 38 4.75 5.80 13.28
C MET B 38 4.88 5.14 11.90
N ARG B 39 5.90 4.29 11.74
CA ARG B 39 6.11 3.68 10.44
C ARG B 39 5.00 2.68 10.12
N LYS B 40 4.52 1.93 11.10
CA LYS B 40 3.55 0.88 10.80
C LYS B 40 2.17 1.48 10.48
N LEU B 41 1.86 2.65 11.04
CA LEU B 41 0.68 3.40 10.63
C LEU B 41 0.71 3.70 9.14
N PHE B 42 1.85 4.17 8.65
CA PHE B 42 2.01 4.54 7.24
C PHE B 42 2.49 3.39 6.37
N GLU B 43 2.59 2.19 6.93
CA GLU B 43 2.96 1.02 6.16
C GLU B 43 2.19 0.96 4.84
N LYS B 44 0.86 0.90 4.93
CA LYS B 44 0.03 0.66 3.76
C LYS B 44 0.32 1.63 2.61
N TYR B 45 1.06 2.71 2.86
CA TYR B 45 1.24 3.76 1.86
C TYR B 45 2.66 3.82 1.31
N GLY B 46 3.34 2.68 1.24
CA GLY B 46 4.65 2.61 0.60
C GLY B 46 5.80 2.89 1.56
N LYS B 47 7.00 2.80 0.99
CA LYS B 47 8.21 3.04 1.78
C LYS B 47 8.22 4.47 2.32
N ALA B 48 8.95 4.67 3.43
CA ALA B 48 9.05 5.98 4.05
C ALA B 48 10.51 6.26 4.40
N GLY B 49 11.01 7.43 3.98
CA GLY B 49 12.38 7.85 4.32
C GLY B 49 12.50 8.49 5.69
N GLU B 50 12.90 9.77 5.73
CA GLU B 50 13.01 10.47 7.01
C GLU B 50 11.77 10.23 7.86
N VAL B 51 12.02 9.87 9.11
CA VAL B 51 10.99 9.88 10.14
C VAL B 51 11.54 10.70 11.30
N PHE B 52 10.73 11.63 11.79
CA PHE B 52 11.07 12.38 12.98
C PHE B 52 9.86 12.46 13.90
N ILE B 53 10.03 12.08 15.15
CA ILE B 53 9.03 12.31 16.19
C ILE B 53 9.64 13.24 17.22
N HIS B 54 8.85 14.18 17.71
CA HIS B 54 9.34 15.09 18.74
C HIS B 54 9.21 14.48 20.13
N LYS B 55 10.26 14.70 20.94
CA LYS B 55 10.39 14.12 22.27
C LYS B 55 9.05 14.07 23.00
N ASP B 56 8.49 15.25 23.31
CA ASP B 56 7.32 15.34 24.16
C ASP B 56 6.13 16.06 23.55
N LYS B 57 6.34 16.97 22.59
CA LYS B 57 5.23 17.78 22.10
C LYS B 57 4.30 17.04 21.15
N GLY B 58 4.50 15.74 20.96
CA GLY B 58 3.54 14.95 20.21
C GLY B 58 3.27 15.45 18.81
N PHE B 59 4.34 15.62 18.03
CA PHE B 59 4.22 15.83 16.59
C PHE B 59 5.46 15.25 15.93
N GLY B 60 5.36 15.04 14.62
CA GLY B 60 6.46 14.46 13.90
C GLY B 60 6.30 14.70 12.41
N PHE B 61 7.26 14.22 11.64
CA PHE B 61 7.24 14.31 10.20
C PHE B 61 7.58 12.97 9.60
N ILE B 62 6.96 12.65 8.47
CA ILE B 62 7.27 11.45 7.72
C ILE B 62 7.42 11.83 6.25
N ARG B 63 8.41 11.25 5.59
CA ARG B 63 8.62 11.55 4.18
C ARG B 63 8.25 10.33 3.36
N LEU B 64 7.08 10.37 2.72
CA LEU B 64 6.66 9.30 1.83
C LEU B 64 7.27 9.48 0.43
N GLU B 65 7.14 8.44 -0.38
CA GLU B 65 7.79 8.33 -1.68
C GLU B 65 7.28 9.36 -2.70
N THR B 66 6.05 9.23 -3.13
CA THR B 66 5.53 10.06 -4.20
C THR B 66 4.47 11.00 -3.64
N ARG B 67 4.23 12.11 -4.33
CA ARG B 67 3.22 13.01 -3.84
C ARG B 67 1.85 12.32 -3.79
N THR B 68 1.58 11.45 -4.75
CA THR B 68 0.28 10.75 -4.77
C THR B 68 0.12 9.88 -3.53
N LEU B 69 1.08 9.00 -3.27
CA LEU B 69 1.07 8.22 -2.03
C LEU B 69 0.81 9.09 -0.81
N ALA B 70 1.40 10.28 -0.76
CA ALA B 70 1.23 11.12 0.42
C ALA B 70 -0.14 11.78 0.48
N GLU B 71 -0.74 12.12 -0.67
CA GLU B 71 -2.09 12.66 -0.67
C GLU B 71 -3.07 11.69 -0.03
N ILE B 72 -3.09 10.45 -0.55
CA ILE B 72 -3.94 9.38 -0.03
C ILE B 72 -3.73 9.23 1.47
N ALA B 73 -2.50 8.93 1.87
CA ALA B 73 -2.17 8.82 3.29
C ALA B 73 -2.65 10.04 4.07
N LYS B 74 -2.55 11.22 3.46
CA LYS B 74 -3.03 12.41 4.12
C LYS B 74 -4.53 12.32 4.40
N VAL B 75 -5.34 12.21 3.34
CA VAL B 75 -6.77 12.28 3.58
C VAL B 75 -7.30 11.04 4.30
N GLU B 76 -6.62 9.89 4.19
CA GLU B 76 -7.08 8.70 4.88
C GLU B 76 -6.78 8.73 6.38
N LEU B 77 -5.64 9.30 6.78
CA LEU B 77 -5.26 9.32 8.19
C LEU B 77 -5.63 10.61 8.90
N ASP B 78 -5.96 11.68 8.17
CA ASP B 78 -6.29 12.95 8.83
C ASP B 78 -7.49 12.74 9.74
N ASN B 79 -7.30 13.00 11.02
CA ASN B 79 -8.34 12.98 12.07
C ASN B 79 -8.51 11.59 12.67
N MET B 80 -7.81 10.58 12.19
CA MET B 80 -8.04 9.25 12.72
C MET B 80 -7.72 9.22 14.21
N PRO B 81 -8.60 8.63 15.03
CA PRO B 81 -8.30 8.48 16.45
C PRO B 81 -7.29 7.37 16.69
N LEU B 82 -6.38 7.60 17.64
CA LEU B 82 -5.58 6.51 18.18
C LEU B 82 -5.34 6.80 19.65
N ARG B 83 -5.37 5.73 20.46
CA ARG B 83 -5.62 5.87 21.88
C ARG B 83 -6.80 6.83 22.02
N GLY B 84 -6.60 7.98 22.66
CA GLY B 84 -7.73 8.88 22.81
C GLY B 84 -7.57 10.25 22.19
N LYS B 85 -7.16 10.31 20.92
CA LYS B 85 -6.88 11.61 20.34
C LYS B 85 -6.89 11.52 18.82
N GLN B 86 -7.32 12.60 18.21
CA GLN B 86 -7.45 12.72 16.76
C GLN B 86 -6.12 13.12 16.13
N LEU B 87 -5.62 12.29 15.22
CA LEU B 87 -4.44 12.67 14.44
C LEU B 87 -4.76 13.87 13.57
N ARG B 88 -3.77 14.75 13.42
CA ARG B 88 -3.82 15.82 12.44
C ARG B 88 -2.70 15.58 11.42
N VAL B 89 -3.08 15.39 10.16
CA VAL B 89 -2.10 15.05 9.13
C VAL B 89 -2.25 16.04 7.98
N ARG B 90 -1.19 16.81 7.73
CA ARG B 90 -1.16 17.77 6.64
C ARG B 90 0.21 17.76 5.96
N PHE B 91 0.22 18.18 4.69
CA PHE B 91 1.47 18.38 3.95
C PHE B 91 2.30 19.46 4.62
N ALA B 92 3.55 19.15 4.94
CA ALA B 92 4.44 20.14 5.53
C ALA B 92 4.57 21.35 4.62
N CYS B 93 4.81 22.51 5.23
CA CYS B 93 5.10 23.70 4.42
C CYS B 93 6.45 23.55 3.74
N HIS B 94 6.52 23.80 2.43
CA HIS B 94 7.79 23.74 1.72
C HIS B 94 8.76 24.82 2.22
N SER B 95 9.99 24.40 2.52
CA SER B 95 10.98 25.33 3.07
C SER B 95 11.76 26.10 2.02
N ALA B 96 11.57 25.83 0.73
CA ALA B 96 12.56 26.29 -0.24
C ALA B 96 12.01 26.36 -1.66
N SER B 97 10.80 26.90 -1.82
CA SER B 97 10.20 27.03 -3.13
C SER B 97 10.25 28.50 -3.57
N LEU B 98 10.59 28.72 -4.84
CA LEU B 98 10.86 30.06 -5.32
C LEU B 98 10.03 30.35 -6.56
N THR B 99 9.61 31.60 -6.68
CA THR B 99 8.97 32.11 -7.87
C THR B 99 10.05 32.78 -8.70
N VAL B 100 10.11 32.43 -9.97
CA VAL B 100 11.00 33.06 -10.94
C VAL B 100 10.14 33.82 -11.92
N ARG B 101 10.46 35.11 -12.12
CA ARG B 101 9.68 35.97 -12.99
C ARG B 101 10.51 36.48 -14.16
N ASN B 102 9.81 36.84 -15.23
CA ASN B 102 10.42 37.37 -16.45
C ASN B 102 11.34 36.34 -17.14
N LEU B 103 10.93 35.07 -17.13
CA LEU B 103 11.69 34.08 -17.85
C LEU B 103 11.80 34.52 -19.31
N PRO B 104 12.92 34.25 -19.97
CA PRO B 104 13.02 34.59 -21.38
C PRO B 104 12.35 33.51 -22.23
N GLN B 105 12.33 33.73 -23.53
CA GLN B 105 11.81 32.75 -24.46
C GLN B 105 12.80 31.60 -24.67
N TYR B 106 12.24 30.42 -24.95
CA TYR B 106 12.96 29.19 -25.26
C TYR B 106 13.48 28.49 -24.01
N VAL B 107 12.90 28.80 -22.87
CA VAL B 107 13.21 28.15 -21.61
C VAL B 107 12.24 26.98 -21.42
N SER B 108 12.79 25.82 -21.05
CA SER B 108 12.02 24.63 -20.72
C SER B 108 12.14 24.34 -19.22
N ASN B 109 11.28 23.43 -18.74
CA ASN B 109 11.44 22.91 -17.37
C ASN B 109 12.89 22.54 -17.11
N GLU B 110 13.48 21.81 -18.06
CA GLU B 110 14.80 21.23 -17.85
C GLU B 110 15.89 22.29 -17.89
N LEU B 111 15.75 23.32 -18.73
CA LEU B 111 16.70 24.43 -18.67
C LEU B 111 16.60 25.13 -17.34
N LEU B 112 15.36 25.43 -16.90
CA LEU B 112 15.19 26.10 -15.63
C LEU B 112 15.86 25.30 -14.53
N GLU B 113 15.67 23.99 -14.54
CA GLU B 113 16.29 23.15 -13.53
C GLU B 113 17.82 23.24 -13.58
N GLU B 114 18.40 23.11 -14.79
CA GLU B 114 19.85 23.15 -14.95
C GLU B 114 20.42 24.47 -14.45
N ALA B 115 19.83 25.58 -14.85
CA ALA B 115 20.28 26.90 -14.41
C ALA B 115 20.30 27.01 -12.90
N PHE B 116 19.21 26.61 -12.25
CA PHE B 116 19.17 26.82 -10.82
C PHE B 116 19.89 25.71 -10.07
N SER B 117 20.41 24.69 -10.79
CA SER B 117 21.23 23.65 -10.15
C SER B 117 22.53 24.18 -9.58
N VAL B 118 23.03 25.32 -10.09
CA VAL B 118 24.25 25.89 -9.57
C VAL B 118 24.07 26.41 -8.15
N PHE B 119 22.84 26.58 -7.69
CA PHE B 119 22.66 27.02 -6.31
C PHE B 119 22.49 25.87 -5.32
N GLY B 120 22.20 24.67 -5.77
CA GLY B 120 21.92 23.57 -4.86
C GLY B 120 21.09 22.52 -5.56
N GLN B 121 20.81 21.45 -4.83
CA GLN B 121 20.03 20.36 -5.42
C GLN B 121 18.57 20.80 -5.62
N VAL B 122 18.06 20.55 -6.82
CA VAL B 122 16.76 21.03 -7.26
C VAL B 122 15.77 19.87 -7.25
N GLU B 123 14.68 20.02 -6.51
CA GLU B 123 13.64 18.99 -6.44
C GLU B 123 12.74 19.04 -7.68
N ARG B 124 12.25 20.22 -8.03
CA ARG B 124 11.64 20.37 -9.34
C ARG B 124 11.73 21.82 -9.80
N ALA B 125 11.58 21.99 -11.11
CA ALA B 125 11.43 23.29 -11.72
C ALA B 125 10.41 23.17 -12.85
N VAL B 126 9.48 24.11 -12.93
CA VAL B 126 8.45 24.08 -13.94
C VAL B 126 8.32 25.49 -14.51
N VAL B 127 8.39 25.59 -15.83
CA VAL B 127 7.97 26.79 -16.54
C VAL B 127 6.45 26.75 -16.66
N ILE B 128 5.77 27.72 -16.05
CA ILE B 128 4.31 27.69 -16.01
C ILE B 128 3.77 28.06 -17.39
N VAL B 129 2.75 27.33 -17.84
CA VAL B 129 2.13 27.59 -19.13
C VAL B 129 0.65 27.87 -18.90
N ASP B 130 0.09 28.75 -19.71
CA ASP B 130 -1.32 29.08 -19.70
C ASP B 130 -2.11 28.01 -20.47
N ASP B 131 -3.43 28.24 -20.61
CA ASP B 131 -4.31 27.20 -21.17
C ASP B 131 -4.15 26.99 -22.67
N ARG B 132 -3.33 27.80 -23.34
CA ARG B 132 -2.92 27.56 -24.73
C ARG B 132 -1.58 26.83 -24.82
N GLY B 133 -0.90 26.59 -23.69
CA GLY B 133 0.44 26.00 -23.69
C GLY B 133 1.58 26.97 -23.85
N ARG B 134 1.30 28.28 -24.00
CA ARG B 134 2.35 29.29 -24.03
C ARG B 134 2.86 29.55 -22.61
N PRO B 135 4.16 29.77 -22.44
CA PRO B 135 4.68 30.06 -21.09
C PRO B 135 4.24 31.45 -20.66
N SER B 136 3.82 31.54 -19.40
CA SER B 136 3.35 32.82 -18.89
C SER B 136 4.49 33.78 -18.60
N GLY B 137 5.71 33.26 -18.46
CA GLY B 137 6.85 34.04 -18.00
C GLY B 137 7.23 33.80 -16.55
N LYS B 138 6.39 33.15 -15.77
CA LYS B 138 6.73 32.75 -14.41
C LYS B 138 7.14 31.30 -14.37
N GLY B 139 8.06 30.99 -13.45
CA GLY B 139 8.41 29.62 -13.15
C GLY B 139 8.35 29.31 -11.66
N ILE B 140 8.64 28.06 -11.35
CA ILE B 140 8.76 27.59 -9.99
C ILE B 140 10.08 26.84 -9.85
N VAL B 141 10.78 27.07 -8.75
CA VAL B 141 11.96 26.28 -8.45
C VAL B 141 11.90 25.90 -6.98
N GLU B 142 11.95 24.60 -6.70
CA GLU B 142 11.91 24.08 -5.34
C GLU B 142 13.22 23.36 -5.09
N PHE B 143 13.96 23.80 -4.09
CA PHE B 143 15.19 23.13 -3.71
C PHE B 143 14.91 22.14 -2.59
N SER B 144 15.86 21.22 -2.39
CA SER B 144 15.70 20.24 -1.32
C SER B 144 15.98 20.84 0.04
N GLY B 145 16.81 21.87 0.08
CA GLY B 145 17.17 22.51 1.33
C GLY B 145 17.02 24.02 1.27
N LYS B 146 16.62 24.59 2.40
CA LYS B 146 16.57 26.04 2.57
C LYS B 146 17.87 26.76 2.21
N PRO B 147 19.07 26.19 2.47
CA PRO B 147 20.31 26.90 2.09
C PRO B 147 20.44 27.21 0.60
N ALA B 148 20.09 26.25 -0.27
CA ALA B 148 20.18 26.51 -1.70
C ALA B 148 19.27 27.67 -2.13
N ALA B 149 18.04 27.71 -1.61
CA ALA B 149 17.13 28.78 -2.03
C ALA B 149 17.61 30.12 -1.51
N ARG B 150 18.25 30.13 -0.34
CA ARG B 150 18.87 31.35 0.16
C ARG B 150 20.02 31.81 -0.74
N LYS B 151 20.91 30.89 -1.14
CA LYS B 151 21.90 31.22 -2.17
C LYS B 151 21.25 31.84 -3.41
N ALA B 152 20.26 31.15 -4.00
CA ALA B 152 19.68 31.67 -5.25
C ALA B 152 18.94 32.97 -5.00
N LEU B 153 18.21 33.07 -3.90
CA LEU B 153 17.55 34.34 -3.63
C LEU B 153 18.57 35.46 -3.61
N ASP B 154 19.63 35.30 -2.80
CA ASP B 154 20.58 36.39 -2.62
C ASP B 154 21.34 36.68 -3.91
N ARG B 155 21.98 35.65 -4.48
CA ARG B 155 22.79 35.86 -5.67
C ARG B 155 21.97 36.38 -6.83
N CYS B 156 20.69 36.00 -6.93
CA CYS B 156 19.90 36.50 -8.04
C CYS B 156 19.41 37.93 -7.84
N SER B 157 19.46 38.46 -6.63
CA SER B 157 19.18 39.88 -6.51
C SER B 157 20.44 40.73 -6.67
N GLU B 158 21.58 40.29 -6.13
CA GLU B 158 22.82 41.06 -6.24
C GLU B 158 23.33 41.11 -7.68
N GLY B 159 23.30 39.97 -8.39
CA GLY B 159 23.72 39.90 -9.75
C GLY B 159 22.57 39.74 -10.73
N SER B 160 22.95 39.69 -12.01
CA SER B 160 22.03 39.53 -13.12
C SER B 160 22.14 38.10 -13.67
N PHE B 161 21.17 37.24 -13.32
CA PHE B 161 21.19 35.83 -13.70
C PHE B 161 20.45 35.71 -15.02
N LEU B 162 21.18 35.26 -16.06
CA LEU B 162 20.70 35.23 -17.44
C LEU B 162 20.56 33.78 -17.89
N LEU B 163 19.35 33.40 -18.33
CA LEU B 163 19.13 32.02 -18.71
C LEU B 163 19.45 31.75 -20.19
N THR B 164 19.33 32.76 -21.06
CA THR B 164 19.64 32.61 -22.47
C THR B 164 20.57 33.72 -22.89
N THR B 165 20.72 33.89 -24.21
CA THR B 165 21.52 35.03 -24.69
C THR B 165 20.79 36.36 -24.50
N PHE B 166 19.48 36.35 -24.39
CA PHE B 166 18.75 37.58 -24.18
C PHE B 166 19.10 38.22 -22.85
N PRO B 167 19.58 39.45 -22.85
CA PRO B 167 20.22 40.00 -21.66
C PRO B 167 19.23 40.52 -20.63
N ARG B 168 18.16 39.77 -20.35
CA ARG B 168 17.18 40.18 -19.36
C ARG B 168 17.19 39.22 -18.19
N PRO B 169 17.56 39.67 -17.00
CA PRO B 169 17.72 38.74 -15.88
C PRO B 169 16.39 38.40 -15.24
N VAL B 170 16.31 37.19 -14.72
CA VAL B 170 15.08 36.76 -14.08
C VAL B 170 15.06 37.34 -12.66
N THR B 171 13.86 37.55 -12.13
CA THR B 171 13.68 38.01 -10.75
C THR B 171 13.18 36.83 -9.92
N VAL B 172 13.83 36.60 -8.79
CA VAL B 172 13.60 35.43 -7.96
C VAL B 172 13.14 35.91 -6.61
N GLU B 173 11.98 35.44 -6.17
CA GLU B 173 11.45 35.83 -4.87
C GLU B 173 10.84 34.59 -4.23
N PRO B 174 10.62 34.62 -2.93
CA PRO B 174 10.02 33.45 -2.28
C PRO B 174 8.65 33.16 -2.85
N MET B 175 8.32 31.88 -2.91
CA MET B 175 7.04 31.46 -3.44
C MET B 175 5.91 31.75 -2.44
N ASP B 176 4.84 32.38 -2.90
CA ASP B 176 3.71 32.65 -2.02
C ASP B 176 2.77 31.46 -2.03
N GLN B 177 2.79 30.68 -0.94
CA GLN B 177 2.14 29.38 -0.95
C GLN B 177 0.67 29.55 -0.60
N LEU B 178 -0.18 29.36 -1.60
CA LEU B 178 -1.62 29.38 -1.45
C LEU B 178 -2.19 27.98 -1.62
N ASP B 179 -3.31 27.71 -0.96
CA ASP B 179 -3.96 26.41 -1.07
C ASP B 179 -5.32 26.60 -1.74
N ASP B 180 -5.40 26.22 -3.01
CA ASP B 180 -6.65 26.22 -3.74
C ASP B 180 -7.22 24.81 -3.86
N GLU B 181 -6.86 23.91 -2.94
CA GLU B 181 -7.33 22.54 -2.99
C GLU B 181 -8.20 22.21 -1.78
N GLU B 182 -7.68 22.32 -0.57
CA GLU B 182 -8.50 22.06 0.60
C GLU B 182 -9.28 23.30 1.04
N GLY B 183 -8.69 24.49 0.89
CA GLY B 183 -9.46 25.69 1.16
C GLY B 183 -9.79 25.83 2.63
N LEU B 184 -10.98 26.34 2.92
CA LEU B 184 -11.40 26.65 4.29
C LEU B 184 -12.72 25.95 4.55
N PRO B 185 -12.68 24.70 5.01
CA PRO B 185 -13.92 23.98 5.31
C PRO B 185 -14.69 24.67 6.42
N GLU B 186 -16.02 24.64 6.30
CA GLU B 186 -16.90 25.22 7.34
C GLU B 186 -16.50 24.82 8.75
N LYS B 187 -15.87 23.66 8.92
CA LYS B 187 -15.45 23.20 10.24
C LYS B 187 -14.33 24.06 10.81
N LEU B 188 -13.54 24.70 9.98
CA LEU B 188 -12.40 25.47 10.46
C LEU B 188 -12.69 26.96 10.55
N VAL B 189 -13.91 27.39 10.19
CA VAL B 189 -14.23 28.80 10.34
C VAL B 189 -14.29 29.13 11.81
N ILE B 190 -13.68 30.24 12.20
CA ILE B 190 -13.79 30.77 13.56
C ILE B 190 -15.23 31.19 13.79
N LYS B 191 -15.88 30.58 14.78
CA LYS B 191 -17.32 30.82 15.00
C LYS B 191 -17.51 31.61 16.28
N ASN B 192 -17.61 32.93 16.12
CA ASN B 192 -17.65 33.89 17.21
C ASN B 192 -18.86 34.80 16.99
N GLN B 193 -18.87 35.93 17.67
CA GLN B 193 -19.99 36.85 17.47
C GLN B 193 -20.00 37.38 16.05
N GLN B 194 -18.85 37.77 15.53
CA GLN B 194 -18.80 38.28 14.17
C GLN B 194 -19.27 37.24 13.16
N PHE B 195 -18.89 35.97 13.36
CA PHE B 195 -19.41 34.90 12.51
C PHE B 195 -20.94 34.95 12.44
N HIS B 196 -21.59 35.02 13.60
CA HIS B 196 -23.05 35.01 13.64
C HIS B 196 -23.62 36.23 12.95
N LYS B 197 -22.98 37.39 13.12
CA LYS B 197 -23.41 38.59 12.42
C LYS B 197 -23.27 38.43 10.90
N GLU B 198 -22.17 37.83 10.43
CA GLU B 198 -22.03 37.65 8.98
C GLU B 198 -23.13 36.78 8.42
N ARG B 199 -23.52 35.76 9.17
CA ARG B 199 -24.39 34.69 8.69
C ARG B 199 -25.88 34.95 8.91
N GLU B 200 -26.29 36.11 9.42
CA GLU B 200 -27.71 36.32 9.65
C GLU B 200 -28.49 36.25 8.34
N GLN B 201 -27.99 36.81 7.33
CA GLN B 201 -28.60 36.77 6.00
C GLN B 201 -27.91 35.70 5.14
N PRO B 202 -28.66 35.00 4.28
CA PRO B 202 -28.03 34.04 3.35
C PRO B 202 -27.61 34.72 2.07
N PRO B 203 -26.84 34.04 1.22
CA PRO B 203 -26.49 34.63 -0.08
C PRO B 203 -27.72 35.06 -0.87
N ARG B 204 -27.60 36.22 -1.50
CA ARG B 204 -28.75 36.86 -2.12
C ARG B 204 -28.24 38.03 -2.95
N PHE B 205 -29.04 38.49 -3.89
CA PHE B 205 -28.72 39.71 -4.63
C PHE B 205 -29.31 40.93 -3.92
N ALA B 206 -28.50 41.95 -3.74
CA ALA B 206 -28.97 43.18 -3.11
C ALA B 206 -30.08 43.84 -3.96
N GLN B 207 -31.13 44.27 -3.29
CA GLN B 207 -32.30 44.75 -4.00
C GLN B 207 -32.38 46.26 -3.89
N PRO B 208 -32.66 46.96 -4.99
CA PRO B 208 -32.74 48.42 -4.95
C PRO B 208 -33.62 48.90 -3.80
N GLY B 209 -33.18 50.01 -3.18
CA GLY B 209 -33.90 50.58 -2.06
C GLY B 209 -33.52 50.02 -0.72
N SER B 210 -32.74 48.96 -0.66
CA SER B 210 -32.23 48.48 0.61
C SER B 210 -30.96 49.24 0.95
N PHE B 211 -30.54 49.11 2.22
CA PHE B 211 -29.33 49.80 2.66
C PHE B 211 -28.10 49.14 2.09
N GLU B 212 -28.20 47.84 1.78
CA GLU B 212 -27.11 47.13 1.13
C GLU B 212 -26.85 47.66 -0.27
N TYR B 213 -27.93 47.85 -1.05
CA TYR B 213 -27.80 48.23 -2.44
C TYR B 213 -26.96 49.50 -2.60
N GLU B 214 -27.18 50.49 -1.74
CA GLU B 214 -26.43 51.74 -1.83
C GLU B 214 -24.94 51.52 -1.67
N TYR B 215 -24.56 50.70 -0.70
CA TYR B 215 -23.14 50.45 -0.49
C TYR B 215 -22.57 49.51 -1.54
N ALA B 216 -23.38 48.55 -2.05
CA ALA B 216 -22.87 47.69 -3.11
C ALA B 216 -22.50 48.50 -4.34
N MET B 217 -23.34 49.49 -4.69
CA MET B 217 -23.06 50.32 -5.86
C MET B 217 -21.82 51.18 -5.62
N ARG B 218 -21.64 51.68 -4.40
CA ARG B 218 -20.41 52.43 -4.11
C ARG B 218 -19.19 51.54 -4.25
N TRP B 219 -19.28 50.29 -3.79
CA TRP B 219 -18.17 49.35 -3.98
C TRP B 219 -17.91 49.08 -5.44
N LYS B 220 -18.95 48.69 -6.19
CA LYS B 220 -18.77 48.47 -7.62
C LYS B 220 -18.13 49.68 -8.29
N ALA B 221 -18.49 50.90 -7.88
CA ALA B 221 -17.85 52.07 -8.45
C ALA B 221 -16.38 52.13 -8.06
N LEU B 222 -16.06 51.81 -6.80
CA LEU B 222 -14.67 51.86 -6.34
C LEU B 222 -13.81 50.87 -7.12
N ILE B 223 -14.34 49.66 -7.34
CA ILE B 223 -13.66 48.66 -8.15
C ILE B 223 -13.40 49.19 -9.54
N GLU B 224 -14.26 50.07 -10.03
CA GLU B 224 -14.06 50.62 -11.37
C GLU B 224 -13.01 51.72 -11.35
N MET B 225 -12.98 52.50 -10.26
CA MET B 225 -11.90 53.46 -10.05
C MET B 225 -10.56 52.75 -9.92
N GLU B 226 -10.55 51.52 -9.40
CA GLU B 226 -9.31 50.75 -9.37
C GLU B 226 -8.92 50.23 -10.74
N LYS B 227 -9.91 49.84 -11.54
CA LYS B 227 -9.61 49.42 -12.91
C LYS B 227 -8.95 50.54 -13.69
N GLN B 228 -9.51 51.75 -13.65
CA GLN B 228 -8.88 52.91 -14.27
C GLN B 228 -7.42 53.06 -13.85
N GLN B 229 -7.20 53.38 -12.57
CA GLN B 229 -5.83 53.57 -12.08
C GLN B 229 -4.92 52.44 -12.56
N GLN B 230 -5.31 51.20 -12.27
CA GLN B 230 -4.45 50.06 -12.57
C GLN B 230 -4.30 49.83 -14.06
N ASP B 231 -5.31 50.18 -14.85
CA ASP B 231 -5.21 49.92 -16.29
C ASP B 231 -4.24 50.87 -16.95
N GLN B 232 -3.96 51.99 -16.29
CA GLN B 232 -3.05 53.00 -16.82
C GLN B 232 -1.60 52.77 -16.36
N VAL B 233 -1.41 52.27 -15.15
CA VAL B 233 -0.10 51.78 -14.74
C VAL B 233 0.35 50.69 -15.71
N ASP B 234 -0.53 49.71 -15.96
CA ASP B 234 -0.26 48.73 -17.00
C ASP B 234 0.19 49.40 -18.29
N ARG B 235 -0.46 50.51 -18.64
CA ARG B 235 -0.08 51.36 -19.76
C ARG B 235 1.39 51.75 -19.65
N ASN B 236 1.74 52.60 -18.66
CA ASN B 236 3.13 53.02 -18.51
C ASN B 236 4.07 51.83 -18.44
N ILE B 237 3.60 50.69 -17.96
CA ILE B 237 4.51 49.57 -17.75
C ILE B 237 4.75 48.81 -19.06
N LYS B 238 3.69 48.51 -19.80
CA LYS B 238 3.91 47.83 -21.07
C LYS B 238 4.69 48.70 -22.05
N GLU B 239 4.60 50.03 -21.91
CA GLU B 239 5.40 50.91 -22.74
C GLU B 239 6.87 50.86 -22.34
N ALA B 240 7.16 51.09 -21.07
CA ALA B 240 8.55 51.15 -20.64
C ALA B 240 9.28 49.86 -20.97
N ARG B 241 8.60 48.71 -20.84
CA ARG B 241 9.26 47.44 -21.10
C ARG B 241 9.54 47.25 -22.57
N GLU B 242 8.54 47.53 -23.41
CA GLU B 242 8.72 47.37 -24.85
C GLU B 242 9.85 48.27 -25.35
N LYS B 243 9.93 49.50 -24.83
CA LYS B 243 11.04 50.38 -25.19
C LYS B 243 12.37 49.69 -24.87
N LEU B 244 12.53 49.23 -23.62
CA LEU B 244 13.80 48.65 -23.22
C LEU B 244 14.07 47.32 -23.91
N GLU B 245 13.04 46.57 -24.28
CA GLU B 245 13.26 45.30 -24.95
C GLU B 245 13.66 45.46 -26.41
N MET B 246 13.18 46.52 -27.08
CA MET B 246 13.66 46.77 -28.44
C MET B 246 15.16 47.02 -28.42
N GLU B 247 15.59 48.00 -27.61
CA GLU B 247 17.01 48.29 -27.47
C GLU B 247 17.81 47.04 -27.12
N MET B 248 17.25 46.16 -26.29
CA MET B 248 17.93 44.90 -25.97
C MET B 248 18.10 44.04 -27.22
N GLU B 249 17.02 43.88 -27.99
CA GLU B 249 17.07 43.07 -29.21
C GLU B 249 18.01 43.68 -30.24
N ALA B 250 17.85 44.98 -30.51
CA ALA B 250 18.75 45.67 -31.42
C ALA B 250 20.21 45.50 -30.99
N ALA B 251 20.50 45.78 -29.72
CA ALA B 251 21.85 45.62 -29.21
C ALA B 251 22.43 44.27 -29.60
N ARG B 252 21.67 43.19 -29.39
CA ARG B 252 22.22 41.86 -29.63
C ARG B 252 22.43 41.53 -31.11
N HIS B 253 21.77 42.26 -32.02
CA HIS B 253 22.03 42.21 -33.47
C HIS B 253 23.50 42.49 -33.73
N GLU B 254 24.33 41.45 -33.80
CA GLU B 254 25.80 41.59 -33.94
C GLU B 254 26.44 40.31 -34.50
N GLU C 1 -3.28 -5.16 -25.52
CA GLU C 1 -2.59 -6.44 -25.67
C GLU C 1 -2.82 -7.05 -27.07
N GLY C 2 -1.94 -7.98 -27.47
CA GLY C 2 -1.98 -8.58 -28.80
C GLY C 2 -0.70 -8.42 -29.61
N LEU C 3 0.08 -9.50 -29.77
CA LEU C 3 1.35 -9.47 -30.51
C LEU C 3 1.45 -10.63 -31.48
N THR C 4 1.72 -10.32 -32.74
CA THR C 4 1.97 -11.34 -33.75
C THR C 4 3.40 -11.21 -34.27
N ILE C 5 4.16 -12.26 -34.10
CA ILE C 5 5.52 -12.31 -34.61
C ILE C 5 5.47 -12.94 -35.99
N ASP C 6 6.15 -12.32 -36.94
CA ASP C 6 6.34 -12.92 -38.27
C ASP C 6 7.50 -13.88 -38.14
N LEU C 7 7.18 -15.18 -38.06
CA LEU C 7 8.19 -16.19 -37.81
C LEU C 7 9.25 -16.17 -38.90
N LYS C 8 10.24 -15.28 -38.74
CA LYS C 8 11.34 -15.14 -39.69
C LYS C 8 12.66 -15.09 -38.94
N ASN C 9 12.62 -14.58 -37.71
CA ASN C 9 13.83 -14.39 -36.93
C ASN C 9 13.94 -15.40 -35.80
N PRO C 13 17.04 -16.55 -39.33
CA PRO C 13 18.51 -16.58 -39.42
C PRO C 13 19.07 -17.57 -40.45
N GLY C 14 19.73 -18.62 -39.96
CA GLY C 14 20.41 -19.60 -40.79
C GLY C 14 21.29 -20.46 -39.89
N GLU C 15 21.00 -20.40 -38.57
CA GLU C 15 21.83 -20.93 -37.50
C GLU C 15 21.24 -22.21 -36.90
N LYS C 16 21.81 -22.63 -35.77
CA LYS C 16 21.53 -23.94 -35.19
C LYS C 16 20.07 -24.03 -34.76
N THR C 17 19.55 -25.26 -34.74
CA THR C 17 18.17 -25.52 -34.37
C THR C 17 18.13 -26.69 -33.39
N PHE C 18 17.17 -26.64 -32.46
CA PHE C 18 16.92 -27.75 -31.56
C PHE C 18 18.14 -28.10 -30.71
N THR C 19 18.87 -27.07 -30.31
CA THR C 19 19.97 -27.17 -29.36
C THR C 19 19.45 -27.41 -27.93
N GLN C 20 20.36 -27.82 -27.03
CA GLN C 20 20.01 -27.96 -25.62
C GLN C 20 19.55 -26.64 -25.02
N ARG C 21 19.98 -25.50 -25.56
CA ARG C 21 19.54 -24.22 -25.07
C ARG C 21 18.13 -23.86 -25.51
N SER C 22 17.42 -24.78 -26.15
CA SER C 22 15.99 -24.65 -26.33
C SER C 22 15.30 -25.96 -25.98
N ARG C 23 15.89 -26.74 -25.07
CA ARG C 23 15.24 -27.90 -24.47
C ARG C 23 14.58 -27.46 -23.16
N LEU C 24 13.27 -27.73 -23.04
CA LEU C 24 12.46 -27.32 -21.91
C LEU C 24 12.10 -28.53 -21.05
N PHE C 25 12.21 -28.34 -19.73
CA PHE C 25 11.67 -29.28 -18.74
C PHE C 25 10.23 -28.91 -18.48
N VAL C 26 9.34 -29.89 -18.48
CA VAL C 26 7.92 -29.66 -18.23
C VAL C 26 7.48 -30.57 -17.10
N GLY C 27 7.31 -30.00 -15.91
CA GLY C 27 7.00 -30.75 -14.72
C GLY C 27 5.56 -30.61 -14.23
N ASN C 28 5.25 -31.39 -13.21
CA ASN C 28 3.90 -31.42 -12.62
C ASN C 28 2.89 -31.94 -13.62
N LEU C 29 3.30 -32.89 -14.45
CA LEU C 29 2.44 -33.40 -15.50
C LEU C 29 1.29 -34.20 -14.90
N PRO C 30 0.12 -34.14 -15.52
CA PRO C 30 -0.94 -35.10 -15.18
C PRO C 30 -0.47 -36.52 -15.42
N PRO C 31 -1.00 -37.49 -14.68
CA PRO C 31 -0.62 -38.89 -14.95
C PRO C 31 -1.07 -39.43 -16.30
N ASP C 32 -2.19 -38.95 -16.87
CA ASP C 32 -2.62 -39.40 -18.18
C ASP C 32 -2.02 -38.57 -19.31
N ILE C 33 -0.92 -37.87 -19.05
CA ILE C 33 -0.23 -37.13 -20.10
C ILE C 33 0.27 -38.11 -21.15
N THR C 34 0.18 -37.71 -22.41
CA THR C 34 0.68 -38.50 -23.53
C THR C 34 1.59 -37.64 -24.40
N GLU C 35 2.49 -38.32 -25.14
CA GLU C 35 3.36 -37.63 -26.08
C GLU C 35 2.56 -36.86 -27.14
N GLU C 36 1.35 -37.32 -27.46
CA GLU C 36 0.49 -36.60 -28.41
C GLU C 36 -0.14 -35.37 -27.77
N GLU C 37 -0.37 -35.40 -26.45
CA GLU C 37 -0.90 -34.24 -25.75
C GLU C 37 0.17 -33.17 -25.58
N MET C 38 1.36 -33.58 -25.13
CA MET C 38 2.46 -32.66 -24.94
C MET C 38 2.82 -31.96 -26.24
N ARG C 39 2.81 -32.70 -27.35
CA ARG C 39 3.13 -32.09 -28.63
C ARG C 39 2.10 -31.04 -29.03
N LYS C 40 0.83 -31.29 -28.73
CA LYS C 40 -0.21 -30.33 -29.09
C LYS C 40 -0.09 -29.05 -28.27
N LEU C 41 0.25 -29.18 -26.98
CA LEU C 41 0.37 -28.00 -26.15
C LEU C 41 1.45 -27.06 -26.67
N PHE C 42 2.55 -27.61 -27.21
CA PHE C 42 3.65 -26.79 -27.71
C PHE C 42 3.57 -26.58 -29.22
N GLU C 43 2.43 -26.86 -29.82
CA GLU C 43 2.29 -26.77 -31.28
C GLU C 43 2.57 -25.35 -31.79
N LYS C 44 2.03 -24.34 -31.10
CA LYS C 44 2.04 -22.98 -31.61
C LYS C 44 3.45 -22.39 -31.72
N TYR C 45 4.47 -23.06 -31.18
CA TYR C 45 5.83 -22.52 -31.08
C TYR C 45 6.79 -23.24 -32.02
N GLY C 46 6.33 -23.66 -33.19
CA GLY C 46 7.17 -24.32 -34.16
C GLY C 46 7.13 -25.82 -34.06
N LYS C 47 8.19 -26.45 -34.58
CA LYS C 47 8.27 -27.91 -34.68
C LYS C 47 8.77 -28.51 -33.37
N ALA C 48 8.41 -29.77 -33.13
CA ALA C 48 8.63 -30.40 -31.83
C ALA C 48 9.70 -31.48 -31.96
N GLY C 49 10.94 -31.13 -31.62
CA GLY C 49 12.07 -32.04 -31.66
C GLY C 49 11.85 -33.30 -30.83
N GLU C 50 12.79 -33.61 -29.94
CA GLU C 50 12.58 -34.77 -29.09
C GLU C 50 11.45 -34.50 -28.09
N VAL C 51 10.99 -35.58 -27.45
CA VAL C 51 9.93 -35.50 -26.44
C VAL C 51 10.01 -36.69 -25.48
N PHE C 52 10.41 -36.44 -24.23
CA PHE C 52 10.48 -37.46 -23.20
C PHE C 52 9.32 -37.28 -22.23
N ILE C 53 8.80 -38.40 -21.72
CA ILE C 53 7.82 -38.38 -20.64
C ILE C 53 8.05 -39.59 -19.73
N HIS C 54 8.28 -39.32 -18.45
CA HIS C 54 8.46 -40.39 -17.49
C HIS C 54 7.10 -41.00 -17.14
N LYS C 55 7.07 -42.31 -16.95
CA LYS C 55 5.84 -43.03 -16.69
C LYS C 55 5.35 -42.93 -15.26
N ASP C 56 6.08 -42.29 -14.35
CA ASP C 56 5.68 -42.26 -12.95
C ASP C 56 5.79 -40.86 -12.38
N LYS C 57 7.02 -40.32 -12.40
CA LYS C 57 7.36 -39.12 -11.64
C LYS C 57 6.80 -37.84 -12.23
N GLY C 58 5.97 -37.91 -13.28
CA GLY C 58 5.21 -36.76 -13.77
C GLY C 58 6.04 -35.56 -14.24
N PHE C 59 7.00 -35.80 -15.14
CA PHE C 59 7.70 -34.73 -15.82
C PHE C 59 8.06 -35.20 -17.21
N GLY C 60 8.44 -34.24 -18.06
CA GLY C 60 8.88 -34.50 -19.41
C GLY C 60 9.85 -33.43 -19.88
N PHE C 61 10.45 -33.67 -21.05
CA PHE C 61 11.31 -32.68 -21.70
C PHE C 61 10.87 -32.53 -23.15
N ILE C 62 11.17 -31.38 -23.74
CA ILE C 62 10.77 -31.15 -25.12
C ILE C 62 11.65 -30.05 -25.71
N ARG C 63 12.04 -30.22 -26.97
CA ARG C 63 12.87 -29.26 -27.65
C ARG C 63 12.07 -28.39 -28.61
N LEU C 64 12.54 -27.17 -28.80
CA LEU C 64 11.93 -26.22 -29.72
C LEU C 64 13.01 -25.65 -30.63
N GLU C 65 12.57 -24.98 -31.70
CA GLU C 65 13.48 -24.52 -32.74
C GLU C 65 14.61 -23.68 -32.14
N THR C 66 14.26 -22.56 -31.52
CA THR C 66 15.24 -21.63 -31.00
C THR C 66 14.96 -21.33 -29.52
N ARG C 67 16.00 -20.85 -28.83
CA ARG C 67 15.80 -20.39 -27.46
C ARG C 67 14.68 -19.37 -27.39
N THR C 68 14.57 -18.52 -28.41
CA THR C 68 13.53 -17.49 -28.35
C THR C 68 12.14 -18.10 -28.44
N LEU C 69 11.95 -19.07 -29.33
CA LEU C 69 10.73 -19.87 -29.29
C LEU C 69 10.52 -20.48 -27.90
N ALA C 70 11.57 -21.10 -27.35
CA ALA C 70 11.46 -21.72 -26.04
C ALA C 70 11.06 -20.70 -25.00
N GLU C 71 11.67 -19.51 -25.03
CA GLU C 71 11.38 -18.52 -24.01
C GLU C 71 9.92 -18.09 -24.06
N ILE C 72 9.36 -17.92 -25.26
CA ILE C 72 7.94 -17.58 -25.35
C ILE C 72 7.07 -18.70 -24.81
N ALA C 73 7.34 -19.93 -25.24
CA ALA C 73 6.61 -21.08 -24.70
C ALA C 73 6.70 -21.10 -23.17
N LYS C 74 7.93 -21.00 -22.62
CA LYS C 74 8.09 -21.00 -21.17
C LYS C 74 7.24 -19.93 -20.49
N VAL C 75 7.35 -18.68 -20.94
CA VAL C 75 6.53 -17.65 -20.34
C VAL C 75 5.05 -18.05 -20.41
N GLU C 76 4.58 -18.43 -21.59
CA GLU C 76 3.15 -18.56 -21.81
C GLU C 76 2.56 -19.79 -21.13
N LEU C 77 3.37 -20.82 -20.97
CA LEU C 77 2.88 -22.08 -20.46
C LEU C 77 3.24 -22.35 -19.02
N ASP C 78 4.22 -21.65 -18.44
CA ASP C 78 4.55 -21.89 -17.05
C ASP C 78 3.34 -21.58 -16.19
N ASN C 79 3.16 -22.36 -15.12
CA ASN C 79 2.03 -22.18 -14.21
C ASN C 79 0.69 -22.40 -14.90
N MET C 80 0.69 -23.00 -16.08
CA MET C 80 -0.56 -23.25 -16.76
C MET C 80 -1.37 -24.29 -15.99
N PRO C 81 -2.68 -24.08 -15.82
CA PRO C 81 -3.51 -25.12 -15.22
C PRO C 81 -3.68 -26.30 -16.17
N LEU C 82 -3.70 -27.51 -15.60
CA LEU C 82 -4.00 -28.70 -16.40
C LEU C 82 -4.42 -29.85 -15.50
N ARG C 83 -5.72 -30.16 -15.55
CA ARG C 83 -6.33 -31.25 -14.78
C ARG C 83 -5.80 -31.27 -13.34
N GLY C 84 -5.93 -30.12 -12.67
CA GLY C 84 -5.62 -29.97 -11.27
C GLY C 84 -4.19 -29.62 -10.94
N LYS C 85 -3.26 -29.95 -11.83
CA LYS C 85 -1.85 -29.63 -11.64
C LYS C 85 -1.53 -28.28 -12.29
N GLN C 86 -0.56 -27.58 -11.71
CA GLN C 86 -0.02 -26.36 -12.28
C GLN C 86 1.33 -26.69 -12.93
N LEU C 87 1.39 -26.61 -14.27
CA LEU C 87 2.61 -26.99 -14.98
C LEU C 87 3.79 -26.13 -14.55
N ARG C 88 4.96 -26.75 -14.47
CA ARG C 88 6.18 -26.03 -14.20
C ARG C 88 7.06 -26.19 -15.44
N VAL C 89 7.27 -25.09 -16.17
CA VAL C 89 8.01 -25.10 -17.41
C VAL C 89 9.23 -24.22 -17.21
N ARG C 90 10.42 -24.84 -17.15
CA ARG C 90 11.69 -24.14 -17.00
C ARG C 90 12.65 -24.67 -18.06
N PHE C 91 13.64 -23.84 -18.39
CA PHE C 91 14.75 -24.33 -19.20
C PHE C 91 15.45 -25.50 -18.52
N ALA C 92 15.68 -26.57 -19.28
CA ALA C 92 16.43 -27.72 -18.76
C ALA C 92 17.91 -27.37 -18.60
N CYS C 93 18.54 -27.92 -17.57
CA CYS C 93 19.98 -27.80 -17.44
C CYS C 93 20.66 -28.42 -18.66
N HIS C 94 21.86 -27.94 -18.99
CA HIS C 94 22.62 -28.47 -20.12
C HIS C 94 23.46 -29.66 -19.66
N SER C 95 23.31 -30.79 -20.34
CA SER C 95 23.90 -32.04 -19.85
C SER C 95 25.34 -32.24 -20.29
N ALA C 96 25.87 -31.34 -21.12
CA ALA C 96 27.16 -31.53 -21.78
C ALA C 96 27.95 -30.21 -21.84
N SER C 97 28.07 -29.53 -20.70
CA SER C 97 28.74 -28.24 -20.67
C SER C 97 29.92 -28.28 -19.70
N LEU C 98 31.11 -28.00 -20.21
CA LEU C 98 32.32 -27.98 -19.40
C LEU C 98 32.80 -26.54 -19.22
N THR C 99 33.30 -26.24 -18.02
CA THR C 99 34.04 -25.00 -17.83
C THR C 99 35.51 -25.27 -18.11
N VAL C 100 36.12 -24.37 -18.86
CA VAL C 100 37.55 -24.40 -19.10
C VAL C 100 38.16 -23.29 -18.28
N ARG C 101 39.32 -23.56 -17.69
CA ARG C 101 40.04 -22.57 -16.89
C ARG C 101 41.48 -22.48 -17.38
N ASN C 102 42.15 -21.39 -17.02
CA ASN C 102 43.57 -21.19 -17.33
C ASN C 102 43.83 -21.00 -18.83
N LEU C 103 42.89 -20.40 -19.55
CA LEU C 103 43.10 -20.15 -20.97
C LEU C 103 44.23 -19.13 -21.16
N PRO C 104 45.08 -19.34 -22.16
CA PRO C 104 46.07 -18.33 -22.50
C PRO C 104 45.42 -17.17 -23.25
N GLN C 105 46.08 -16.02 -23.22
CA GLN C 105 45.57 -14.94 -24.03
C GLN C 105 45.57 -15.38 -25.49
N TYR C 106 44.78 -14.67 -26.30
CA TYR C 106 44.75 -14.89 -27.74
C TYR C 106 43.99 -16.14 -28.13
N VAL C 107 43.09 -16.61 -27.26
CA VAL C 107 42.15 -17.67 -27.57
C VAL C 107 40.78 -17.04 -27.77
N SER C 108 40.13 -17.34 -28.89
CA SER C 108 38.84 -16.74 -29.23
C SER C 108 37.72 -17.77 -29.15
N ASN C 109 36.48 -17.28 -29.25
CA ASN C 109 35.36 -18.22 -29.31
C ASN C 109 35.60 -19.29 -30.35
N GLU C 110 36.12 -18.88 -31.52
CA GLU C 110 36.35 -19.82 -32.61
C GLU C 110 37.37 -20.89 -32.21
N LEU C 111 38.59 -20.46 -31.87
CA LEU C 111 39.64 -21.41 -31.52
C LEU C 111 39.21 -22.33 -30.38
N LEU C 112 38.38 -21.82 -29.47
CA LEU C 112 37.85 -22.70 -28.44
C LEU C 112 36.93 -23.77 -29.02
N GLU C 113 36.18 -23.45 -30.07
CA GLU C 113 35.32 -24.44 -30.71
C GLU C 113 36.14 -25.47 -31.49
N GLU C 114 37.01 -25.00 -32.38
CA GLU C 114 37.85 -25.91 -33.17
C GLU C 114 38.68 -26.80 -32.25
N ALA C 115 39.33 -26.20 -31.26
CA ALA C 115 40.14 -26.99 -30.33
C ALA C 115 39.32 -28.12 -29.72
N PHE C 116 38.14 -27.80 -29.19
CA PHE C 116 37.39 -28.82 -28.46
C PHE C 116 36.53 -29.70 -29.35
N SER C 117 36.38 -29.37 -30.64
CA SER C 117 35.52 -30.20 -31.46
C SER C 117 36.08 -31.61 -31.68
N VAL C 118 37.36 -31.84 -31.36
CA VAL C 118 37.98 -33.15 -31.55
C VAL C 118 37.42 -34.21 -30.62
N PHE C 119 36.62 -33.81 -29.62
CA PHE C 119 36.00 -34.78 -28.72
C PHE C 119 34.55 -35.06 -29.06
N GLY C 120 33.93 -34.21 -29.88
CA GLY C 120 32.52 -34.30 -30.13
C GLY C 120 32.06 -33.05 -30.81
N GLN C 121 30.81 -33.07 -31.26
CA GLN C 121 30.24 -31.95 -31.97
C GLN C 121 29.77 -30.92 -30.96
N VAL C 122 30.31 -29.70 -31.05
CA VAL C 122 30.16 -28.70 -30.00
C VAL C 122 29.03 -27.76 -30.38
N GLU C 123 28.09 -27.55 -29.45
CA GLU C 123 26.98 -26.64 -29.71
C GLU C 123 27.46 -25.19 -29.69
N ARG C 124 28.29 -24.85 -28.71
CA ARG C 124 28.71 -23.49 -28.47
C ARG C 124 29.95 -23.52 -27.58
N ALA C 125 30.88 -22.61 -27.85
CA ALA C 125 32.01 -22.36 -26.98
C ALA C 125 32.12 -20.85 -26.79
N VAL C 126 32.44 -20.41 -25.58
CA VAL C 126 32.59 -18.98 -25.33
C VAL C 126 33.82 -18.74 -24.48
N VAL C 127 34.71 -17.86 -24.96
CA VAL C 127 35.77 -17.29 -24.14
C VAL C 127 35.13 -16.14 -23.35
N ILE C 128 35.03 -16.31 -22.03
CA ILE C 128 34.33 -15.34 -21.20
C ILE C 128 35.19 -14.09 -21.02
N VAL C 129 34.52 -12.95 -20.86
CA VAL C 129 35.16 -11.65 -20.96
C VAL C 129 34.54 -10.68 -19.94
N ASP C 130 35.37 -9.73 -19.47
CA ASP C 130 35.00 -8.76 -18.44
C ASP C 130 34.40 -7.48 -19.05
N ASP C 131 34.01 -6.53 -18.19
CA ASP C 131 33.35 -5.32 -18.66
C ASP C 131 34.21 -4.51 -19.62
N ARG C 132 35.54 -4.66 -19.56
CA ARG C 132 36.49 -4.06 -20.50
C ARG C 132 36.71 -4.88 -21.76
N GLY C 133 35.90 -5.91 -22.00
CA GLY C 133 36.13 -6.81 -23.13
C GLY C 133 37.42 -7.60 -23.13
N ARG C 134 38.14 -7.76 -21.90
CA ARG C 134 39.32 -8.63 -21.86
C ARG C 134 38.96 -10.04 -21.39
N PRO C 135 39.68 -11.04 -21.88
CA PRO C 135 39.40 -12.43 -21.47
C PRO C 135 39.62 -12.63 -19.98
N SER C 136 38.64 -13.23 -19.32
CA SER C 136 38.77 -13.51 -17.91
C SER C 136 39.52 -14.80 -17.62
N GLY C 137 40.15 -15.43 -18.62
CA GLY C 137 40.82 -16.69 -18.40
C GLY C 137 39.93 -17.88 -18.15
N LYS C 138 38.60 -17.71 -18.24
CA LYS C 138 37.67 -18.82 -18.18
C LYS C 138 36.81 -18.82 -19.44
N GLY C 139 36.26 -19.99 -19.75
CA GLY C 139 35.45 -20.14 -20.94
C GLY C 139 34.50 -21.29 -20.75
N ILE C 140 33.73 -21.57 -21.80
CA ILE C 140 32.58 -22.47 -21.74
C ILE C 140 32.50 -23.26 -23.05
N VAL C 141 32.34 -24.58 -22.92
CA VAL C 141 32.07 -25.45 -24.07
C VAL C 141 30.84 -26.29 -23.76
N GLU C 142 29.84 -26.19 -24.63
CA GLU C 142 28.66 -27.02 -24.55
C GLU C 142 28.67 -27.98 -25.74
N PHE C 143 28.59 -29.28 -25.45
CA PHE C 143 28.48 -30.28 -26.51
C PHE C 143 27.02 -30.60 -26.78
N SER C 144 26.74 -30.97 -28.04
CA SER C 144 25.41 -31.45 -28.40
C SER C 144 25.06 -32.75 -27.68
N GLY C 145 26.07 -33.47 -27.20
CA GLY C 145 25.84 -34.74 -26.53
C GLY C 145 26.71 -34.85 -25.30
N LYS C 146 26.38 -35.83 -24.47
CA LYS C 146 26.95 -36.04 -23.14
C LYS C 146 28.23 -36.87 -23.19
N PRO C 147 28.33 -37.91 -24.01
CA PRO C 147 29.56 -38.70 -24.04
C PRO C 147 30.72 -37.93 -24.66
N ALA C 148 30.44 -37.00 -25.58
CA ALA C 148 31.46 -36.09 -26.09
C ALA C 148 32.11 -35.29 -24.97
N ALA C 149 31.30 -34.79 -24.04
CA ALA C 149 31.84 -34.12 -22.87
C ALA C 149 32.47 -35.09 -21.89
N ARG C 150 32.18 -36.38 -22.04
CA ARG C 150 32.86 -37.38 -21.23
C ARG C 150 34.30 -37.55 -21.69
N LYS C 151 34.48 -37.83 -22.98
CA LYS C 151 35.82 -37.88 -23.55
C LYS C 151 36.58 -36.62 -23.22
N ALA C 152 36.05 -35.47 -23.64
CA ALA C 152 36.72 -34.18 -23.43
C ALA C 152 37.22 -34.04 -21.99
N LEU C 153 36.38 -34.39 -21.03
CA LEU C 153 36.75 -34.20 -19.64
C LEU C 153 37.94 -35.11 -19.27
N ASP C 154 37.87 -36.39 -19.65
CA ASP C 154 38.91 -37.35 -19.28
C ASP C 154 40.23 -36.99 -19.92
N ARG C 155 40.21 -36.75 -21.24
CA ARG C 155 41.45 -36.49 -21.97
C ARG C 155 42.24 -35.33 -21.36
N CYS C 156 41.56 -34.23 -21.01
CA CYS C 156 42.25 -33.04 -20.56
C CYS C 156 42.72 -33.12 -19.11
N SER C 157 42.22 -34.08 -18.35
CA SER C 157 42.75 -34.34 -17.02
C SER C 157 44.15 -34.93 -17.07
N GLU C 158 44.23 -36.22 -17.45
CA GLU C 158 45.53 -36.90 -17.54
C GLU C 158 46.45 -36.18 -18.52
N GLY C 159 45.89 -35.77 -19.65
CA GLY C 159 46.67 -35.08 -20.66
C GLY C 159 46.97 -33.65 -20.26
N SER C 160 47.72 -33.00 -21.14
CA SER C 160 48.10 -31.60 -20.99
C SER C 160 47.67 -30.92 -22.28
N PHE C 161 46.38 -30.60 -22.35
CA PHE C 161 45.79 -29.99 -23.54
C PHE C 161 46.31 -28.56 -23.71
N LEU C 162 46.83 -28.24 -24.90
CA LEU C 162 47.46 -26.96 -25.16
C LEU C 162 46.72 -26.26 -26.30
N LEU C 163 46.32 -25.01 -26.06
CA LEU C 163 45.51 -24.30 -27.05
C LEU C 163 46.31 -23.40 -27.94
N THR C 164 47.46 -22.93 -27.47
CA THR C 164 48.35 -22.09 -28.24
C THR C 164 49.79 -22.56 -28.02
N THR C 165 50.73 -21.84 -28.62
CA THR C 165 52.13 -22.23 -28.54
C THR C 165 52.60 -22.37 -27.09
N PHE C 166 52.05 -21.58 -26.15
CA PHE C 166 52.59 -21.57 -24.79
C PHE C 166 52.15 -22.83 -24.04
N PRO C 167 53.08 -23.56 -23.44
CA PRO C 167 52.79 -24.91 -22.94
C PRO C 167 52.20 -24.95 -21.54
N ARG C 168 51.16 -24.15 -21.29
CA ARG C 168 50.37 -24.27 -20.09
C ARG C 168 49.08 -24.99 -20.45
N PRO C 169 48.81 -26.18 -19.90
CA PRO C 169 47.57 -26.89 -20.25
C PRO C 169 46.37 -26.32 -19.50
N VAL C 170 45.22 -26.37 -20.17
CA VAL C 170 43.98 -25.84 -19.61
C VAL C 170 43.38 -26.86 -18.67
N THR C 171 42.66 -26.35 -17.67
CA THR C 171 41.91 -27.16 -16.73
C THR C 171 40.47 -27.31 -17.21
N VAL C 172 39.86 -28.47 -16.96
CA VAL C 172 38.59 -28.81 -17.58
C VAL C 172 37.69 -29.65 -16.67
N GLU C 173 36.85 -29.00 -15.86
CA GLU C 173 35.90 -29.74 -15.02
C GLU C 173 34.46 -29.52 -15.48
N PRO C 174 33.47 -30.16 -14.83
CA PRO C 174 32.08 -29.98 -15.28
C PRO C 174 31.55 -28.63 -14.82
N MET C 175 31.03 -27.88 -15.77
CA MET C 175 30.39 -26.61 -15.47
C MET C 175 29.38 -26.79 -14.36
N ASP C 176 29.61 -26.13 -13.24
CA ASP C 176 28.63 -26.09 -12.16
C ASP C 176 27.72 -24.88 -12.40
N GLN C 177 26.60 -25.11 -13.07
CA GLN C 177 25.75 -24.02 -13.49
C GLN C 177 24.92 -23.51 -12.31
N LEU C 178 24.78 -22.21 -12.25
CA LEU C 178 24.03 -21.54 -11.22
C LEU C 178 22.78 -20.91 -11.83
N ASP C 179 21.71 -20.82 -11.05
CA ASP C 179 20.51 -20.13 -11.52
C ASP C 179 20.50 -18.74 -10.90
N ASP C 180 20.66 -17.70 -11.74
CA ASP C 180 20.57 -16.32 -11.28
C ASP C 180 19.31 -15.58 -11.78
N GLU C 181 18.21 -16.30 -12.04
CA GLU C 181 17.05 -15.71 -12.68
C GLU C 181 15.73 -16.10 -12.01
N GLU C 182 15.52 -17.40 -11.83
CA GLU C 182 14.35 -17.85 -11.07
C GLU C 182 14.61 -17.71 -9.58
N GLY C 183 15.77 -18.18 -9.13
CA GLY C 183 16.21 -17.86 -7.78
C GLY C 183 15.56 -18.76 -6.78
N LEU C 184 15.05 -18.18 -5.70
CA LEU C 184 14.32 -18.93 -4.67
C LEU C 184 13.13 -18.11 -4.24
N PRO C 185 11.98 -18.31 -4.88
CA PRO C 185 10.77 -17.60 -4.47
C PRO C 185 10.33 -18.05 -3.09
N GLU C 186 9.63 -17.14 -2.40
CA GLU C 186 9.12 -17.43 -1.06
C GLU C 186 8.30 -18.71 -1.07
N LYS C 187 7.42 -18.87 -2.06
CA LYS C 187 6.54 -20.04 -2.10
C LYS C 187 7.33 -21.33 -1.95
N LEU C 188 8.55 -21.38 -2.47
CA LEU C 188 9.33 -22.60 -2.45
C LEU C 188 10.01 -22.87 -1.11
N VAL C 189 10.24 -21.85 -0.26
CA VAL C 189 10.99 -22.10 0.97
C VAL C 189 10.09 -22.79 1.98
N ILE C 190 10.65 -23.80 2.66
CA ILE C 190 9.88 -24.65 3.57
C ILE C 190 9.67 -23.92 4.89
N LYS C 191 8.42 -23.66 5.23
CA LYS C 191 8.09 -22.83 6.39
C LYS C 191 7.91 -23.72 7.62
N ASN C 192 9.05 -24.24 8.10
CA ASN C 192 9.12 -25.13 9.25
C ASN C 192 9.30 -24.29 10.52
N GLN C 193 9.73 -24.91 11.60
CA GLN C 193 9.86 -24.17 12.84
C GLN C 193 11.06 -23.24 12.82
N GLN C 194 12.16 -23.67 12.17
CA GLN C 194 13.35 -22.81 12.10
C GLN C 194 13.03 -21.51 11.40
N PHE C 195 12.30 -21.60 10.29
CA PHE C 195 11.93 -20.45 9.47
C PHE C 195 11.27 -19.35 10.28
N HIS C 196 10.45 -19.71 11.26
CA HIS C 196 9.76 -18.66 11.99
C HIS C 196 10.66 -18.05 13.03
N LYS C 197 11.46 -18.85 13.72
CA LYS C 197 12.54 -18.29 14.52
C LYS C 197 13.40 -17.32 13.69
N GLU C 198 13.83 -17.74 12.50
CA GLU C 198 14.68 -16.85 11.69
C GLU C 198 13.98 -15.55 11.31
N ARG C 199 12.68 -15.60 11.06
CA ARG C 199 11.97 -14.42 10.58
C ARG C 199 11.43 -13.55 11.71
N GLU C 200 11.58 -13.96 12.98
CA GLU C 200 11.21 -13.12 14.12
C GLU C 200 11.51 -11.65 13.87
N GLN C 201 12.79 -11.32 13.69
CA GLN C 201 13.28 -9.99 13.35
C GLN C 201 13.18 -9.73 11.85
N PRO C 202 12.74 -8.55 11.43
CA PRO C 202 12.75 -8.22 10.01
C PRO C 202 14.12 -7.73 9.60
N PRO C 203 14.31 -7.44 8.31
CA PRO C 203 15.58 -6.82 7.87
C PRO C 203 15.75 -5.44 8.51
N ARG C 204 17.00 -5.11 8.85
CA ARG C 204 17.31 -4.09 9.85
C ARG C 204 18.81 -3.93 10.02
N PHE C 205 19.26 -2.76 10.47
CA PHE C 205 20.66 -2.59 10.83
C PHE C 205 20.83 -2.84 12.33
N ALA C 206 21.83 -3.63 12.70
CA ALA C 206 22.00 -3.94 14.12
C ALA C 206 22.35 -2.68 14.88
N GLN C 207 21.70 -2.49 16.02
CA GLN C 207 22.00 -1.21 16.67
C GLN C 207 23.12 -1.37 17.68
N PRO C 208 23.98 -0.37 17.77
CA PRO C 208 25.14 -0.47 18.69
C PRO C 208 24.69 -0.71 20.13
N GLY C 209 25.37 -1.64 20.80
CA GLY C 209 25.05 -1.99 22.17
C GLY C 209 24.24 -3.25 22.33
N SER C 210 23.53 -3.68 21.28
CA SER C 210 22.81 -4.94 21.33
C SER C 210 23.79 -6.11 21.19
N PHE C 211 23.34 -7.31 21.58
CA PHE C 211 24.24 -8.45 21.46
C PHE C 211 24.52 -8.79 19.99
N GLU C 212 23.50 -8.69 19.13
CA GLU C 212 23.70 -9.02 17.72
C GLU C 212 24.62 -8.05 17.01
N TYR C 213 24.72 -6.80 17.51
CA TYR C 213 25.65 -5.85 16.91
C TYR C 213 27.09 -6.30 17.14
N GLU C 214 27.40 -6.82 18.33
CA GLU C 214 28.76 -7.22 18.66
C GLU C 214 29.18 -8.44 17.85
N TYR C 215 28.29 -9.42 17.69
CA TYR C 215 28.64 -10.52 16.81
C TYR C 215 28.71 -10.06 15.35
N ALA C 216 27.90 -9.08 14.95
CA ALA C 216 28.05 -8.53 13.61
C ALA C 216 29.47 -7.96 13.43
N MET C 217 29.96 -7.19 14.39
CA MET C 217 31.30 -6.63 14.25
C MET C 217 32.36 -7.73 14.21
N ARG C 218 32.24 -8.76 15.05
CA ARG C 218 33.22 -9.84 15.00
C ARG C 218 33.21 -10.51 13.63
N TRP C 219 32.01 -10.71 13.06
CA TRP C 219 31.94 -11.32 11.74
C TRP C 219 32.59 -10.41 10.69
N LYS C 220 32.35 -9.08 10.75
CA LYS C 220 33.04 -8.18 9.83
C LYS C 220 34.54 -8.28 9.99
N ALA C 221 35.03 -8.29 11.24
CA ALA C 221 36.45 -8.51 11.44
C ALA C 221 36.91 -9.83 10.84
N LEU C 222 36.01 -10.81 10.71
CA LEU C 222 36.44 -12.10 10.18
C LEU C 222 36.51 -12.07 8.66
N ILE C 223 35.49 -11.50 8.00
CA ILE C 223 35.51 -11.35 6.55
C ILE C 223 36.71 -10.52 6.14
N GLU C 224 37.01 -9.48 6.91
CA GLU C 224 38.21 -8.70 6.67
C GLU C 224 39.46 -9.57 6.71
N MET C 225 39.48 -10.58 7.60
CA MET C 225 40.68 -11.39 7.74
C MET C 225 40.83 -12.38 6.60
N GLU C 226 39.71 -12.97 6.16
CA GLU C 226 39.73 -13.85 5.00
C GLU C 226 40.21 -13.12 3.76
N LYS C 227 39.61 -11.95 3.50
CA LYS C 227 40.07 -11.15 2.35
C LYS C 227 41.57 -10.97 2.40
N GLN C 228 42.11 -10.70 3.59
CA GLN C 228 43.57 -10.60 3.71
C GLN C 228 44.24 -11.94 3.45
N GLN C 229 43.68 -13.04 3.95
CA GLN C 229 44.30 -14.35 3.74
C GLN C 229 44.21 -14.77 2.27
N GLN C 230 43.12 -14.43 1.59
CA GLN C 230 43.03 -14.77 0.17
C GLN C 230 43.93 -13.88 -0.67
N ASP C 231 44.03 -12.58 -0.36
CA ASP C 231 44.98 -11.74 -1.08
C ASP C 231 46.40 -12.29 -0.95
N GLN C 232 46.81 -12.66 0.26
CA GLN C 232 48.18 -13.13 0.46
C GLN C 232 48.43 -14.42 -0.32
N VAL C 233 47.47 -15.36 -0.30
CA VAL C 233 47.64 -16.58 -1.07
C VAL C 233 47.65 -16.26 -2.56
N ASP C 234 46.75 -15.40 -3.00
CA ASP C 234 46.75 -14.95 -4.39
C ASP C 234 48.12 -14.43 -4.82
N ARG C 235 48.67 -13.50 -4.03
CA ARG C 235 50.01 -13.00 -4.31
C ARG C 235 51.01 -14.15 -4.41
N ASN C 236 51.03 -15.04 -3.42
CA ASN C 236 52.02 -16.11 -3.46
C ASN C 236 51.92 -16.93 -4.75
N ILE C 237 50.70 -17.14 -5.24
CA ILE C 237 50.50 -17.98 -6.42
C ILE C 237 50.98 -17.26 -7.67
N LYS C 238 50.47 -16.04 -7.89
CA LYS C 238 50.89 -15.25 -9.04
C LYS C 238 52.42 -15.17 -9.11
N GLU C 239 53.07 -15.06 -7.96
CA GLU C 239 54.52 -14.99 -7.94
C GLU C 239 55.14 -16.28 -8.46
N ALA C 240 54.74 -17.43 -7.90
CA ALA C 240 55.33 -18.68 -8.36
C ALA C 240 55.07 -18.92 -9.84
N ARG C 241 53.97 -18.38 -10.36
CA ARG C 241 53.73 -18.47 -11.80
C ARG C 241 54.77 -17.67 -12.57
N GLU C 242 55.08 -16.48 -12.09
CA GLU C 242 56.07 -15.66 -12.78
C GLU C 242 57.46 -16.29 -12.71
N LYS C 243 57.76 -17.04 -11.65
CA LYS C 243 58.99 -17.83 -11.67
C LYS C 243 59.03 -18.67 -12.92
N LEU C 244 57.95 -19.43 -13.14
CA LEU C 244 57.91 -20.38 -14.23
C LEU C 244 57.99 -19.67 -15.58
N GLU C 245 57.11 -18.70 -15.82
CA GLU C 245 57.06 -18.02 -17.11
C GLU C 245 58.36 -17.29 -17.40
N MET C 246 59.00 -16.71 -16.37
CA MET C 246 60.25 -16.00 -16.57
C MET C 246 61.29 -16.92 -17.19
N GLU C 247 61.60 -18.03 -16.51
CA GLU C 247 62.64 -18.94 -17.01
C GLU C 247 62.29 -19.52 -18.37
N MET C 248 61.01 -19.54 -18.76
CA MET C 248 60.66 -20.05 -20.08
C MET C 248 61.04 -19.10 -21.20
N GLU C 249 61.03 -17.78 -20.96
CA GLU C 249 61.33 -16.81 -22.01
C GLU C 249 62.77 -16.94 -22.53
N ALA C 250 63.58 -17.89 -22.03
CA ALA C 250 64.70 -18.40 -22.82
C ALA C 250 64.11 -19.18 -23.99
N ALA C 251 63.57 -18.45 -24.98
CA ALA C 251 62.93 -19.05 -26.14
C ALA C 251 63.79 -18.82 -27.38
N THR D 4 4.54 -16.56 -38.25
CA THR D 4 3.10 -16.33 -38.11
C THR D 4 2.61 -16.82 -36.73
N ILE D 5 2.95 -16.09 -35.65
CA ILE D 5 2.72 -16.55 -34.29
C ILE D 5 2.13 -15.44 -33.42
N ASP D 6 1.38 -15.86 -32.39
CA ASP D 6 0.70 -14.97 -31.44
C ASP D 6 0.90 -15.45 -30.01
N LEU D 7 0.77 -14.51 -29.07
CA LEU D 7 0.99 -14.81 -27.66
C LEU D 7 0.17 -13.85 -26.81
N LYS D 8 0.06 -14.14 -25.50
CA LYS D 8 -0.86 -13.38 -24.64
C LYS D 8 -0.22 -12.32 -23.75
N ASN D 9 -0.01 -12.62 -22.47
CA ASN D 9 0.42 -11.63 -21.48
C ASN D 9 1.57 -12.17 -20.64
N PHE D 10 2.64 -11.36 -20.52
CA PHE D 10 3.90 -11.76 -19.85
C PHE D 10 3.73 -12.86 -18.78
N LYS D 16 7.86 -6.77 -12.64
CA LYS D 16 8.18 -5.34 -12.64
C LYS D 16 8.60 -4.83 -14.02
N THR D 17 8.20 -3.60 -14.38
CA THR D 17 8.24 -3.19 -15.78
C THR D 17 9.15 -1.99 -16.00
N PHE D 18 9.71 -1.93 -17.21
CA PHE D 18 10.55 -0.83 -17.66
C PHE D 18 11.82 -0.70 -16.81
N THR D 19 12.43 -1.85 -16.50
CA THR D 19 13.69 -1.91 -15.80
C THR D 19 14.85 -1.87 -16.79
N GLN D 20 16.06 -1.65 -16.25
CA GLN D 20 17.28 -1.72 -17.06
C GLN D 20 17.38 -3.01 -17.85
N ARG D 21 16.76 -4.08 -17.36
CA ARG D 21 16.86 -5.38 -18.02
C ARG D 21 15.98 -5.49 -19.24
N SER D 22 15.15 -4.51 -19.52
CA SER D 22 14.50 -4.51 -20.82
C SER D 22 14.95 -3.27 -21.59
N ARG D 23 16.18 -2.81 -21.31
CA ARG D 23 16.77 -1.68 -22.03
C ARG D 23 17.66 -2.23 -23.13
N LEU D 24 17.33 -1.88 -24.37
CA LEU D 24 18.05 -2.37 -25.54
C LEU D 24 18.97 -1.31 -26.11
N PHE D 25 20.20 -1.71 -26.42
CA PHE D 25 21.10 -0.93 -27.25
C PHE D 25 20.75 -1.13 -28.73
N VAL D 26 20.66 -0.04 -29.47
CA VAL D 26 20.42 -0.10 -30.91
C VAL D 26 21.52 0.69 -31.61
N GLY D 27 22.38 -0.03 -32.35
CA GLY D 27 23.53 0.58 -32.99
C GLY D 27 23.44 0.52 -34.51
N ASN D 28 24.38 1.22 -35.15
CA ASN D 28 24.41 1.35 -36.60
C ASN D 28 23.17 2.06 -37.14
N LEU D 29 22.76 3.14 -36.49
CA LEU D 29 21.62 3.85 -37.01
C LEU D 29 22.05 4.73 -38.18
N PRO D 30 21.12 5.04 -39.09
CA PRO D 30 21.42 6.05 -40.09
C PRO D 30 21.56 7.40 -39.44
N PRO D 31 22.35 8.33 -40.02
CA PRO D 31 22.51 9.66 -39.40
C PRO D 31 21.27 10.53 -39.47
N ASP D 32 20.28 10.18 -40.28
CA ASP D 32 19.00 10.89 -40.28
C ASP D 32 17.98 10.26 -39.34
N ILE D 33 18.39 9.30 -38.50
CA ILE D 33 17.46 8.66 -37.58
C ILE D 33 16.87 9.73 -36.67
N THR D 34 15.60 9.55 -36.34
CA THR D 34 14.90 10.43 -35.42
C THR D 34 14.37 9.60 -34.26
N GLU D 35 14.11 10.27 -33.13
CA GLU D 35 13.49 9.57 -32.01
C GLU D 35 12.18 8.91 -32.42
N GLU D 36 11.41 9.55 -33.30
CA GLU D 36 10.11 8.98 -33.69
C GLU D 36 10.28 7.69 -34.48
N GLU D 37 11.10 7.73 -35.53
CA GLU D 37 11.40 6.52 -36.30
C GLU D 37 11.86 5.41 -35.37
N MET D 38 12.63 5.76 -34.33
CA MET D 38 13.07 4.78 -33.35
C MET D 38 11.89 4.16 -32.63
N ARG D 39 10.99 5.00 -32.10
CA ARG D 39 9.85 4.45 -31.38
C ARG D 39 8.99 3.60 -32.29
N LYS D 40 8.90 3.97 -33.56
CA LYS D 40 8.02 3.27 -34.49
C LYS D 40 8.54 1.87 -34.80
N LEU D 41 9.88 1.72 -34.88
CA LEU D 41 10.49 0.41 -35.08
C LEU D 41 10.04 -0.60 -34.02
N PHE D 42 9.79 -0.15 -32.80
CA PHE D 42 9.48 -1.04 -31.70
C PHE D 42 8.00 -1.01 -31.29
N GLU D 43 7.16 -0.29 -32.04
CA GLU D 43 5.81 -0.02 -31.53
C GLU D 43 4.96 -1.29 -31.43
N LYS D 44 5.24 -2.31 -32.26
CA LYS D 44 4.49 -3.55 -32.09
C LYS D 44 4.71 -4.14 -30.71
N TYR D 45 5.84 -3.81 -30.03
CA TYR D 45 6.17 -4.37 -28.73
C TYR D 45 5.63 -3.55 -27.56
N GLY D 46 4.67 -2.66 -27.81
CA GLY D 46 4.05 -1.88 -26.76
C GLY D 46 4.73 -0.54 -26.52
N LYS D 47 4.11 0.25 -25.64
CA LYS D 47 4.68 1.51 -25.20
C LYS D 47 6.16 1.33 -24.87
N ALA D 48 6.96 2.33 -25.22
CA ALA D 48 8.36 2.39 -24.82
C ALA D 48 8.53 3.41 -23.71
N GLY D 49 9.41 3.11 -22.75
CA GLY D 49 9.86 4.11 -21.79
C GLY D 49 10.94 5.02 -22.34
N GLU D 50 11.97 5.29 -21.55
CA GLU D 50 13.03 6.20 -22.00
C GLU D 50 13.54 5.79 -23.37
N VAL D 51 13.71 6.77 -24.26
CA VAL D 51 14.51 6.62 -25.47
C VAL D 51 15.66 7.61 -25.40
N PHE D 52 16.85 7.15 -25.72
CA PHE D 52 17.98 8.06 -25.92
C PHE D 52 18.54 7.80 -27.30
N ILE D 53 18.95 8.88 -27.98
CA ILE D 53 19.55 8.77 -29.30
C ILE D 53 20.71 9.73 -29.38
N HIS D 54 21.81 9.26 -29.96
CA HIS D 54 22.96 10.11 -30.28
C HIS D 54 23.14 10.03 -31.80
N LYS D 55 22.73 11.08 -32.52
CA LYS D 55 22.69 11.00 -33.98
C LYS D 55 24.08 10.74 -34.58
N ASP D 56 25.09 11.53 -34.14
CA ASP D 56 26.39 11.54 -34.82
C ASP D 56 27.11 10.21 -34.70
N LYS D 57 27.04 9.56 -33.53
CA LYS D 57 27.66 8.25 -33.33
C LYS D 57 26.75 7.09 -33.69
N GLY D 58 25.47 7.36 -34.01
CA GLY D 58 24.66 6.34 -34.66
C GLY D 58 24.02 5.30 -33.76
N PHE D 59 23.79 5.61 -32.48
CA PHE D 59 23.20 4.62 -31.59
C PHE D 59 22.23 5.29 -30.65
N GLY D 60 21.38 4.44 -30.07
CA GLY D 60 20.49 4.89 -29.02
C GLY D 60 20.13 3.78 -28.05
N PHE D 61 19.22 4.10 -27.14
CA PHE D 61 18.67 3.16 -26.19
C PHE D 61 17.17 3.28 -26.24
N ILE D 62 16.50 2.18 -25.94
CA ILE D 62 15.05 2.16 -25.80
C ILE D 62 14.69 1.11 -24.77
N ARG D 63 13.76 1.44 -23.91
CA ARG D 63 13.41 0.58 -22.79
C ARG D 63 12.00 0.03 -23.02
N LEU D 64 11.90 -1.29 -23.21
CA LEU D 64 10.59 -1.93 -23.37
C LEU D 64 10.03 -2.36 -22.02
N GLU D 65 8.77 -2.82 -22.04
CA GLU D 65 8.04 -3.03 -20.80
C GLU D 65 8.62 -4.17 -19.97
N THR D 66 8.96 -5.29 -20.60
CA THR D 66 9.41 -6.47 -19.88
C THR D 66 10.62 -7.09 -20.56
N ARG D 67 11.36 -7.91 -19.79
CA ARG D 67 12.58 -8.51 -20.31
C ARG D 67 12.26 -9.45 -21.47
N THR D 68 11.10 -10.09 -21.44
CA THR D 68 10.77 -11.03 -22.49
C THR D 68 10.36 -10.31 -23.77
N LEU D 69 9.62 -9.21 -23.66
CA LEU D 69 9.36 -8.41 -24.85
C LEU D 69 10.67 -7.97 -25.49
N ALA D 70 11.58 -7.41 -24.69
CA ALA D 70 12.86 -7.02 -25.24
C ALA D 70 13.51 -8.19 -25.95
N GLU D 71 13.44 -9.39 -25.36
CA GLU D 71 14.07 -10.56 -25.98
C GLU D 71 13.51 -10.83 -27.37
N ILE D 72 12.19 -10.68 -27.53
CA ILE D 72 11.58 -10.85 -28.85
C ILE D 72 11.96 -9.68 -29.76
N ALA D 73 11.82 -8.45 -29.26
CA ALA D 73 12.30 -7.28 -30.00
C ALA D 73 13.72 -7.47 -30.50
N LYS D 74 14.59 -8.00 -29.64
CA LYS D 74 16.00 -8.10 -30.01
C LYS D 74 16.21 -9.01 -31.21
N VAL D 75 15.52 -10.13 -31.27
CA VAL D 75 15.71 -11.07 -32.37
C VAL D 75 15.15 -10.51 -33.66
N GLU D 76 13.95 -9.94 -33.59
CA GLU D 76 13.27 -9.40 -34.77
C GLU D 76 14.08 -8.28 -35.41
N LEU D 77 14.77 -7.47 -34.59
CA LEU D 77 15.37 -6.26 -35.11
C LEU D 77 16.89 -6.30 -35.27
N ASP D 78 17.57 -7.24 -34.60
CA ASP D 78 18.99 -7.43 -34.92
C ASP D 78 19.17 -7.67 -36.41
N ASN D 79 20.20 -7.06 -36.98
CA ASN D 79 20.55 -7.23 -38.40
C ASN D 79 19.49 -6.69 -39.35
N MET D 80 18.40 -6.18 -38.82
CA MET D 80 17.43 -5.55 -39.70
C MET D 80 18.17 -4.50 -40.53
N PRO D 81 17.89 -4.43 -41.83
CA PRO D 81 18.56 -3.43 -42.67
C PRO D 81 17.76 -2.14 -42.70
N LEU D 82 18.49 -1.02 -42.59
CA LEU D 82 17.87 0.29 -42.53
C LEU D 82 18.78 1.28 -43.24
N ARG D 83 18.23 1.96 -44.27
CA ARG D 83 18.93 2.94 -45.10
C ARG D 83 20.45 2.83 -45.04
N GLY D 84 20.99 1.66 -45.37
CA GLY D 84 22.43 1.59 -45.58
C GLY D 84 23.18 0.75 -44.58
N LYS D 85 22.93 1.01 -43.30
CA LYS D 85 23.54 0.22 -42.24
C LYS D 85 22.68 -1.01 -41.98
N GLN D 86 23.19 -1.88 -41.10
CA GLN D 86 22.47 -3.05 -40.63
C GLN D 86 22.46 -3.02 -39.12
N LEU D 87 21.27 -2.93 -38.53
CA LEU D 87 21.13 -2.59 -37.11
C LEU D 87 21.79 -3.62 -36.21
N ARG D 88 22.42 -3.15 -35.15
CA ARG D 88 22.92 -4.02 -34.09
C ARG D 88 22.07 -3.78 -32.85
N VAL D 89 21.37 -4.83 -32.40
CA VAL D 89 20.51 -4.75 -31.22
C VAL D 89 21.02 -5.77 -30.20
N ARG D 90 21.24 -5.31 -28.99
CA ARG D 90 21.49 -6.23 -27.89
C ARG D 90 21.10 -5.56 -26.58
N PHE D 91 21.20 -6.31 -25.49
CA PHE D 91 20.85 -5.78 -24.18
C PHE D 91 21.95 -4.89 -23.66
N ALA D 92 21.55 -3.75 -23.09
CA ALA D 92 22.50 -2.92 -22.39
C ALA D 92 22.95 -3.63 -21.11
N CYS D 93 23.94 -3.05 -20.43
CA CYS D 93 24.40 -3.63 -19.18
C CYS D 93 23.78 -2.88 -18.03
N HIS D 94 23.54 -3.59 -16.94
CA HIS D 94 22.98 -2.96 -15.76
C HIS D 94 23.98 -2.01 -15.14
N SER D 95 23.55 -0.80 -14.87
CA SER D 95 24.44 0.18 -14.28
C SER D 95 24.46 0.13 -12.75
N ALA D 96 23.51 -0.54 -12.12
CA ALA D 96 23.31 -0.41 -10.68
C ALA D 96 23.02 -1.77 -10.03
N SER D 97 23.92 -2.72 -10.22
CA SER D 97 23.69 -4.11 -9.85
C SER D 97 24.66 -4.48 -8.75
N LEU D 98 24.20 -5.25 -7.77
CA LEU D 98 25.00 -5.55 -6.59
C LEU D 98 25.07 -7.04 -6.33
N THR D 99 26.23 -7.51 -5.90
CA THR D 99 26.37 -8.85 -5.37
C THR D 99 26.20 -8.80 -3.86
N VAL D 100 25.47 -9.77 -3.33
CA VAL D 100 25.30 -9.91 -1.90
C VAL D 100 25.86 -11.28 -1.52
N ARG D 101 26.83 -11.29 -0.60
N ARG D 101 26.85 -11.28 -0.61
CA ARG D 101 27.46 -12.51 -0.14
CA ARG D 101 27.49 -12.50 -0.13
C ARG D 101 27.00 -12.84 1.27
C ARG D 101 27.01 -12.84 1.28
N ASN D 102 27.05 -14.13 1.61
CA ASN D 102 26.81 -14.60 2.97
C ASN D 102 25.36 -14.42 3.41
N LEU D 103 24.42 -14.66 2.51
CA LEU D 103 23.02 -14.66 2.91
C LEU D 103 22.79 -15.74 3.95
N PRO D 104 21.93 -15.50 4.92
CA PRO D 104 21.57 -16.53 5.88
C PRO D 104 20.47 -17.44 5.33
N GLN D 105 20.21 -18.51 6.08
CA GLN D 105 19.17 -19.44 5.70
C GLN D 105 17.79 -18.77 5.66
N TYR D 106 16.88 -19.41 4.95
CA TYR D 106 15.45 -19.06 4.94
C TYR D 106 15.23 -17.66 4.37
N VAL D 107 16.03 -17.31 3.37
CA VAL D 107 15.94 -16.02 2.67
C VAL D 107 15.47 -16.26 1.24
N SER D 108 14.54 -15.44 0.77
CA SER D 108 13.93 -15.61 -0.54
C SER D 108 14.20 -14.38 -1.41
N ASN D 109 13.90 -14.53 -2.70
CA ASN D 109 13.87 -13.37 -3.60
C ASN D 109 13.06 -12.24 -2.96
N GLU D 110 11.89 -12.56 -2.44
CA GLU D 110 10.99 -11.51 -1.97
C GLU D 110 11.55 -10.80 -0.75
N LEU D 111 12.14 -11.54 0.20
CA LEU D 111 12.69 -10.88 1.38
C LEU D 111 13.95 -10.10 1.02
N LEU D 112 14.78 -10.63 0.12
CA LEU D 112 15.94 -9.88 -0.33
C LEU D 112 15.52 -8.53 -0.91
N GLU D 113 14.47 -8.53 -1.70
CA GLU D 113 14.05 -7.29 -2.33
C GLU D 113 13.47 -6.33 -1.31
N GLU D 114 12.63 -6.84 -0.41
CA GLU D 114 12.11 -6.02 0.69
C GLU D 114 13.27 -5.34 1.44
N ALA D 115 14.25 -6.13 1.90
CA ALA D 115 15.36 -5.57 2.65
C ALA D 115 15.98 -4.38 1.94
N PHE D 116 16.46 -4.60 0.71
CA PHE D 116 17.24 -3.55 0.08
C PHE D 116 16.38 -2.40 -0.41
N SER D 117 15.07 -2.54 -0.40
CA SER D 117 14.29 -1.40 -0.84
C SER D 117 14.39 -0.25 0.13
N VAL D 118 15.01 -0.47 1.29
CA VAL D 118 15.26 0.62 2.20
C VAL D 118 16.27 1.61 1.62
N PHE D 119 17.03 1.20 0.61
CA PHE D 119 18.08 2.04 0.03
C PHE D 119 17.63 2.74 -1.25
N GLY D 120 16.60 2.24 -1.89
CA GLY D 120 16.17 2.82 -3.15
C GLY D 120 15.19 1.89 -3.83
N GLN D 121 14.92 2.22 -5.08
CA GLN D 121 13.98 1.43 -5.84
C GLN D 121 14.69 0.17 -6.35
N VAL D 122 14.25 -0.99 -5.89
CA VAL D 122 14.76 -2.27 -6.33
C VAL D 122 13.92 -2.73 -7.52
N GLU D 123 14.59 -3.06 -8.62
CA GLU D 123 13.93 -3.64 -9.77
C GLU D 123 13.75 -5.15 -9.61
N ARG D 124 14.72 -5.82 -9.01
CA ARG D 124 14.81 -7.27 -9.03
C ARG D 124 15.82 -7.70 -7.99
N ALA D 125 15.51 -8.73 -7.22
CA ALA D 125 16.50 -9.38 -6.38
C ALA D 125 16.30 -10.89 -6.51
N VAL D 126 17.39 -11.62 -6.62
CA VAL D 126 17.33 -13.08 -6.74
C VAL D 126 18.27 -13.70 -5.71
N VAL D 127 17.78 -14.70 -4.99
CA VAL D 127 18.63 -15.64 -4.27
C VAL D 127 19.12 -16.70 -5.25
N ILE D 128 20.43 -16.79 -5.43
CA ILE D 128 20.98 -17.75 -6.38
C ILE D 128 20.90 -19.17 -5.82
N VAL D 129 20.58 -20.12 -6.71
CA VAL D 129 20.48 -21.53 -6.37
C VAL D 129 21.35 -22.31 -7.34
N ASP D 130 21.87 -23.45 -6.88
CA ASP D 130 22.65 -24.33 -7.74
C ASP D 130 21.74 -25.40 -8.38
N ASP D 131 22.32 -26.14 -9.32
CA ASP D 131 21.55 -27.14 -10.07
C ASP D 131 20.81 -28.13 -9.18
N ARG D 132 21.26 -28.32 -7.93
CA ARG D 132 20.64 -29.26 -7.01
C ARG D 132 19.57 -28.62 -6.11
N GLY D 133 19.24 -27.34 -6.35
CA GLY D 133 18.13 -26.71 -5.68
C GLY D 133 18.44 -25.93 -4.43
N ARG D 134 19.74 -25.85 -4.02
CA ARG D 134 20.06 -25.23 -2.73
C ARG D 134 20.72 -23.86 -2.92
N PRO D 135 20.35 -22.88 -2.10
CA PRO D 135 20.98 -21.55 -2.19
C PRO D 135 22.50 -21.66 -2.11
N SER D 136 23.19 -20.89 -2.94
CA SER D 136 24.65 -20.82 -2.89
C SER D 136 25.14 -19.89 -1.78
N GLY D 137 24.29 -19.00 -1.29
CA GLY D 137 24.69 -18.00 -0.33
C GLY D 137 24.90 -16.64 -0.91
N LYS D 138 24.94 -16.52 -2.24
CA LYS D 138 25.07 -15.23 -2.91
C LYS D 138 23.71 -14.75 -3.38
N GLY D 139 23.64 -13.46 -3.71
CA GLY D 139 22.41 -12.90 -4.22
C GLY D 139 22.71 -11.80 -5.21
N ILE D 140 21.64 -11.36 -5.88
CA ILE D 140 21.69 -10.23 -6.79
C ILE D 140 20.62 -9.24 -6.39
N VAL D 141 21.00 -7.97 -6.31
CA VAL D 141 20.05 -6.88 -6.12
C VAL D 141 20.32 -5.86 -7.21
N GLU D 142 19.30 -5.58 -8.01
CA GLU D 142 19.40 -4.62 -9.10
C GLU D 142 18.58 -3.41 -8.72
N PHE D 143 19.24 -2.27 -8.58
CA PHE D 143 18.54 -1.04 -8.30
C PHE D 143 18.20 -0.32 -9.60
N SER D 144 17.25 0.60 -9.50
CA SER D 144 16.86 1.40 -10.66
C SER D 144 17.99 2.32 -11.13
N GLY D 145 18.78 2.85 -10.19
CA GLY D 145 19.79 3.85 -10.52
C GLY D 145 20.96 3.79 -9.57
N LYS D 146 22.14 4.11 -10.11
CA LYS D 146 23.38 4.07 -9.33
C LYS D 146 23.24 4.63 -7.93
N PRO D 147 22.58 5.76 -7.69
CA PRO D 147 22.61 6.35 -6.34
C PRO D 147 22.09 5.41 -5.26
N ALA D 148 20.95 4.76 -5.50
CA ALA D 148 20.45 3.77 -4.53
C ALA D 148 21.50 2.69 -4.27
N ALA D 149 22.19 2.26 -5.31
CA ALA D 149 23.19 1.20 -5.17
C ALA D 149 24.43 1.70 -4.43
N ARG D 150 24.77 2.98 -4.58
CA ARG D 150 25.85 3.52 -3.78
C ARG D 150 25.46 3.61 -2.30
N LYS D 151 24.21 3.98 -2.00
CA LYS D 151 23.74 3.96 -0.62
C LYS D 151 23.84 2.55 0.00
N ALA D 152 23.28 1.55 -0.69
CA ALA D 152 23.39 0.17 -0.25
C ALA D 152 24.83 -0.22 0.03
N LEU D 153 25.72 0.01 -0.94
CA LEU D 153 27.13 -0.30 -0.75
C LEU D 153 27.70 0.37 0.48
N ASP D 154 27.39 1.65 0.68
CA ASP D 154 28.00 2.38 1.80
C ASP D 154 27.40 1.94 3.13
N ARG D 155 26.07 1.95 3.23
CA ARG D 155 25.48 1.63 4.51
C ARG D 155 25.84 0.20 4.94
N CYS D 156 25.92 -0.75 4.00
CA CYS D 156 26.18 -2.16 4.36
C CYS D 156 27.64 -2.43 4.66
N SER D 157 28.53 -1.50 4.29
CA SER D 157 29.92 -1.55 4.71
C SER D 157 30.08 -0.91 6.08
N GLU D 158 29.48 0.28 6.27
CA GLU D 158 29.53 0.95 7.57
C GLU D 158 28.70 0.22 8.63
N GLY D 159 27.49 -0.20 8.26
CA GLY D 159 26.60 -0.84 9.19
C GLY D 159 26.66 -2.36 9.14
N SER D 160 25.86 -2.98 9.97
CA SER D 160 25.67 -4.43 9.94
C SER D 160 24.22 -4.68 9.55
N PHE D 161 24.01 -5.10 8.30
CA PHE D 161 22.70 -5.32 7.74
C PHE D 161 22.33 -6.79 7.95
N LEU D 162 21.28 -7.03 8.72
CA LEU D 162 20.84 -8.37 9.10
C LEU D 162 19.52 -8.68 8.42
N LEU D 163 19.47 -9.77 7.68
CA LEU D 163 18.26 -10.12 6.95
C LEU D 163 17.34 -10.99 7.76
N THR D 164 17.89 -11.77 8.69
CA THR D 164 17.03 -12.57 9.54
C THR D 164 17.42 -12.36 11.01
N THR D 165 16.88 -13.21 11.87
CA THR D 165 17.25 -13.17 13.28
C THR D 165 18.74 -13.37 13.47
N PHE D 166 19.38 -14.12 12.58
CA PHE D 166 20.73 -14.60 12.84
C PHE D 166 21.75 -13.46 12.71
N PRO D 167 22.67 -13.30 13.68
CA PRO D 167 23.46 -12.06 13.76
C PRO D 167 24.67 -12.04 12.83
N ARG D 168 24.48 -12.49 11.60
CA ARG D 168 25.55 -12.49 10.62
C ARG D 168 25.26 -11.51 9.49
N PRO D 169 25.97 -10.39 9.41
CA PRO D 169 25.66 -9.38 8.40
C PRO D 169 26.08 -9.79 6.99
N VAL D 170 25.40 -9.25 6.01
CA VAL D 170 25.64 -9.61 4.62
C VAL D 170 26.72 -8.71 4.05
N THR D 171 27.48 -9.25 3.11
CA THR D 171 28.48 -8.48 2.39
C THR D 171 27.88 -7.97 1.09
N VAL D 172 28.03 -6.68 0.83
CA VAL D 172 27.51 -6.11 -0.39
C VAL D 172 28.67 -5.57 -1.20
N GLU D 173 28.76 -5.99 -2.45
CA GLU D 173 29.81 -5.54 -3.35
C GLU D 173 29.25 -5.31 -4.75
N PRO D 174 29.91 -4.47 -5.54
CA PRO D 174 29.45 -4.24 -6.92
C PRO D 174 29.44 -5.55 -7.71
N MET D 175 28.36 -5.73 -8.47
CA MET D 175 28.27 -6.87 -9.36
C MET D 175 29.41 -6.85 -10.35
N ASP D 176 30.10 -7.98 -10.49
CA ASP D 176 31.16 -8.11 -11.48
C ASP D 176 30.52 -8.57 -12.79
N GLN D 177 30.35 -7.64 -13.74
CA GLN D 177 29.66 -7.95 -14.99
C GLN D 177 30.58 -8.76 -15.93
N LEU D 178 30.21 -10.01 -16.17
CA LEU D 178 30.96 -10.94 -17.02
C LEU D 178 30.11 -11.32 -18.24
N ASP D 179 30.75 -11.43 -19.40
CA ASP D 179 30.05 -11.68 -20.65
C ASP D 179 30.33 -13.10 -21.14
N ASP D 180 29.33 -13.97 -21.03
CA ASP D 180 29.40 -15.31 -21.58
C ASP D 180 28.49 -15.46 -22.80
N GLU D 181 28.21 -14.37 -23.49
CA GLU D 181 27.30 -14.37 -24.63
C GLU D 181 28.06 -14.18 -25.94
N GLU D 182 28.60 -12.99 -26.18
CA GLU D 182 29.52 -12.85 -27.31
C GLU D 182 30.87 -13.47 -27.00
N GLY D 183 31.38 -13.23 -25.79
CA GLY D 183 32.71 -13.69 -25.49
C GLY D 183 33.73 -12.88 -26.27
N LEU D 184 34.81 -13.56 -26.65
CA LEU D 184 35.89 -12.93 -27.41
C LEU D 184 35.95 -13.51 -28.82
N PRO D 185 35.17 -12.97 -29.77
CA PRO D 185 35.22 -13.51 -31.12
C PRO D 185 36.53 -13.17 -31.81
N GLU D 186 36.93 -14.07 -32.73
CA GLU D 186 38.22 -14.01 -33.40
C GLU D 186 38.44 -12.70 -34.14
N LYS D 187 37.36 -11.99 -34.50
CA LYS D 187 37.53 -10.71 -35.20
C LYS D 187 38.15 -9.66 -34.29
N LEU D 188 37.77 -9.64 -33.02
CA LEU D 188 38.22 -8.61 -32.08
C LEU D 188 39.55 -8.93 -31.41
N VAL D 189 40.16 -10.07 -31.72
CA VAL D 189 41.44 -10.44 -31.14
C VAL D 189 42.55 -9.68 -31.86
N ILE D 190 43.37 -8.96 -31.10
CA ILE D 190 44.35 -8.07 -31.72
C ILE D 190 45.46 -8.92 -32.32
N LYS D 191 45.72 -8.73 -33.60
CA LYS D 191 46.77 -9.47 -34.28
C LYS D 191 48.04 -8.61 -34.22
N ASN D 192 48.92 -8.97 -33.30
CA ASN D 192 50.20 -8.31 -33.12
C ASN D 192 51.28 -9.37 -33.02
N GLN D 193 52.53 -8.92 -32.86
CA GLN D 193 53.68 -9.80 -32.70
C GLN D 193 53.31 -11.06 -31.92
N GLN D 194 52.74 -10.85 -30.72
CA GLN D 194 52.54 -11.95 -29.77
C GLN D 194 51.44 -12.91 -30.23
N PHE D 195 50.41 -12.40 -30.92
CA PHE D 195 49.35 -13.27 -31.42
C PHE D 195 49.89 -14.37 -32.32
N HIS D 196 50.70 -14.00 -33.31
CA HIS D 196 51.17 -15.01 -34.25
C HIS D 196 52.12 -15.98 -33.59
N LYS D 197 52.83 -15.54 -32.55
CA LYS D 197 53.64 -16.47 -31.77
C LYS D 197 52.77 -17.55 -31.16
N GLU D 198 51.71 -17.15 -30.47
CA GLU D 198 50.83 -18.11 -29.82
C GLU D 198 50.00 -18.92 -30.80
N ARG D 199 49.89 -18.49 -32.06
CA ARG D 199 49.12 -19.25 -33.03
C ARG D 199 49.97 -20.19 -33.88
N GLU D 200 51.29 -20.00 -33.90
CA GLU D 200 52.16 -20.88 -34.65
C GLU D 200 51.87 -22.35 -34.32
N GLN D 201 51.70 -22.70 -32.95
CA GLN D 201 51.20 -24.07 -32.79
C GLN D 201 49.68 -24.08 -32.67
N PRO D 202 49.02 -25.11 -33.21
CA PRO D 202 47.56 -25.23 -33.06
C PRO D 202 47.20 -26.14 -31.89
N PRO D 203 45.91 -26.27 -31.56
CA PRO D 203 45.53 -27.01 -30.35
C PRO D 203 45.87 -28.50 -30.48
N ARG D 204 46.37 -29.06 -29.38
CA ARG D 204 47.02 -30.36 -29.39
C ARG D 204 47.17 -30.80 -27.95
N PHE D 205 47.63 -32.03 -27.78
CA PHE D 205 48.10 -32.53 -26.50
C PHE D 205 49.62 -32.54 -26.49
N ALA D 206 50.19 -32.28 -25.31
CA ALA D 206 51.64 -32.36 -25.20
C ALA D 206 52.08 -33.81 -25.42
N GLN D 207 53.19 -33.97 -26.14
CA GLN D 207 53.67 -35.30 -26.53
C GLN D 207 54.82 -35.72 -25.63
N PRO D 208 54.70 -36.80 -24.86
CA PRO D 208 55.85 -37.28 -24.09
C PRO D 208 57.07 -37.38 -24.99
N GLY D 209 58.19 -36.84 -24.52
CA GLY D 209 59.35 -36.74 -25.37
C GLY D 209 59.64 -35.31 -25.77
N SER D 210 58.64 -34.63 -26.35
CA SER D 210 58.82 -33.27 -26.88
C SER D 210 59.38 -32.31 -25.82
N PHE D 211 59.91 -31.17 -26.29
CA PHE D 211 60.57 -30.23 -25.38
C PHE D 211 59.57 -29.47 -24.53
N GLU D 212 58.36 -29.25 -25.05
CA GLU D 212 57.34 -28.60 -24.25
C GLU D 212 56.65 -29.57 -23.30
N TYR D 213 56.86 -30.88 -23.46
CA TYR D 213 56.22 -31.83 -22.55
C TYR D 213 56.67 -31.58 -21.11
N GLU D 214 57.95 -31.26 -20.92
CA GLU D 214 58.46 -31.01 -19.58
C GLU D 214 57.87 -29.72 -18.99
N TYR D 215 57.82 -28.65 -19.77
CA TYR D 215 57.20 -27.42 -19.27
C TYR D 215 55.76 -27.66 -18.86
N ALA D 216 54.96 -28.25 -19.75
CA ALA D 216 53.55 -28.44 -19.46
C ALA D 216 53.30 -29.34 -18.27
N MET D 217 54.29 -30.11 -17.83
CA MET D 217 54.10 -31.02 -16.70
C MET D 217 54.44 -30.38 -15.37
N ARG D 218 55.40 -29.46 -15.36
CA ARG D 218 55.53 -28.54 -14.24
C ARG D 218 54.25 -27.74 -14.06
N TRP D 219 53.92 -26.92 -15.07
CA TRP D 219 52.67 -26.16 -15.10
C TRP D 219 51.56 -27.00 -14.50
N LYS D 220 51.34 -28.19 -15.05
CA LYS D 220 50.28 -29.05 -14.54
C LYS D 220 50.51 -29.37 -13.06
N ALA D 221 51.76 -29.55 -12.67
CA ALA D 221 52.08 -29.84 -11.29
C ALA D 221 52.10 -28.57 -10.44
N LEU D 222 52.43 -27.42 -11.05
CA LEU D 222 52.29 -26.19 -10.30
C LEU D 222 50.82 -25.86 -10.05
N ILE D 223 49.96 -26.16 -11.02
CA ILE D 223 48.53 -26.00 -10.84
C ILE D 223 47.97 -26.95 -9.78
N GLU D 224 48.66 -28.07 -9.51
CA GLU D 224 48.22 -28.96 -8.44
C GLU D 224 48.63 -28.44 -7.07
N MET D 225 49.76 -27.74 -6.95
CA MET D 225 50.07 -27.12 -5.68
C MET D 225 49.11 -25.97 -5.39
N GLU D 226 48.82 -25.14 -6.39
CA GLU D 226 47.85 -24.07 -6.21
C GLU D 226 46.51 -24.60 -5.71
N LYS D 227 46.14 -25.81 -6.11
CA LYS D 227 44.92 -26.40 -5.57
C LYS D 227 45.09 -26.74 -4.09
N GLN D 228 46.19 -27.39 -3.73
CA GLN D 228 46.40 -27.74 -2.33
C GLN D 228 46.42 -26.50 -1.45
N GLN D 229 47.05 -25.41 -1.93
CA GLN D 229 47.12 -24.19 -1.13
C GLN D 229 45.72 -23.63 -0.89
N GLN D 230 45.00 -23.34 -1.96
CA GLN D 230 43.60 -22.95 -1.86
C GLN D 230 42.83 -23.88 -0.93
N ASP D 231 43.05 -25.19 -1.08
CA ASP D 231 42.33 -26.13 -0.24
C ASP D 231 42.62 -25.89 1.23
N GLN D 232 43.87 -25.53 1.56
CA GLN D 232 44.18 -25.21 2.94
C GLN D 232 43.54 -23.88 3.36
N VAL D 233 43.52 -22.89 2.46
CA VAL D 233 42.83 -21.64 2.77
C VAL D 233 41.37 -21.89 3.11
N ASP D 234 40.69 -22.69 2.29
CA ASP D 234 39.26 -22.90 2.49
C ASP D 234 38.97 -23.67 3.77
N ARG D 235 39.83 -24.62 4.13
CA ARG D 235 39.69 -25.31 5.40
C ARG D 235 39.79 -24.32 6.56
N ASN D 236 40.80 -23.45 6.53
CA ASN D 236 40.98 -22.47 7.60
C ASN D 236 39.78 -21.54 7.70
N ILE D 237 39.37 -20.99 6.56
CA ILE D 237 38.20 -20.12 6.53
C ILE D 237 36.98 -20.85 7.09
N LYS D 238 36.81 -22.11 6.71
CA LYS D 238 35.64 -22.84 7.22
C LYS D 238 35.76 -23.05 8.72
N GLU D 239 36.94 -23.47 9.19
CA GLU D 239 37.12 -23.67 10.62
C GLU D 239 36.73 -22.42 11.40
N ALA D 240 37.27 -21.26 11.01
CA ALA D 240 37.03 -20.04 11.76
C ALA D 240 35.55 -19.64 11.71
N ARG D 241 34.92 -19.78 10.56
CA ARG D 241 33.52 -19.36 10.43
C ARG D 241 32.62 -20.19 11.35
N GLU D 242 32.77 -21.52 11.33
CA GLU D 242 31.94 -22.32 12.22
C GLU D 242 32.34 -22.15 13.68
N LYS D 243 33.55 -21.70 13.96
CA LYS D 243 33.86 -21.28 15.32
C LYS D 243 33.00 -20.10 15.73
N LEU D 244 33.04 -19.03 14.94
CA LEU D 244 32.27 -17.85 15.27
C LEU D 244 30.76 -18.11 15.20
N GLU D 245 30.33 -18.91 14.22
CA GLU D 245 28.90 -19.21 14.11
C GLU D 245 28.44 -20.12 15.25
N MET D 246 29.29 -21.05 15.69
CA MET D 246 28.99 -21.80 16.90
C MET D 246 28.66 -20.84 18.05
N GLU D 247 29.57 -19.91 18.32
CA GLU D 247 29.39 -18.99 19.45
C GLU D 247 28.22 -18.04 19.24
N MET D 248 27.88 -17.73 17.98
CA MET D 248 26.66 -16.95 17.71
C MET D 248 25.40 -17.72 18.12
N GLU D 249 25.40 -19.05 17.91
CA GLU D 249 24.19 -19.83 18.15
C GLU D 249 24.02 -20.17 19.62
N ALA D 250 25.13 -20.46 20.32
CA ALA D 250 25.06 -20.54 21.77
C ALA D 250 24.41 -19.28 22.33
N ALA D 251 24.81 -18.11 21.84
CA ALA D 251 24.25 -16.87 22.37
C ALA D 251 22.75 -16.81 22.14
N ARG D 252 22.28 -17.18 20.95
CA ARG D 252 20.83 -17.19 20.70
C ARG D 252 20.13 -18.29 21.50
N HIS D 253 20.75 -19.47 21.61
CA HIS D 253 20.17 -20.54 22.44
C HIS D 253 19.86 -20.04 23.83
N GLU D 254 20.61 -19.04 24.31
CA GLU D 254 20.39 -18.41 25.61
C GLU D 254 19.71 -17.04 25.47
N HIS D 255 18.80 -16.88 24.51
CA HIS D 255 18.08 -15.62 24.33
C HIS D 255 16.62 -15.84 23.92
N PHE E 10 -12.70 -8.29 45.75
CA PHE E 10 -12.27 -8.71 44.42
C PHE E 10 -13.39 -8.96 43.40
N ARG E 11 -14.66 -8.63 43.70
CA ARG E 11 -15.81 -9.07 42.89
C ARG E 11 -16.77 -7.91 42.62
N LYS E 12 -17.81 -8.23 41.83
CA LYS E 12 -18.76 -7.26 41.28
C LYS E 12 -19.93 -7.00 42.20
N PRO E 13 -20.71 -5.95 41.91
CA PRO E 13 -21.94 -5.68 42.68
C PRO E 13 -23.08 -6.56 42.23
N GLY E 14 -23.42 -7.56 43.03
CA GLY E 14 -24.51 -8.48 42.74
C GLY E 14 -24.05 -9.78 42.10
N GLU E 15 -23.06 -10.42 42.73
CA GLU E 15 -22.41 -11.60 42.18
C GLU E 15 -22.28 -12.67 43.26
N LYS E 16 -22.70 -13.89 42.94
CA LYS E 16 -22.50 -15.01 43.83
C LYS E 16 -21.11 -15.60 43.61
N THR E 17 -20.70 -16.47 44.54
CA THR E 17 -19.36 -17.04 44.58
C THR E 17 -19.38 -18.47 44.04
N PHE E 18 -18.23 -18.90 43.52
CA PHE E 18 -18.02 -20.30 43.16
C PHE E 18 -19.15 -20.82 42.26
N THR E 19 -19.48 -20.01 41.25
CA THR E 19 -20.50 -20.35 40.27
C THR E 19 -19.84 -21.01 39.05
N GLN E 20 -20.69 -21.56 38.16
CA GLN E 20 -20.18 -22.09 36.90
C GLN E 20 -19.36 -21.05 36.15
N ARG E 21 -19.83 -19.80 36.15
CA ARG E 21 -19.13 -18.74 35.42
C ARG E 21 -17.72 -18.49 35.93
N SER E 22 -17.36 -18.98 37.13
CA SER E 22 -16.02 -18.79 37.68
C SER E 22 -15.28 -20.11 37.84
N ARG E 23 -15.72 -21.15 37.17
CA ARG E 23 -15.04 -22.44 37.14
C ARG E 23 -14.12 -22.46 35.93
N LEU E 24 -12.94 -23.08 36.07
CA LEU E 24 -12.01 -23.20 34.96
C LEU E 24 -11.68 -24.67 34.69
N PHE E 25 -11.69 -25.04 33.41
CA PHE E 25 -11.28 -26.38 32.99
C PHE E 25 -9.81 -26.35 32.55
N VAL E 26 -9.02 -27.30 33.03
CA VAL E 26 -7.59 -27.34 32.78
C VAL E 26 -7.29 -28.65 32.07
N GLY E 27 -6.87 -28.57 30.81
CA GLY E 27 -6.57 -29.74 30.03
C GLY E 27 -5.08 -29.93 29.82
N ASN E 28 -4.73 -31.10 29.30
CA ASN E 28 -3.38 -31.35 28.84
C ASN E 28 -2.41 -31.44 30.01
N LEU E 29 -2.85 -32.07 31.08
CA LEU E 29 -2.04 -32.20 32.27
C LEU E 29 -1.03 -33.33 32.12
N PRO E 30 0.02 -33.33 32.94
CA PRO E 30 0.86 -34.51 33.04
C PRO E 30 0.12 -35.62 33.79
N PRO E 31 0.48 -36.88 33.54
CA PRO E 31 -0.30 -37.98 34.15
C PRO E 31 -0.23 -38.05 35.66
N ASP E 32 0.91 -37.69 36.27
CA ASP E 32 1.08 -37.66 37.72
C ASP E 32 0.57 -36.36 38.34
N ILE E 33 -0.44 -35.73 37.73
CA ILE E 33 -1.04 -34.54 38.32
C ILE E 33 -1.75 -34.91 39.61
N THR E 34 -1.49 -34.15 40.68
CA THR E 34 -2.15 -34.35 41.95
C THR E 34 -3.13 -33.21 42.21
N GLU E 35 -4.14 -33.48 43.03
CA GLU E 35 -5.09 -32.43 43.37
C GLU E 35 -4.39 -31.26 44.09
N GLU E 36 -3.48 -31.57 45.00
CA GLU E 36 -2.74 -30.52 45.72
C GLU E 36 -1.94 -29.65 44.76
N GLU E 37 -1.30 -30.27 43.77
CA GLU E 37 -0.56 -29.51 42.78
C GLU E 37 -1.47 -28.55 42.02
N MET E 38 -2.68 -29.00 41.70
CA MET E 38 -3.71 -28.13 41.11
C MET E 38 -3.95 -26.91 41.99
N ARG E 39 -4.36 -27.16 43.25
CA ARG E 39 -4.60 -26.07 44.19
C ARG E 39 -3.42 -25.12 44.28
N LYS E 40 -2.21 -25.67 44.35
CA LYS E 40 -1.02 -24.82 44.39
C LYS E 40 -0.81 -24.08 43.08
N LEU E 41 -1.28 -24.63 41.96
CA LEU E 41 -1.12 -23.93 40.70
C LEU E 41 -2.01 -22.69 40.65
N PHE E 42 -3.14 -22.73 41.34
CA PHE E 42 -4.02 -21.58 41.43
C PHE E 42 -3.90 -20.84 42.75
N GLU E 43 -2.96 -21.25 43.60
CA GLU E 43 -2.78 -20.71 44.95
C GLU E 43 -3.06 -19.20 45.04
N LYS E 44 -2.47 -18.43 44.13
CA LYS E 44 -2.49 -16.97 44.21
C LYS E 44 -3.82 -16.35 43.79
N TYR E 45 -4.84 -17.15 43.45
CA TYR E 45 -6.08 -16.62 42.92
C TYR E 45 -7.21 -16.69 43.95
N GLY E 46 -6.86 -16.56 45.22
CA GLY E 46 -7.84 -16.63 46.27
C GLY E 46 -8.13 -18.05 46.68
N LYS E 47 -9.20 -18.18 47.46
CA LYS E 47 -9.61 -19.49 47.94
C LYS E 47 -10.11 -20.32 46.77
N ALA E 48 -9.91 -21.63 46.88
CA ALA E 48 -10.42 -22.56 45.90
C ALA E 48 -11.66 -23.25 46.42
N GLY E 49 -12.40 -23.87 45.51
CA GLY E 49 -13.55 -24.66 45.86
C GLY E 49 -13.38 -26.07 45.35
N GLU E 50 -14.44 -26.64 44.78
CA GLU E 50 -14.33 -28.00 44.27
C GLU E 50 -13.20 -28.13 43.26
N VAL E 51 -12.35 -29.13 43.45
CA VAL E 51 -11.36 -29.54 42.47
C VAL E 51 -11.71 -30.94 42.03
N PHE E 52 -11.69 -31.17 40.72
CA PHE E 52 -11.89 -32.48 40.13
C PHE E 52 -10.77 -32.78 39.16
N ILE E 53 -10.30 -34.02 39.18
CA ILE E 53 -9.24 -34.46 38.27
C ILE E 53 -9.62 -35.83 37.75
N HIS E 54 -9.79 -35.93 36.43
CA HIS E 54 -9.92 -37.22 35.75
C HIS E 54 -8.52 -37.72 35.41
N LYS E 55 -7.81 -38.16 36.46
CA LYS E 55 -6.39 -38.52 36.35
C LYS E 55 -6.09 -39.33 35.11
N ASP E 56 -7.02 -40.22 34.72
CA ASP E 56 -6.80 -41.13 33.59
C ASP E 56 -7.04 -40.50 32.23
N LYS E 57 -7.59 -39.28 32.17
CA LYS E 57 -7.87 -38.63 30.90
C LYS E 57 -7.14 -37.31 30.70
N GLY E 58 -6.42 -36.82 31.69
CA GLY E 58 -5.54 -35.70 31.49
C GLY E 58 -6.16 -34.33 31.59
N PHE E 59 -7.31 -34.18 32.24
CA PHE E 59 -7.88 -32.87 32.48
C PHE E 59 -8.55 -32.85 33.86
N GLY E 60 -8.93 -31.65 34.27
CA GLY E 60 -9.73 -31.45 35.45
C GLY E 60 -10.42 -30.11 35.39
N PHE E 61 -10.99 -29.70 36.51
CA PHE E 61 -11.56 -28.37 36.63
C PHE E 61 -11.43 -27.91 38.06
N ILE E 62 -11.43 -26.61 38.25
CA ILE E 62 -11.35 -26.03 39.57
C ILE E 62 -12.36 -24.90 39.63
N ARG E 63 -12.89 -24.66 40.81
CA ARG E 63 -13.92 -23.64 41.03
C ARG E 63 -13.26 -22.48 41.75
N LEU E 64 -12.99 -21.40 41.03
CA LEU E 64 -12.48 -20.22 41.68
C LEU E 64 -13.64 -19.42 42.26
N GLU E 65 -13.32 -18.28 42.88
CA GLU E 65 -14.30 -17.59 43.70
C GLU E 65 -15.20 -16.68 42.87
N THR E 66 -14.56 -15.81 42.08
CA THR E 66 -15.29 -14.82 41.27
C THR E 66 -14.89 -14.94 39.81
N ARG E 67 -15.73 -14.42 38.92
CA ARG E 67 -15.43 -14.45 37.48
C ARG E 67 -14.14 -13.68 37.22
N THR E 68 -13.95 -12.54 37.86
CA THR E 68 -12.75 -11.73 37.55
C THR E 68 -11.54 -12.50 37.98
N LEU E 69 -11.62 -13.16 39.13
CA LEU E 69 -10.49 -13.99 39.61
C LEU E 69 -10.20 -15.08 38.57
N ALA E 70 -11.24 -15.78 38.10
CA ALA E 70 -11.04 -16.87 37.13
C ALA E 70 -10.43 -16.35 35.84
N GLU E 71 -10.81 -15.14 35.43
CA GLU E 71 -10.31 -14.56 34.16
C GLU E 71 -8.83 -14.21 34.34
N ILE E 72 -8.47 -13.66 35.49
CA ILE E 72 -7.04 -13.36 35.75
C ILE E 72 -6.28 -14.69 35.74
N ALA E 73 -6.89 -15.76 36.25
CA ALA E 73 -6.16 -17.04 36.32
C ALA E 73 -5.98 -17.58 34.92
N LYS E 74 -6.98 -17.38 34.08
CA LYS E 74 -6.91 -17.92 32.71
C LYS E 74 -5.83 -17.18 31.92
N VAL E 75 -5.77 -15.85 31.97
CA VAL E 75 -4.78 -15.21 31.10
C VAL E 75 -3.36 -15.47 31.60
N GLU E 76 -3.16 -15.42 32.93
CA GLU E 76 -1.82 -15.62 33.49
C GLU E 76 -1.37 -17.08 33.49
N LEU E 77 -2.31 -18.04 33.42
CA LEU E 77 -1.99 -19.45 33.56
C LEU E 77 -2.10 -20.26 32.27
N ASP E 78 -2.86 -19.78 31.26
CA ASP E 78 -3.00 -20.54 30.02
C ASP E 78 -1.65 -20.70 29.33
N ASN E 79 -1.47 -21.85 28.68
CA ASN E 79 -0.20 -22.30 28.05
C ASN E 79 0.98 -22.13 29.01
N MET E 80 0.80 -22.58 30.29
CA MET E 80 1.93 -22.51 31.22
C MET E 80 2.68 -23.84 31.20
N PRO E 81 4.02 -23.83 31.07
CA PRO E 81 4.76 -25.10 31.07
C PRO E 81 4.71 -25.78 32.42
N LEU E 82 4.54 -27.10 32.38
CA LEU E 82 4.48 -27.92 33.59
C LEU E 82 4.86 -29.34 33.19
N ARG E 83 6.11 -29.72 33.47
CA ARG E 83 6.62 -31.07 33.22
C ARG E 83 6.38 -31.50 31.78
N GLY E 84 6.97 -30.74 30.86
CA GLY E 84 6.92 -31.07 29.45
C GLY E 84 5.56 -30.89 28.82
N LYS E 85 4.55 -30.49 29.57
CA LYS E 85 3.23 -30.22 29.02
C LYS E 85 3.01 -28.70 28.94
N GLN E 86 2.00 -28.32 28.18
CA GLN E 86 1.56 -26.92 28.10
C GLN E 86 0.07 -26.92 28.40
N LEU E 87 -0.27 -26.54 29.62
CA LEU E 87 -1.66 -26.59 30.06
C LEU E 87 -2.52 -25.67 29.20
N ARG E 88 -3.75 -26.11 28.94
CA ARG E 88 -4.79 -25.29 28.35
C ARG E 88 -5.80 -24.95 29.44
N VAL E 89 -6.11 -23.67 29.59
CA VAL E 89 -7.11 -23.22 30.55
C VAL E 89 -8.26 -22.55 29.81
N ARG E 90 -9.49 -22.87 30.20
CA ARG E 90 -10.64 -22.36 29.48
C ARG E 90 -11.90 -22.39 30.36
N PHE E 91 -12.77 -21.42 30.11
CA PHE E 91 -14.13 -21.43 30.64
C PHE E 91 -14.93 -22.49 29.90
N ALA E 92 -16.24 -22.51 30.12
CA ALA E 92 -17.05 -23.52 29.46
C ALA E 92 -18.47 -23.01 29.34
N CYS E 93 -19.18 -23.58 28.37
CA CYS E 93 -20.60 -23.30 28.22
C CYS E 93 -21.30 -23.55 29.55
N HIS E 94 -22.27 -22.70 29.87
CA HIS E 94 -23.06 -22.89 31.07
C HIS E 94 -24.16 -23.91 30.79
N SER E 95 -24.18 -24.99 31.56
CA SER E 95 -25.10 -26.09 31.30
C SER E 95 -26.49 -25.91 31.92
N ALA E 96 -26.88 -24.70 32.29
CA ALA E 96 -28.21 -24.47 32.85
C ALA E 96 -28.67 -23.03 32.67
N SER E 97 -28.48 -22.48 31.46
CA SER E 97 -28.73 -21.08 31.18
C SER E 97 -30.01 -20.95 30.36
N LEU E 98 -30.93 -20.11 30.83
CA LEU E 98 -32.23 -19.93 30.19
C LEU E 98 -32.35 -18.53 29.62
N THR E 99 -32.99 -18.42 28.46
CA THR E 99 -33.33 -17.15 27.85
C THR E 99 -34.78 -16.81 28.19
N VAL E 100 -35.01 -15.59 28.66
CA VAL E 100 -36.33 -15.11 29.07
C VAL E 100 -36.68 -13.96 28.15
N ARG E 101 -37.83 -14.06 27.48
CA ARG E 101 -38.26 -13.05 26.54
C ARG E 101 -39.58 -12.46 26.99
N ASN E 102 -39.84 -11.23 26.52
CA ASN E 102 -41.04 -10.48 26.91
C ASN E 102 -40.99 -10.10 28.39
N LEU E 103 -39.86 -9.58 28.82
CA LEU E 103 -39.78 -9.02 30.16
C LEU E 103 -40.68 -7.79 30.24
N PRO E 104 -41.50 -7.65 31.27
CA PRO E 104 -42.30 -6.45 31.42
C PRO E 104 -41.44 -5.30 31.93
N GLN E 105 -42.05 -4.12 31.97
CA GLN E 105 -41.39 -2.92 32.49
C GLN E 105 -41.03 -3.06 33.97
N TYR E 106 -39.83 -2.57 34.32
CA TYR E 106 -39.40 -2.38 35.70
C TYR E 106 -38.89 -3.67 36.35
N VAL E 107 -38.18 -4.48 35.59
CA VAL E 107 -37.58 -5.71 36.08
C VAL E 107 -36.08 -5.49 36.21
N SER E 108 -35.56 -5.71 37.40
CA SER E 108 -34.14 -5.61 37.68
C SER E 108 -33.52 -7.01 37.65
N ASN E 109 -32.20 -7.05 37.46
CA ASN E 109 -31.48 -8.29 37.66
C ASN E 109 -31.88 -8.94 38.97
N GLU E 110 -32.01 -8.13 40.03
CA GLU E 110 -32.37 -8.71 41.31
C GLU E 110 -33.76 -9.30 41.28
N LEU E 111 -34.73 -8.52 40.81
CA LEU E 111 -36.10 -9.04 40.79
C LEU E 111 -36.16 -10.32 39.98
N LEU E 112 -35.50 -10.33 38.82
CA LEU E 112 -35.51 -11.51 37.95
C LEU E 112 -34.87 -12.71 38.64
N GLU E 113 -33.84 -12.46 39.47
CA GLU E 113 -33.27 -13.54 40.26
C GLU E 113 -34.25 -14.02 41.32
N GLU E 114 -34.79 -13.08 42.10
CA GLU E 114 -35.69 -13.47 43.17
C GLU E 114 -36.88 -14.26 42.61
N ALA E 115 -37.39 -13.86 41.45
CA ALA E 115 -38.51 -14.59 40.87
C ALA E 115 -38.10 -15.99 40.43
N PHE E 116 -36.98 -16.12 39.72
CA PHE E 116 -36.66 -17.45 39.22
C PHE E 116 -36.13 -18.38 40.31
N SER E 117 -35.87 -17.88 41.51
CA SER E 117 -35.43 -18.73 42.61
C SER E 117 -36.47 -19.77 43.01
N VAL E 118 -37.72 -19.62 42.59
CA VAL E 118 -38.74 -20.60 42.96
C VAL E 118 -38.40 -21.98 42.40
N PHE E 119 -37.71 -22.03 41.27
CA PHE E 119 -37.39 -23.30 40.65
C PHE E 119 -36.06 -23.88 41.11
N GLY E 120 -35.25 -23.12 41.85
CA GLY E 120 -34.00 -23.66 42.34
C GLY E 120 -32.94 -22.59 42.44
N GLN E 121 -31.76 -23.02 42.89
CA GLN E 121 -30.65 -22.13 43.16
C GLN E 121 -30.26 -21.37 41.89
N VAL E 122 -30.26 -20.04 41.99
CA VAL E 122 -30.00 -19.15 40.86
C VAL E 122 -28.59 -18.61 40.98
N GLU E 123 -27.77 -18.88 39.97
CA GLU E 123 -26.39 -18.41 39.97
C GLU E 123 -26.29 -16.99 39.43
N ARG E 124 -26.95 -16.71 38.31
CA ARG E 124 -26.90 -15.36 37.74
C ARG E 124 -28.23 -15.05 37.07
N ALA E 125 -28.63 -13.79 37.14
CA ALA E 125 -29.74 -13.31 36.32
C ALA E 125 -29.39 -11.90 35.86
N VAL E 126 -29.55 -11.63 34.56
CA VAL E 126 -29.33 -10.30 34.02
C VAL E 126 -30.47 -9.92 33.11
N VAL E 127 -30.99 -8.71 33.31
CA VAL E 127 -31.85 -8.05 32.34
C VAL E 127 -30.97 -7.33 31.32
N ILE E 128 -31.08 -7.73 30.05
CA ILE E 128 -30.31 -7.06 29.00
C ILE E 128 -30.84 -5.64 28.81
N VAL E 129 -29.94 -4.70 28.57
CA VAL E 129 -30.35 -3.33 28.28
C VAL E 129 -29.70 -2.85 26.98
N ASP E 130 -30.25 -1.79 26.43
CA ASP E 130 -29.75 -1.20 25.19
C ASP E 130 -28.75 -0.09 25.50
N ASP E 131 -28.41 0.71 24.48
CA ASP E 131 -27.42 1.78 24.63
C ASP E 131 -27.96 3.00 25.38
N ARG E 132 -29.26 3.04 25.70
CA ARG E 132 -29.86 4.05 26.56
C ARG E 132 -30.03 3.57 27.99
N GLY E 133 -29.75 2.30 28.25
CA GLY E 133 -30.00 1.73 29.55
C GLY E 133 -31.36 1.08 29.73
N ARG E 134 -32.18 1.00 28.68
CA ARG E 134 -33.52 0.41 28.75
C ARG E 134 -33.47 -1.10 28.54
N PRO E 135 -34.28 -1.85 29.27
CA PRO E 135 -34.39 -3.28 28.99
C PRO E 135 -34.81 -3.48 27.54
N SER E 136 -34.26 -4.53 26.94
CA SER E 136 -34.65 -4.97 25.60
C SER E 136 -35.82 -5.93 25.65
N GLY E 137 -36.31 -6.26 26.83
CA GLY E 137 -37.28 -7.32 26.98
C GLY E 137 -36.66 -8.70 27.15
N LYS E 138 -35.37 -8.88 26.86
CA LYS E 138 -34.72 -10.15 27.06
C LYS E 138 -33.95 -10.19 28.38
N GLY E 139 -33.77 -11.40 28.90
CA GLY E 139 -32.91 -11.60 30.05
C GLY E 139 -32.23 -12.94 29.97
N ILE E 140 -31.26 -13.13 30.84
CA ILE E 140 -30.58 -14.39 31.04
C ILE E 140 -30.73 -14.84 32.49
N VAL E 141 -31.00 -16.12 32.68
CA VAL E 141 -31.02 -16.73 34.00
C VAL E 141 -30.23 -18.03 33.96
N GLU E 142 -29.37 -18.22 34.95
CA GLU E 142 -28.49 -19.38 35.03
C GLU E 142 -28.66 -20.02 36.40
N PHE E 143 -29.06 -21.28 36.41
CA PHE E 143 -29.16 -22.05 37.64
C PHE E 143 -27.86 -22.83 37.87
N SER E 144 -27.60 -23.14 39.14
CA SER E 144 -26.46 -23.99 39.43
C SER E 144 -26.70 -25.42 38.94
N GLY E 145 -27.94 -25.89 38.97
CA GLY E 145 -28.22 -27.23 38.53
C GLY E 145 -29.13 -27.32 37.31
N LYS E 146 -28.73 -28.16 36.37
CA LYS E 146 -29.54 -28.47 35.20
C LYS E 146 -30.99 -28.84 35.60
N PRO E 147 -31.22 -29.50 36.75
CA PRO E 147 -32.60 -29.90 37.08
C PRO E 147 -33.51 -28.75 37.47
N ALA E 148 -32.99 -27.75 38.18
CA ALA E 148 -33.78 -26.56 38.47
C ALA E 148 -34.17 -25.83 37.19
N ALA E 149 -33.29 -25.85 36.19
CA ALA E 149 -33.56 -25.14 34.94
C ALA E 149 -34.61 -25.86 34.11
N ARG E 150 -34.51 -27.19 34.02
CA ARG E 150 -35.53 -27.95 33.30
C ARG E 150 -36.90 -27.80 33.96
N LYS E 151 -36.95 -27.38 35.23
CA LYS E 151 -38.24 -27.11 35.88
C LYS E 151 -38.80 -25.77 35.44
N ALA E 152 -38.04 -24.68 35.66
CA ALA E 152 -38.46 -23.38 35.19
C ALA E 152 -38.89 -23.42 33.73
N LEU E 153 -38.17 -24.19 32.91
CA LEU E 153 -38.50 -24.27 31.49
C LEU E 153 -39.91 -24.77 31.28
N ASP E 154 -40.35 -25.71 32.11
CA ASP E 154 -41.63 -26.38 31.96
C ASP E 154 -42.76 -25.63 32.66
N ARG E 155 -42.61 -25.32 33.95
CA ARG E 155 -43.65 -24.56 34.63
C ARG E 155 -43.99 -23.32 33.83
N CYS E 156 -42.98 -22.65 33.26
CA CYS E 156 -43.22 -21.44 32.49
C CYS E 156 -43.85 -21.73 31.12
N SER E 157 -43.71 -22.95 30.61
CA SER E 157 -44.45 -23.34 29.42
C SER E 157 -45.92 -23.56 29.75
N GLU E 158 -46.21 -24.45 30.70
CA GLU E 158 -47.59 -24.76 31.06
C GLU E 158 -48.27 -23.54 31.70
N GLY E 159 -47.65 -22.99 32.75
CA GLY E 159 -48.22 -21.88 33.49
C GLY E 159 -47.83 -20.55 32.91
N SER E 160 -48.54 -19.51 33.33
CA SER E 160 -48.25 -18.14 32.92
C SER E 160 -47.51 -17.44 34.05
N PHE E 161 -46.20 -17.32 33.88
CA PHE E 161 -45.31 -16.79 34.92
C PHE E 161 -45.20 -15.27 34.77
N LEU E 162 -45.65 -14.54 35.78
CA LEU E 162 -45.71 -13.09 35.75
C LEU E 162 -44.74 -12.51 36.77
N LEU E 163 -43.96 -11.51 36.35
CA LEU E 163 -42.97 -10.87 37.20
C LEU E 163 -43.44 -9.57 37.82
N THR E 164 -44.34 -8.85 37.15
CA THR E 164 -44.92 -7.66 37.74
C THR E 164 -46.43 -7.84 37.78
N THR E 165 -47.17 -6.75 37.96
CA THR E 165 -48.62 -6.87 37.84
C THR E 165 -49.06 -6.99 36.39
N PHE E 166 -48.32 -6.39 35.45
CA PHE E 166 -48.73 -6.42 34.05
C PHE E 166 -48.91 -7.85 33.59
N PRO E 167 -50.10 -8.22 33.14
CA PRO E 167 -50.41 -9.65 32.96
C PRO E 167 -49.93 -10.27 31.66
N ARG E 168 -48.73 -9.88 31.21
CA ARG E 168 -48.07 -10.54 30.10
C ARG E 168 -47.02 -11.51 30.64
N PRO E 169 -47.19 -12.81 30.45
CA PRO E 169 -46.22 -13.77 31.01
C PRO E 169 -44.97 -13.86 30.16
N VAL E 170 -43.83 -14.08 30.84
CA VAL E 170 -42.56 -14.21 30.14
C VAL E 170 -42.50 -15.55 29.43
N THR E 171 -41.65 -15.62 28.39
CA THR E 171 -41.32 -16.87 27.73
C THR E 171 -39.89 -17.28 28.10
N VAL E 172 -39.69 -18.57 28.34
CA VAL E 172 -38.41 -19.09 28.79
C VAL E 172 -38.00 -20.21 27.84
N GLU E 173 -36.75 -20.20 27.42
CA GLU E 173 -36.29 -21.14 26.41
C GLU E 173 -34.84 -21.48 26.69
N PRO E 174 -34.34 -22.57 26.14
CA PRO E 174 -32.90 -22.87 26.25
C PRO E 174 -32.06 -21.76 25.61
N MET E 175 -31.01 -21.38 26.31
CA MET E 175 -30.09 -20.34 25.87
C MET E 175 -29.06 -20.94 24.92
N ASP E 176 -29.16 -20.66 23.61
CA ASP E 176 -28.13 -21.15 22.70
C ASP E 176 -26.88 -20.29 22.81
N GLN E 177 -25.74 -20.94 23.07
CA GLN E 177 -24.52 -20.21 23.41
C GLN E 177 -23.88 -19.65 22.15
N LEU E 178 -23.69 -18.34 22.12
CA LEU E 178 -22.97 -17.71 21.04
C LEU E 178 -21.64 -17.20 21.57
N ASP E 179 -20.55 -17.67 20.98
CA ASP E 179 -19.23 -17.16 21.31
C ASP E 179 -18.90 -16.00 20.38
N ASP E 180 -18.69 -14.82 20.96
CA ASP E 180 -18.28 -13.63 20.22
C ASP E 180 -17.00 -13.06 20.78
N GLU E 181 -16.27 -13.84 21.59
CA GLU E 181 -15.03 -13.38 22.21
C GLU E 181 -13.85 -14.08 21.55
N GLU E 182 -13.71 -15.39 21.78
CA GLU E 182 -12.70 -16.14 21.02
C GLU E 182 -13.07 -16.17 19.55
N GLY E 183 -14.30 -16.58 19.23
CA GLY E 183 -14.66 -16.68 17.82
C GLY E 183 -13.88 -17.78 17.12
N LEU E 184 -13.66 -17.60 15.81
CA LEU E 184 -12.96 -18.58 14.99
C LEU E 184 -11.59 -18.04 14.58
N PRO E 185 -10.55 -18.26 15.38
CA PRO E 185 -9.18 -17.94 14.94
C PRO E 185 -8.76 -18.81 13.77
N GLU E 186 -7.83 -18.29 12.95
CA GLU E 186 -7.46 -19.01 11.72
C GLU E 186 -6.79 -20.34 12.01
N LYS E 187 -6.11 -20.47 13.16
CA LYS E 187 -5.56 -21.78 13.52
C LYS E 187 -6.67 -22.83 13.62
N LEU E 188 -7.76 -22.48 14.32
CA LEU E 188 -8.88 -23.39 14.49
C LEU E 188 -9.64 -23.64 13.19
N VAL E 189 -9.40 -22.84 12.15
CA VAL E 189 -10.14 -23.05 10.91
C VAL E 189 -9.86 -24.46 10.45
N ILE E 190 -10.93 -25.23 10.24
CA ILE E 190 -10.84 -26.62 9.79
C ILE E 190 -10.30 -26.65 8.36
N LYS E 191 -9.27 -25.85 8.12
CA LYS E 191 -8.55 -25.77 6.85
C LYS E 191 -8.50 -27.12 6.17
N ASN E 192 -9.48 -27.42 5.31
CA ASN E 192 -9.50 -28.73 4.64
C ASN E 192 -9.49 -28.56 3.13
N GLN E 193 -10.08 -29.51 2.40
CA GLN E 193 -9.97 -29.51 0.94
C GLN E 193 -10.42 -28.18 0.38
N GLN E 194 -11.70 -27.84 0.52
CA GLN E 194 -12.22 -26.66 -0.13
C GLN E 194 -11.61 -25.37 0.40
N PHE E 195 -11.02 -25.40 1.60
CA PHE E 195 -10.43 -24.21 2.20
C PHE E 195 -9.59 -23.40 1.22
N HIS E 196 -8.81 -24.09 0.37
CA HIS E 196 -7.98 -23.41 -0.62
C HIS E 196 -8.76 -23.11 -1.88
N LYS E 197 -9.69 -24.01 -2.25
CA LYS E 197 -10.63 -23.71 -3.32
C LYS E 197 -11.34 -22.39 -3.09
N GLU E 198 -11.58 -22.03 -1.82
CA GLU E 198 -12.32 -20.83 -1.47
C GLU E 198 -11.44 -19.65 -1.08
N ARG E 199 -10.24 -19.91 -0.53
CA ARG E 199 -9.26 -18.84 -0.35
C ARG E 199 -8.63 -18.38 -1.66
N GLU E 200 -8.88 -19.11 -2.75
CA GLU E 200 -8.35 -18.81 -4.08
C GLU E 200 -8.53 -17.35 -4.49
N GLN E 201 -9.19 -16.53 -3.67
CA GLN E 201 -9.36 -15.13 -4.02
C GLN E 201 -9.42 -14.29 -2.76
N PRO E 202 -8.84 -13.09 -2.77
CA PRO E 202 -8.77 -12.27 -1.56
C PRO E 202 -10.04 -11.45 -1.40
N PRO E 203 -10.26 -10.86 -0.23
CA PRO E 203 -11.30 -9.83 -0.13
C PRO E 203 -11.14 -8.80 -1.24
N ARG E 204 -12.26 -8.32 -1.78
CA ARG E 204 -12.25 -7.31 -2.83
C ARG E 204 -13.68 -7.07 -3.28
N PHE E 205 -13.93 -5.89 -3.86
CA PHE E 205 -15.24 -5.58 -4.40
C PHE E 205 -15.43 -6.22 -5.76
N ALA E 206 -16.62 -6.76 -6.00
CA ALA E 206 -16.96 -7.34 -7.29
C ALA E 206 -17.21 -6.24 -8.32
N GLN E 207 -16.41 -6.24 -9.39
CA GLN E 207 -16.46 -5.25 -10.47
C GLN E 207 -17.33 -5.73 -11.61
N PRO E 208 -18.11 -4.81 -12.19
CA PRO E 208 -19.08 -5.20 -13.23
C PRO E 208 -18.41 -5.90 -14.39
N GLY E 209 -19.09 -6.90 -14.94
CA GLY E 209 -18.53 -7.62 -16.07
C GLY E 209 -18.16 -9.03 -15.72
N SER E 210 -17.58 -9.24 -14.54
CA SER E 210 -17.23 -10.59 -14.14
C SER E 210 -18.49 -11.40 -13.90
N PHE E 211 -18.32 -12.73 -13.91
CA PHE E 211 -19.36 -13.61 -13.42
C PHE E 211 -19.74 -13.22 -12.00
N GLU E 212 -18.73 -13.00 -11.15
CA GLU E 212 -18.97 -12.81 -9.73
C GLU E 212 -19.78 -11.55 -9.46
N TYR E 213 -19.78 -10.58 -10.37
CA TYR E 213 -20.62 -9.39 -10.17
C TYR E 213 -22.07 -9.64 -10.54
N GLU E 214 -22.36 -10.59 -11.42
CA GLU E 214 -23.75 -10.80 -11.81
C GLU E 214 -24.53 -11.43 -10.66
N TYR E 215 -24.06 -12.57 -10.15
CA TYR E 215 -24.75 -13.22 -9.06
C TYR E 215 -24.63 -12.43 -7.76
N ALA E 216 -23.52 -11.72 -7.55
CA ALA E 216 -23.44 -10.83 -6.40
C ALA E 216 -24.58 -9.82 -6.39
N MET E 217 -24.95 -9.28 -7.57
CA MET E 217 -26.07 -8.34 -7.62
C MET E 217 -27.43 -9.04 -7.51
N ARG E 218 -27.51 -10.32 -7.84
CA ARG E 218 -28.74 -11.03 -7.56
C ARG E 218 -28.86 -11.41 -6.09
N TRP E 219 -27.76 -11.44 -5.35
CA TRP E 219 -27.83 -11.60 -3.89
C TRP E 219 -28.39 -10.34 -3.23
N LYS E 220 -27.71 -9.21 -3.40
CA LYS E 220 -28.16 -7.98 -2.80
C LYS E 220 -29.66 -7.84 -2.96
N ALA E 221 -30.14 -8.06 -4.19
CA ALA E 221 -31.57 -7.90 -4.43
C ALA E 221 -32.39 -8.97 -3.68
N LEU E 222 -31.90 -10.21 -3.62
CA LEU E 222 -32.56 -11.21 -2.78
C LEU E 222 -32.55 -10.78 -1.31
N ILE E 223 -31.43 -10.24 -0.85
CA ILE E 223 -31.36 -9.72 0.51
C ILE E 223 -32.35 -8.59 0.70
N GLU E 224 -32.46 -7.71 -0.30
CA GLU E 224 -33.40 -6.61 -0.17
C GLU E 224 -34.83 -7.13 -0.10
N MET E 225 -35.15 -8.21 -0.81
CA MET E 225 -36.49 -8.73 -0.69
C MET E 225 -36.71 -9.43 0.64
N GLU E 226 -35.66 -10.03 1.21
CA GLU E 226 -35.84 -10.66 2.51
C GLU E 226 -36.20 -9.62 3.57
N LYS E 227 -35.36 -8.59 3.67
CA LYS E 227 -35.53 -7.53 4.65
C LYS E 227 -36.91 -6.88 4.56
N GLN E 228 -37.52 -6.88 3.36
CA GLN E 228 -38.86 -6.36 3.16
C GLN E 228 -39.94 -7.33 3.64
N GLN E 229 -39.71 -8.64 3.48
CA GLN E 229 -40.63 -9.60 4.06
C GLN E 229 -40.54 -9.57 5.58
N GLN E 230 -39.34 -9.40 6.12
CA GLN E 230 -39.21 -9.29 7.57
C GLN E 230 -39.85 -8.00 8.08
N ASP E 231 -39.77 -6.92 7.30
CA ASP E 231 -40.42 -5.67 7.67
C ASP E 231 -41.93 -5.83 7.79
N GLN E 232 -42.56 -6.46 6.78
CA GLN E 232 -44.01 -6.55 6.80
C GLN E 232 -44.51 -7.44 7.92
N VAL E 233 -43.68 -8.40 8.37
CA VAL E 233 -44.04 -9.24 9.50
C VAL E 233 -43.85 -8.49 10.81
N ASP E 234 -42.78 -7.68 10.90
CA ASP E 234 -42.55 -6.86 12.09
C ASP E 234 -43.61 -5.78 12.25
N ARG E 235 -43.87 -5.01 11.20
CA ARG E 235 -45.02 -4.13 11.17
C ARG E 235 -46.27 -4.86 11.68
N ASN E 236 -46.45 -6.11 11.26
CA ASN E 236 -47.64 -6.88 11.59
C ASN E 236 -47.66 -7.33 13.05
N ILE E 237 -46.57 -7.96 13.49
CA ILE E 237 -46.47 -8.38 14.89
C ILE E 237 -46.68 -7.17 15.79
N LYS E 238 -46.08 -6.04 15.41
CA LYS E 238 -46.07 -4.87 16.27
C LYS E 238 -47.48 -4.38 16.53
N GLU E 239 -48.33 -4.34 15.50
CA GLU E 239 -49.72 -3.93 15.66
C GLU E 239 -50.49 -4.89 16.56
N ALA E 240 -50.31 -6.20 16.35
CA ALA E 240 -51.10 -7.15 17.13
C ALA E 240 -50.72 -7.07 18.60
N ARG E 241 -49.44 -6.86 18.91
CA ARG E 241 -49.04 -6.70 20.31
C ARG E 241 -49.60 -5.42 20.89
N GLU E 242 -49.49 -4.32 20.12
CA GLU E 242 -50.02 -3.06 20.62
C GLU E 242 -51.52 -3.15 20.93
N LYS E 243 -52.31 -3.76 20.05
CA LYS E 243 -53.75 -3.84 20.28
C LYS E 243 -54.06 -4.60 21.58
N LEU E 244 -53.30 -5.66 21.85
CA LEU E 244 -53.53 -6.45 23.05
C LEU E 244 -52.97 -5.77 24.31
N GLU E 245 -51.90 -4.99 24.19
CA GLU E 245 -51.43 -4.22 25.33
C GLU E 245 -52.35 -3.04 25.65
N MET E 246 -52.90 -2.36 24.62
CA MET E 246 -53.91 -1.33 24.87
C MET E 246 -55.08 -1.92 25.67
N GLU E 247 -55.56 -3.09 25.26
CA GLU E 247 -56.65 -3.71 26.02
C GLU E 247 -56.24 -3.90 27.46
N MET E 248 -55.10 -4.55 27.68
CA MET E 248 -54.69 -4.90 29.05
C MET E 248 -54.69 -3.65 29.94
N GLU E 249 -53.92 -2.63 29.59
CA GLU E 249 -53.78 -1.42 30.44
C GLU E 249 -55.16 -0.79 30.71
N ALA E 250 -55.88 -0.50 29.63
CA ALA E 250 -57.22 0.10 29.78
C ALA E 250 -57.97 -0.68 30.85
N ALA E 251 -58.13 -1.98 30.71
CA ALA E 251 -58.83 -2.64 31.82
C ALA E 251 -58.06 -2.26 33.08
N ARG E 252 -57.00 -3.02 33.31
CA ARG E 252 -56.10 -2.71 34.45
C ARG E 252 -56.69 -1.54 35.23
N HIS E 253 -56.76 -0.34 34.63
CA HIS E 253 -57.35 0.67 35.56
C HIS E 253 -57.59 1.98 34.85
N THR F 17 -4.12 -2.35 22.39
CA THR F 17 -4.05 -1.61 23.65
C THR F 17 -4.91 -0.36 23.56
N PHE F 18 -5.39 0.10 24.72
CA PHE F 18 -6.12 1.36 24.83
C PHE F 18 -7.13 1.51 23.69
N THR F 19 -7.88 0.44 23.45
CA THR F 19 -8.92 0.49 22.44
C THR F 19 -10.19 1.11 23.01
N GLN F 20 -11.23 1.18 22.18
CA GLN F 20 -12.54 1.58 22.68
C GLN F 20 -13.06 0.59 23.73
N ARG F 21 -12.67 -0.69 23.63
CA ARG F 21 -13.02 -1.72 24.62
C ARG F 21 -12.34 -1.53 25.96
N SER F 22 -11.57 -0.45 26.14
CA SER F 22 -10.93 -0.10 27.41
C SER F 22 -11.18 1.35 27.79
N ARG F 23 -12.20 1.97 27.20
CA ARG F 23 -12.67 3.27 27.62
C ARG F 23 -13.66 3.10 28.77
N LEU F 24 -13.50 3.92 29.81
CA LEU F 24 -14.37 3.91 30.97
C LEU F 24 -15.03 5.28 31.13
N PHE F 25 -16.35 5.26 31.27
CA PHE F 25 -17.08 6.43 31.75
C PHE F 25 -17.01 6.45 33.27
N VAL F 26 -16.86 7.66 33.82
CA VAL F 26 -16.79 7.80 35.27
C VAL F 26 -18.04 8.53 35.75
N GLY F 27 -18.00 9.85 35.83
CA GLY F 27 -19.19 10.56 36.25
C GLY F 27 -19.69 10.36 37.68
N ASN F 28 -20.61 11.20 38.12
CA ASN F 28 -20.94 11.33 39.54
C ASN F 28 -19.67 11.68 40.30
N LEU F 29 -18.92 12.62 39.75
CA LEU F 29 -17.69 13.13 40.33
C LEU F 29 -17.98 14.32 41.23
N PRO F 30 -17.01 14.71 42.03
CA PRO F 30 -17.10 15.97 42.75
C PRO F 30 -17.08 17.13 41.77
N PRO F 31 -17.85 18.20 42.05
CA PRO F 31 -17.81 19.39 41.19
C PRO F 31 -16.42 20.05 41.11
N ASP F 32 -15.50 19.70 42.01
CA ASP F 32 -14.16 20.25 42.01
C ASP F 32 -13.15 19.39 41.25
N ILE F 33 -13.58 18.28 40.65
CA ILE F 33 -12.66 17.29 40.12
C ILE F 33 -11.58 17.95 39.26
N THR F 34 -10.44 17.29 39.12
CA THR F 34 -9.40 17.70 38.19
C THR F 34 -8.88 16.52 37.40
N GLU F 35 -8.19 16.85 36.31
CA GLU F 35 -7.60 15.83 35.46
C GLU F 35 -6.45 15.12 36.15
N GLU F 36 -5.66 15.84 36.97
CA GLU F 36 -4.61 15.16 37.72
C GLU F 36 -5.21 14.24 38.77
N GLU F 37 -6.30 14.65 39.42
CA GLU F 37 -6.97 13.78 40.39
C GLU F 37 -7.47 12.52 39.70
N MET F 38 -8.19 12.68 38.58
CA MET F 38 -8.68 11.54 37.83
C MET F 38 -7.53 10.63 37.37
N ARG F 39 -6.41 11.21 36.95
CA ARG F 39 -5.26 10.39 36.57
C ARG F 39 -4.72 9.62 37.77
N LYS F 40 -4.50 10.31 38.89
CA LYS F 40 -3.98 9.61 40.07
C LYS F 40 -4.94 8.54 40.53
N LEU F 41 -6.24 8.76 40.34
CA LEU F 41 -7.26 7.80 40.73
C LEU F 41 -7.11 6.46 40.04
N PHE F 42 -6.44 6.43 38.90
CA PHE F 42 -6.32 5.22 38.10
C PHE F 42 -4.88 4.77 37.94
N GLU F 43 -3.91 5.44 38.58
CA GLU F 43 -2.52 5.15 38.21
C GLU F 43 -2.16 3.70 38.51
N LYS F 44 -2.77 3.10 39.53
CA LYS F 44 -2.64 1.65 39.73
C LYS F 44 -2.90 0.90 38.43
N TYR F 45 -4.11 1.08 37.88
CA TYR F 45 -4.59 0.26 36.77
C TYR F 45 -3.87 0.58 35.46
N GLY F 46 -2.55 0.67 35.50
CA GLY F 46 -1.72 0.44 34.34
C GLY F 46 -1.17 1.65 33.61
N LYS F 47 -1.25 2.85 34.19
CA LYS F 47 -0.85 4.06 33.49
C LYS F 47 -1.75 4.31 32.28
N ALA F 48 -2.51 5.41 32.32
CA ALA F 48 -3.64 5.63 31.42
C ALA F 48 -3.25 6.48 30.22
N GLY F 49 -4.23 6.81 29.38
CA GLY F 49 -4.04 7.57 28.17
C GLY F 49 -5.01 8.75 28.04
N GLU F 50 -5.87 8.72 27.02
CA GLU F 50 -6.87 9.77 26.87
C GLU F 50 -7.58 10.02 28.19
N VAL F 51 -7.93 11.29 28.46
CA VAL F 51 -8.73 11.63 29.62
C VAL F 51 -9.57 12.88 29.35
N PHE F 52 -10.88 12.75 29.39
CA PHE F 52 -11.78 13.87 29.26
C PHE F 52 -12.59 14.04 30.55
N ILE F 53 -12.73 15.29 31.02
CA ILE F 53 -13.49 15.62 32.22
C ILE F 53 -14.46 16.76 31.91
N HIS F 54 -15.71 16.59 32.32
CA HIS F 54 -16.66 17.70 32.35
C HIS F 54 -16.95 18.04 33.81
N LYS F 55 -16.49 19.20 34.25
CA LYS F 55 -16.48 19.54 35.68
C LYS F 55 -17.89 19.85 36.19
N ASP F 56 -18.68 20.59 35.41
CA ASP F 56 -20.00 21.03 35.84
C ASP F 56 -20.89 19.83 36.18
N LYS F 57 -20.96 18.85 35.29
CA LYS F 57 -21.76 17.65 35.55
C LYS F 57 -20.98 16.57 36.30
N GLY F 58 -19.68 16.77 36.51
CA GLY F 58 -18.91 15.81 37.27
C GLY F 58 -18.88 14.47 36.59
N PHE F 59 -18.31 14.41 35.39
CA PHE F 59 -18.14 13.12 34.74
C PHE F 59 -16.99 13.25 33.75
N GLY F 60 -16.53 12.10 33.28
CA GLY F 60 -15.49 12.13 32.29
C GLY F 60 -15.28 10.77 31.68
N PHE F 61 -14.21 10.67 30.91
CA PHE F 61 -13.78 9.42 30.31
C PHE F 61 -12.29 9.25 30.52
N ILE F 62 -11.86 8.00 30.63
CA ILE F 62 -10.45 7.66 30.79
C ILE F 62 -10.24 6.31 30.10
N ARG F 63 -9.22 6.22 29.27
CA ARG F 63 -8.94 5.02 28.52
C ARG F 63 -7.80 4.28 29.22
N LEU F 64 -8.05 3.05 29.61
CA LEU F 64 -7.03 2.18 30.20
C LEU F 64 -6.48 1.24 29.13
N GLU F 65 -5.57 0.35 29.55
CA GLU F 65 -4.75 -0.44 28.64
C GLU F 65 -5.46 -1.71 28.15
N THR F 66 -5.77 -2.62 29.06
CA THR F 66 -6.45 -3.88 28.76
C THR F 66 -7.88 -3.84 29.30
N ARG F 67 -8.79 -4.46 28.56
CA ARG F 67 -10.19 -4.47 28.99
C ARG F 67 -10.39 -5.10 30.36
N THR F 68 -9.55 -6.07 30.74
CA THR F 68 -9.66 -6.58 32.09
C THR F 68 -9.24 -5.52 33.13
N LEU F 69 -8.00 -5.04 33.04
CA LEU F 69 -7.60 -3.89 33.85
C LEU F 69 -8.76 -2.89 34.02
N ALA F 70 -9.36 -2.49 32.90
CA ALA F 70 -10.55 -1.65 32.93
C ALA F 70 -11.64 -2.26 33.81
N GLU F 71 -11.81 -3.58 33.74
CA GLU F 71 -12.79 -4.22 34.62
C GLU F 71 -12.32 -4.24 36.06
N ILE F 72 -11.04 -4.58 36.30
CA ILE F 72 -10.52 -4.45 37.67
C ILE F 72 -10.71 -3.03 38.14
N ALA F 73 -10.27 -2.06 37.33
CA ALA F 73 -10.47 -0.66 37.69
C ALA F 73 -11.93 -0.38 38.05
N LYS F 74 -12.87 -0.99 37.32
CA LYS F 74 -14.28 -0.77 37.59
C LYS F 74 -14.71 -1.41 38.90
N VAL F 75 -14.42 -2.71 39.06
CA VAL F 75 -15.00 -3.51 40.15
C VAL F 75 -14.78 -2.82 41.50
N GLU F 76 -13.60 -2.24 41.72
CA GLU F 76 -13.27 -1.63 43.00
C GLU F 76 -13.42 -0.12 43.01
N LEU F 77 -13.11 0.55 41.90
CA LEU F 77 -13.35 1.99 41.85
C LEU F 77 -14.85 2.28 41.90
N ASP F 78 -15.65 1.50 41.18
CA ASP F 78 -17.10 1.74 41.12
C ASP F 78 -17.65 1.82 42.53
N ASN F 79 -18.56 2.77 42.74
CA ASN F 79 -19.25 2.94 44.01
C ASN F 79 -18.39 3.59 45.08
N MET F 80 -17.18 4.06 44.74
CA MET F 80 -16.36 4.68 45.75
C MET F 80 -17.00 5.97 46.27
N PRO F 81 -16.70 6.35 47.50
CA PRO F 81 -17.04 7.69 47.97
C PRO F 81 -15.94 8.69 47.63
N LEU F 82 -16.37 9.93 47.38
CA LEU F 82 -15.41 10.98 47.07
C LEU F 82 -16.13 12.32 47.03
N ARG F 83 -15.76 13.22 47.94
CA ARG F 83 -16.50 14.47 48.08
C ARG F 83 -17.96 14.19 48.34
N GLY F 84 -18.23 13.08 49.05
CA GLY F 84 -19.59 12.69 49.35
C GLY F 84 -20.19 11.77 48.31
N LYS F 85 -20.67 12.35 47.20
CA LYS F 85 -21.24 11.57 46.09
C LYS F 85 -20.43 10.31 45.83
N GLN F 86 -21.14 9.19 45.69
CA GLN F 86 -20.52 7.88 45.45
C GLN F 86 -20.61 7.56 43.96
N LEU F 87 -19.51 7.79 43.24
CA LEU F 87 -19.54 7.88 41.79
C LEU F 87 -19.70 6.50 41.15
N ARG F 88 -20.07 6.52 39.87
CA ARG F 88 -20.32 5.33 39.10
C ARG F 88 -19.22 5.12 38.07
N VAL F 89 -18.88 3.86 37.81
CA VAL F 89 -17.86 3.51 36.83
C VAL F 89 -18.39 2.38 35.97
N ARG F 90 -18.38 2.58 34.65
CA ARG F 90 -18.84 1.56 33.73
C ARG F 90 -18.17 1.81 32.39
N PHE F 91 -18.32 0.86 31.49
CA PHE F 91 -17.75 1.00 30.15
C PHE F 91 -18.59 1.92 29.30
N ALA F 92 -17.94 2.63 28.38
CA ALA F 92 -18.63 3.43 27.39
C ALA F 92 -19.19 2.53 26.30
N CYS F 93 -20.21 3.04 25.60
CA CYS F 93 -20.68 2.36 24.40
C CYS F 93 -19.64 2.52 23.29
N HIS F 94 -19.55 1.51 22.43
CA HIS F 94 -18.57 1.52 21.34
C HIS F 94 -19.14 2.30 20.17
N SER F 95 -18.43 3.36 19.78
CA SER F 95 -18.93 4.34 18.83
C SER F 95 -18.91 3.86 17.39
N ALA F 96 -18.24 2.74 17.10
CA ALA F 96 -18.03 2.33 15.72
C ALA F 96 -17.93 0.80 15.69
N SER F 97 -19.06 0.15 16.01
CA SER F 97 -19.18 -1.31 15.99
C SER F 97 -20.16 -1.73 14.90
N LEU F 98 -19.77 -2.75 14.13
CA LEU F 98 -20.54 -3.16 12.96
C LEU F 98 -20.85 -4.65 13.04
N THR F 99 -22.07 -5.02 12.66
CA THR F 99 -22.44 -6.42 12.50
C THR F 99 -22.28 -6.84 11.04
N VAL F 100 -21.74 -8.04 10.83
CA VAL F 100 -21.54 -8.58 9.49
C VAL F 100 -22.38 -9.84 9.35
N ARG F 101 -23.26 -9.86 8.35
CA ARG F 101 -24.15 -10.98 8.07
C ARG F 101 -23.81 -11.58 6.72
N ASN F 102 -23.89 -12.92 6.62
CA ASN F 102 -23.66 -13.63 5.37
C ASN F 102 -22.19 -13.92 5.11
N LEU F 103 -21.38 -14.04 6.17
CA LEU F 103 -20.00 -14.50 5.99
C LEU F 103 -20.00 -15.80 5.20
N PRO F 104 -19.16 -15.92 4.20
CA PRO F 104 -19.05 -17.22 3.54
C PRO F 104 -18.44 -18.22 4.50
N GLN F 105 -18.31 -19.48 4.08
CA GLN F 105 -17.62 -20.46 4.91
C GLN F 105 -16.12 -20.26 4.82
N TYR F 106 -15.43 -20.63 5.90
CA TYR F 106 -13.96 -20.63 5.91
C TYR F 106 -13.40 -19.23 6.12
N VAL F 107 -14.11 -18.39 6.86
CA VAL F 107 -13.62 -17.06 7.22
C VAL F 107 -13.23 -17.09 8.70
N SER F 108 -12.12 -16.41 9.02
CA SER F 108 -11.53 -16.40 10.35
C SER F 108 -11.54 -14.98 10.89
N ASN F 109 -11.31 -14.87 12.21
CA ASN F 109 -11.18 -13.55 12.83
C ASN F 109 -10.12 -12.70 12.13
N GLU F 110 -9.05 -13.32 11.65
CA GLU F 110 -7.99 -12.58 10.97
C GLU F 110 -8.33 -12.32 9.51
N LEU F 111 -9.00 -13.26 8.84
CA LEU F 111 -9.46 -12.96 7.50
C LEU F 111 -10.42 -11.77 7.51
N LEU F 112 -11.24 -11.68 8.54
CA LEU F 112 -12.18 -10.57 8.65
C LEU F 112 -11.45 -9.28 8.99
N GLU F 113 -10.51 -9.34 9.96
CA GLU F 113 -9.74 -8.15 10.31
C GLU F 113 -8.98 -7.61 9.11
N GLU F 114 -8.32 -8.50 8.35
CA GLU F 114 -7.66 -8.09 7.12
C GLU F 114 -8.63 -7.37 6.19
N ALA F 115 -9.70 -8.06 5.79
CA ALA F 115 -10.56 -7.52 4.75
C ALA F 115 -11.05 -6.12 5.12
N PHE F 116 -11.51 -5.95 6.36
CA PHE F 116 -12.17 -4.71 6.73
C PHE F 116 -11.19 -3.58 7.08
N SER F 117 -9.92 -3.91 7.32
CA SER F 117 -8.96 -2.86 7.65
C SER F 117 -8.79 -1.87 6.50
N VAL F 118 -9.16 -2.27 5.28
CA VAL F 118 -9.12 -1.37 4.13
C VAL F 118 -9.92 -0.09 4.37
N PHE F 119 -10.92 -0.15 5.24
CA PHE F 119 -11.79 1.00 5.46
C PHE F 119 -11.31 1.91 6.58
N GLY F 120 -10.33 1.49 7.35
CA GLY F 120 -9.95 2.21 8.55
C GLY F 120 -9.42 1.26 9.61
N GLN F 121 -9.14 1.84 10.77
CA GLN F 121 -8.37 1.17 11.80
C GLN F 121 -9.25 0.18 12.56
N VAL F 122 -9.02 -1.12 12.38
CA VAL F 122 -9.89 -2.15 12.92
C VAL F 122 -9.34 -2.61 14.28
N GLU F 123 -9.97 -2.16 15.36
CA GLU F 123 -9.52 -2.56 16.69
C GLU F 123 -9.47 -4.08 16.85
N ARG F 124 -10.45 -4.79 16.27
CA ARG F 124 -10.50 -6.26 16.30
C ARG F 124 -11.71 -6.78 15.56
N ALA F 125 -11.61 -7.99 15.01
CA ALA F 125 -12.72 -8.60 14.30
C ALA F 125 -12.93 -10.02 14.80
N VAL F 126 -14.20 -10.46 14.85
CA VAL F 126 -14.56 -11.79 15.34
C VAL F 126 -15.62 -12.41 14.45
N VAL F 127 -15.47 -13.70 14.14
CA VAL F 127 -16.58 -14.50 13.62
C VAL F 127 -17.24 -15.19 14.81
N ILE F 128 -18.55 -14.97 14.94
CA ILE F 128 -19.29 -15.57 16.03
C ILE F 128 -19.48 -17.05 15.73
N VAL F 129 -19.55 -17.85 16.79
CA VAL F 129 -19.49 -19.30 16.69
C VAL F 129 -20.48 -19.90 17.68
N ASP F 130 -21.20 -20.93 17.26
CA ASP F 130 -22.16 -21.56 18.14
C ASP F 130 -21.44 -22.36 19.21
N ASP F 131 -22.21 -22.96 20.11
CA ASP F 131 -21.62 -23.64 21.26
C ASP F 131 -20.92 -24.95 20.89
N ARG F 132 -21.16 -25.50 19.70
CA ARG F 132 -20.51 -26.73 19.26
C ARG F 132 -19.50 -26.48 18.15
N GLY F 133 -18.77 -25.36 18.24
CA GLY F 133 -17.65 -25.06 17.38
C GLY F 133 -17.95 -24.33 16.08
N ARG F 134 -19.20 -24.34 15.62
CA ARG F 134 -19.43 -23.92 14.24
C ARG F 134 -19.74 -22.43 14.13
N PRO F 135 -19.53 -21.87 12.93
CA PRO F 135 -19.68 -20.43 12.69
C PRO F 135 -21.12 -20.07 12.36
N SER F 136 -21.71 -19.22 13.19
CA SER F 136 -23.13 -18.90 13.10
C SER F 136 -23.46 -18.16 11.81
N GLY F 137 -22.45 -17.81 11.02
CA GLY F 137 -22.63 -17.10 9.78
C GLY F 137 -22.56 -15.57 9.87
N LYS F 138 -22.40 -15.00 11.07
CA LYS F 138 -22.18 -13.57 11.22
C LYS F 138 -20.96 -13.32 12.11
N GLY F 139 -20.70 -12.04 12.39
CA GLY F 139 -19.50 -11.66 13.11
C GLY F 139 -19.49 -10.18 13.38
N ILE F 140 -18.51 -9.75 14.17
CA ILE F 140 -18.40 -8.37 14.63
C ILE F 140 -17.13 -7.73 14.07
N VAL F 141 -17.23 -6.43 13.79
CA VAL F 141 -16.11 -5.61 13.34
C VAL F 141 -16.22 -4.29 14.08
N GLU F 142 -15.15 -3.90 14.76
CA GLU F 142 -15.09 -2.63 15.47
C GLU F 142 -13.90 -1.84 14.95
N PHE F 143 -14.17 -0.62 14.47
CA PHE F 143 -13.15 0.32 14.08
C PHE F 143 -12.87 1.27 15.24
N SER F 144 -11.61 1.68 15.38
CA SER F 144 -11.30 2.66 16.41
C SER F 144 -12.02 3.98 16.15
N GLY F 145 -12.28 4.29 14.88
CA GLY F 145 -12.87 5.55 14.50
C GLY F 145 -14.26 5.37 13.91
N LYS F 146 -15.19 6.16 14.41
CA LYS F 146 -16.54 6.15 13.84
C LYS F 146 -16.53 6.39 12.34
N PRO F 147 -15.71 7.29 11.78
CA PRO F 147 -15.84 7.57 10.34
C PRO F 147 -15.41 6.38 9.48
N ALA F 148 -14.52 5.52 9.99
CA ALA F 148 -14.17 4.31 9.26
C ALA F 148 -15.38 3.40 9.12
N ALA F 149 -16.17 3.27 10.20
CA ALA F 149 -17.42 2.52 10.17
C ALA F 149 -18.38 3.08 9.14
N ARG F 150 -18.56 4.40 9.13
CA ARG F 150 -19.31 5.06 8.08
C ARG F 150 -18.86 4.58 6.69
N LYS F 151 -17.55 4.50 6.49
CA LYS F 151 -17.01 4.12 5.17
C LYS F 151 -17.42 2.69 4.80
N ALA F 152 -17.05 1.72 5.63
CA ALA F 152 -17.43 0.33 5.35
C ALA F 152 -18.94 0.17 5.15
N LEU F 153 -19.75 0.88 5.95
CA LEU F 153 -21.20 0.79 5.88
C LEU F 153 -21.75 1.31 4.54
N ASP F 154 -21.20 2.42 4.04
CA ASP F 154 -21.56 2.90 2.70
C ASP F 154 -20.91 2.03 1.64
N ARG F 155 -19.63 1.72 1.82
CA ARG F 155 -18.92 1.00 0.78
C ARG F 155 -19.52 -0.38 0.56
N CYS F 156 -20.00 -1.01 1.62
CA CYS F 156 -20.48 -2.38 1.51
C CYS F 156 -21.92 -2.45 1.08
N SER F 157 -22.64 -1.34 1.15
CA SER F 157 -23.98 -1.38 0.59
C SER F 157 -23.99 -0.96 -0.88
N GLU F 158 -23.27 0.11 -1.23
CA GLU F 158 -23.21 0.56 -2.62
C GLU F 158 -22.74 -0.58 -3.51
N GLY F 159 -21.50 -1.00 -3.30
CA GLY F 159 -20.94 -2.13 -4.03
C GLY F 159 -21.13 -3.44 -3.31
N SER F 160 -20.40 -4.45 -3.77
CA SER F 160 -20.48 -5.78 -3.19
C SER F 160 -19.11 -6.17 -2.66
N PHE F 161 -19.04 -6.44 -1.36
CA PHE F 161 -17.82 -6.88 -0.71
C PHE F 161 -17.81 -8.40 -0.65
N LEU F 162 -16.74 -9.00 -1.18
CA LEU F 162 -16.64 -10.45 -1.31
C LEU F 162 -15.38 -10.93 -0.60
N LEU F 163 -15.55 -11.72 0.47
CA LEU F 163 -14.43 -12.14 1.29
C LEU F 163 -13.76 -13.41 0.78
N THR F 164 -14.39 -14.18 -0.09
CA THR F 164 -13.80 -15.41 -0.59
C THR F 164 -14.17 -15.56 -2.06
N THR F 165 -14.01 -16.80 -2.57
CA THR F 165 -14.36 -17.10 -3.94
C THR F 165 -15.85 -16.94 -4.18
N PHE F 166 -16.67 -17.63 -3.36
CA PHE F 166 -18.13 -17.66 -3.36
C PHE F 166 -18.67 -16.25 -3.58
N PRO F 167 -19.51 -16.05 -4.59
CA PRO F 167 -19.96 -14.71 -4.98
C PRO F 167 -21.21 -14.24 -4.23
N ARG F 168 -21.07 -14.11 -2.91
CA ARG F 168 -22.14 -13.57 -2.06
C ARG F 168 -21.57 -12.43 -1.22
N PRO F 169 -21.96 -11.19 -1.49
CA PRO F 169 -21.48 -10.09 -0.63
C PRO F 169 -21.94 -10.29 0.81
N VAL F 170 -21.08 -9.89 1.74
CA VAL F 170 -21.51 -9.76 3.12
C VAL F 170 -22.38 -8.51 3.26
N THR F 171 -23.30 -8.55 4.20
CA THR F 171 -24.08 -7.38 4.53
C THR F 171 -23.50 -6.81 5.81
N VAL F 172 -23.39 -5.50 5.88
CA VAL F 172 -22.84 -4.81 7.05
C VAL F 172 -23.92 -3.92 7.63
N GLU F 173 -23.99 -3.88 8.95
CA GLU F 173 -25.03 -3.11 9.63
C GLU F 173 -24.42 -2.46 10.85
N PRO F 174 -25.04 -1.39 11.35
CA PRO F 174 -24.69 -0.93 12.69
C PRO F 174 -24.97 -2.03 13.70
N MET F 175 -24.08 -2.16 14.67
CA MET F 175 -24.26 -3.12 15.75
C MET F 175 -25.37 -2.65 16.67
N ASP F 176 -26.35 -3.54 16.92
CA ASP F 176 -27.26 -3.35 18.04
C ASP F 176 -26.47 -3.56 19.33
N GLN F 177 -26.19 -2.48 20.06
CA GLN F 177 -25.41 -2.59 21.29
C GLN F 177 -26.30 -3.11 22.41
N LEU F 178 -25.87 -4.20 23.05
CA LEU F 178 -26.64 -4.86 24.07
C LEU F 178 -25.72 -5.27 25.21
N ASP F 179 -26.08 -4.87 26.42
CA ASP F 179 -25.32 -5.21 27.63
C ASP F 179 -25.99 -6.38 28.33
N ASP F 180 -25.32 -7.53 28.33
CA ASP F 180 -25.77 -8.70 29.08
C ASP F 180 -24.83 -9.04 30.24
N GLU F 181 -24.08 -8.05 30.73
CA GLU F 181 -23.16 -8.24 31.84
C GLU F 181 -23.58 -7.39 33.03
N GLU F 182 -23.37 -6.07 32.93
CA GLU F 182 -23.83 -5.14 33.95
C GLU F 182 -25.33 -5.30 34.19
N GLY F 183 -26.13 -5.30 33.12
CA GLY F 183 -27.56 -5.52 33.24
C GLY F 183 -28.28 -4.28 33.73
N LEU F 184 -29.33 -4.51 34.52
CA LEU F 184 -30.12 -3.42 35.07
C LEU F 184 -30.24 -3.61 36.57
N PRO F 185 -29.33 -3.02 37.36
CA PRO F 185 -29.40 -3.20 38.82
C PRO F 185 -30.55 -2.41 39.44
N GLU F 186 -31.12 -2.98 40.50
CA GLU F 186 -32.21 -2.33 41.22
C GLU F 186 -31.81 -0.91 41.65
N LYS F 187 -30.51 -0.67 41.81
CA LYS F 187 -30.01 0.67 42.12
C LYS F 187 -30.42 1.68 41.06
N LEU F 188 -30.34 1.29 39.80
CA LEU F 188 -30.63 2.17 38.67
C LEU F 188 -32.06 1.99 38.16
N VAL F 189 -33.04 1.95 39.06
CA VAL F 189 -34.45 1.89 38.67
C VAL F 189 -35.14 3.04 39.39
N ILE F 190 -35.19 4.21 38.74
CA ILE F 190 -35.87 5.39 39.27
C ILE F 190 -37.17 4.89 39.89
N LYS F 191 -37.37 5.18 41.17
CA LYS F 191 -38.50 4.62 41.94
C LYS F 191 -39.67 5.60 41.99
N ASN F 192 -40.24 5.89 40.81
CA ASN F 192 -41.36 6.84 40.70
C ASN F 192 -42.70 6.17 40.92
N GLN F 193 -43.76 6.70 40.28
CA GLN F 193 -45.11 6.21 40.52
C GLN F 193 -45.43 4.96 39.71
N GLN F 194 -45.04 4.92 38.43
CA GLN F 194 -45.25 3.73 37.63
C GLN F 194 -44.43 2.55 38.14
N PHE F 195 -43.36 2.81 38.91
CA PHE F 195 -42.55 1.73 39.47
C PHE F 195 -43.32 0.96 40.54
N HIS F 196 -43.99 1.66 41.43
CA HIS F 196 -44.78 0.97 42.44
C HIS F 196 -46.07 0.42 41.86
N LYS F 197 -46.53 0.97 40.74
CA LYS F 197 -47.58 0.33 39.97
C LYS F 197 -47.20 -1.11 39.63
N GLU F 198 -46.12 -1.30 38.88
CA GLU F 198 -45.80 -2.62 38.37
C GLU F 198 -45.34 -3.54 39.49
N ARG F 199 -44.75 -2.98 40.54
CA ARG F 199 -44.17 -3.79 41.60
C ARG F 199 -45.20 -4.21 42.64
N GLU F 200 -46.46 -3.84 42.43
CA GLU F 200 -47.48 -4.09 43.42
C GLU F 200 -47.64 -5.58 43.69
N GLN F 201 -47.76 -6.38 42.64
CA GLN F 201 -47.88 -7.81 42.84
C GLN F 201 -46.51 -8.47 42.75
N PRO F 202 -46.30 -9.56 43.49
CA PRO F 202 -45.00 -10.26 43.43
C PRO F 202 -44.98 -11.24 42.26
N PRO F 203 -43.80 -11.69 41.84
CA PRO F 203 -43.74 -12.78 40.86
C PRO F 203 -44.61 -13.94 41.32
N ARG F 204 -45.26 -14.60 40.36
CA ARG F 204 -46.34 -15.52 40.66
C ARG F 204 -46.86 -16.17 39.38
N PHE F 205 -47.32 -17.41 39.45
CA PHE F 205 -48.09 -17.95 38.34
C PHE F 205 -49.53 -17.47 38.48
N ALA F 206 -50.13 -17.08 37.37
CA ALA F 206 -51.50 -16.60 37.41
C ALA F 206 -52.44 -17.77 37.69
N GLN F 207 -53.42 -17.53 38.51
CA GLN F 207 -54.30 -18.66 38.78
C GLN F 207 -55.53 -18.64 37.87
N PRO F 208 -55.94 -19.79 37.34
CA PRO F 208 -57.16 -19.82 36.50
C PRO F 208 -58.29 -19.09 37.19
N GLY F 209 -59.05 -18.35 36.38
CA GLY F 209 -60.17 -17.63 36.92
C GLY F 209 -59.95 -16.13 37.02
N SER F 210 -58.74 -15.71 37.39
CA SER F 210 -58.53 -14.28 37.68
C SER F 210 -58.40 -13.47 36.39
N PHE F 211 -58.57 -12.15 36.55
CA PHE F 211 -58.40 -11.23 35.43
C PHE F 211 -57.08 -11.52 34.71
N GLU F 212 -55.98 -11.59 35.48
CA GLU F 212 -54.64 -11.73 34.89
C GLU F 212 -54.48 -13.06 34.16
N TYR F 213 -55.04 -14.14 34.71
CA TYR F 213 -54.91 -15.44 34.05
C TYR F 213 -55.47 -15.44 32.63
N GLU F 214 -56.61 -14.81 32.44
CA GLU F 214 -57.22 -14.80 31.12
C GLU F 214 -56.40 -13.98 30.13
N TYR F 215 -55.81 -12.87 30.57
CA TYR F 215 -55.00 -12.08 29.66
C TYR F 215 -53.73 -12.82 29.26
N ALA F 216 -53.10 -13.51 30.22
CA ALA F 216 -51.85 -14.21 29.92
C ALA F 216 -52.07 -15.28 28.85
N MET F 217 -53.19 -15.99 28.93
CA MET F 217 -53.53 -16.95 27.88
C MET F 217 -53.65 -16.24 26.54
N ARG F 218 -54.36 -15.13 26.51
CA ARG F 218 -54.44 -14.37 25.27
C ARG F 218 -53.05 -14.02 24.77
N TRP F 219 -52.18 -13.56 25.67
CA TRP F 219 -50.85 -13.20 25.26
C TRP F 219 -50.05 -14.42 24.82
N LYS F 220 -50.30 -15.59 25.42
CA LYS F 220 -49.60 -16.80 24.97
C LYS F 220 -50.08 -17.24 23.60
N ALA F 221 -51.38 -17.07 23.30
CA ALA F 221 -51.89 -17.40 21.98
C ALA F 221 -51.25 -16.52 20.92
N LEU F 222 -51.14 -15.22 21.18
CA LEU F 222 -50.49 -14.32 20.25
C LEU F 222 -49.02 -14.70 20.04
N ILE F 223 -48.29 -14.99 21.13
CA ILE F 223 -46.89 -15.41 21.02
C ILE F 223 -46.77 -16.63 20.11
N GLU F 224 -47.69 -17.58 20.26
CA GLU F 224 -47.69 -18.78 19.43
C GLU F 224 -47.89 -18.43 17.96
N MET F 225 -48.91 -17.61 17.67
CA MET F 225 -49.09 -17.12 16.32
C MET F 225 -47.87 -16.34 15.84
N GLU F 226 -47.25 -15.56 16.72
CA GLU F 226 -45.98 -14.93 16.36
C GLU F 226 -44.96 -15.98 15.94
N LYS F 227 -44.96 -17.12 16.60
CA LYS F 227 -43.94 -18.12 16.29
C LYS F 227 -44.19 -18.71 14.90
N GLN F 228 -45.46 -18.94 14.54
CA GLN F 228 -45.74 -19.53 13.23
C GLN F 228 -45.32 -18.59 12.10
N GLN F 229 -45.64 -17.31 12.23
CA GLN F 229 -45.28 -16.35 11.19
C GLN F 229 -43.77 -16.33 10.98
N GLN F 230 -43.02 -16.11 12.06
CA GLN F 230 -41.58 -16.02 11.92
C GLN F 230 -41.03 -17.31 11.32
N ASP F 231 -41.47 -18.45 11.85
CA ASP F 231 -41.01 -19.73 11.34
C ASP F 231 -41.34 -19.88 9.87
N GLN F 232 -42.46 -19.34 9.43
CA GLN F 232 -42.81 -19.38 8.02
C GLN F 232 -41.89 -18.49 7.18
N VAL F 233 -41.64 -17.26 7.64
CA VAL F 233 -40.73 -16.37 6.92
C VAL F 233 -39.37 -17.02 6.76
N ASP F 234 -38.91 -17.75 7.78
CA ASP F 234 -37.61 -18.39 7.72
C ASP F 234 -37.58 -19.53 6.69
N ARG F 235 -38.68 -20.28 6.56
CA ARG F 235 -38.73 -21.36 5.57
C ARG F 235 -38.74 -20.80 4.15
N ASN F 236 -39.60 -19.82 3.88
CA ASN F 236 -39.59 -19.18 2.56
C ASN F 236 -38.22 -18.61 2.23
N ILE F 237 -37.60 -17.93 3.20
CA ILE F 237 -36.30 -17.33 2.96
C ILE F 237 -35.23 -18.40 2.76
N LYS F 238 -35.24 -19.44 3.58
CA LYS F 238 -34.31 -20.54 3.41
C LYS F 238 -34.44 -21.14 2.01
N GLU F 239 -35.66 -21.24 1.50
CA GLU F 239 -35.90 -21.93 0.23
C GLU F 239 -35.38 -21.12 -0.96
N ALA F 240 -35.78 -19.85 -1.04
CA ALA F 240 -35.35 -18.99 -2.13
C ALA F 240 -33.83 -18.84 -2.18
N ARG F 241 -33.16 -18.86 -1.02
CA ARG F 241 -31.71 -18.76 -0.99
C ARG F 241 -31.07 -20.00 -1.60
N GLU F 242 -31.44 -21.18 -1.13
CA GLU F 242 -30.91 -22.41 -1.70
C GLU F 242 -31.10 -22.45 -3.22
N LYS F 243 -32.27 -22.03 -3.71
CA LYS F 243 -32.50 -21.96 -5.15
C LYS F 243 -31.42 -21.11 -5.84
N LEU F 244 -31.24 -19.87 -5.39
CA LEU F 244 -30.19 -19.03 -5.94
C LEU F 244 -28.80 -19.56 -5.62
N GLU F 245 -28.62 -20.20 -4.46
CA GLU F 245 -27.34 -20.85 -4.17
C GLU F 245 -27.13 -22.03 -5.08
N MET F 246 -28.21 -22.70 -5.49
CA MET F 246 -28.10 -23.81 -6.43
C MET F 246 -27.78 -23.31 -7.83
N GLU F 247 -28.64 -22.45 -8.38
CA GLU F 247 -28.36 -21.87 -9.69
C GLU F 247 -26.96 -21.26 -9.75
N MET F 248 -26.46 -20.76 -8.61
CA MET F 248 -25.20 -20.02 -8.68
C MET F 248 -23.98 -20.93 -8.66
N GLU F 249 -23.99 -22.00 -7.86
CA GLU F 249 -22.90 -22.96 -7.92
C GLU F 249 -22.83 -23.64 -9.28
N ALA F 250 -23.98 -23.81 -9.94
CA ALA F 250 -24.02 -24.51 -11.22
C ALA F 250 -23.48 -23.63 -12.34
N ALA F 251 -24.17 -22.52 -12.61
CA ALA F 251 -23.74 -21.64 -13.70
C ALA F 251 -22.24 -21.33 -13.66
N ARG F 252 -21.59 -21.52 -12.51
CA ARG F 252 -20.15 -21.39 -12.36
C ARG F 252 -19.56 -22.79 -12.20
N HIS F 253 -18.87 -23.27 -13.25
CA HIS F 253 -18.36 -24.63 -13.11
C HIS F 253 -16.90 -24.80 -13.55
N GLU F 254 -16.45 -24.02 -14.53
CA GLU F 254 -15.06 -24.12 -15.00
C GLU F 254 -14.06 -24.04 -13.83
C21 A1JB9 G . -14.67 32.72 -23.38
C22 A1JB9 G . -16.03 32.89 -23.23
C25 A1JB9 G . -19.20 31.18 -23.42
C02 A1JB9 G . -10.76 26.59 -21.14
C04 A1JB9 G . -10.58 28.94 -21.65
C05 A1JB9 G . -11.76 29.77 -21.88
C06 A1JB9 G . -12.38 30.34 -20.61
C26 A1JB9 G . -16.44 30.76 -24.26
C27 A1JB9 G . -15.08 30.58 -24.42
C30 A1JB9 G . -11.50 28.80 -24.07
N03 A1JB9 G . -10.97 27.58 -22.02
C20 A1JB9 G . -14.20 31.56 -23.97
C23 A1JB9 G . -16.92 31.91 -23.66
C31 A1JB9 G . -11.56 27.46 -23.36
C32 A1JB9 G . -10.57 25.21 -21.65
N07 A1JB9 G . -13.60 29.85 -20.28
N18 A1JB9 G . -12.21 29.81 -23.27
O01 A1JB9 G . -10.72 26.81 -19.91
O17 A1JB9 G . -11.78 31.14 -19.91
O24 A1JB9 G . -18.22 32.21 -23.34
O28 A1JB9 G . -11.79 32.25 -23.24
O29 A1JB9 G . -12.09 31.07 -25.40
S19 A1JB9 G . -12.46 31.26 -24.03
C1 A1JB9 G . -14.30 30.22 -19.05
C3 A1JB9 G . -16.76 30.78 -18.89
C4 A1JB9 G . -17.85 31.60 -19.14
C5 A1JB9 G . -17.66 32.81 -19.78
C6 A1JB9 G . -16.38 33.19 -20.18
C2 A1JB9 G . -15.48 31.14 -19.29
C8 A1JB9 G . -18.63 34.75 -20.83
C7 A1JB9 G . -15.31 32.36 -19.93
O1 A1JB9 G . -18.77 33.58 -20.00
C21 A1JB9 H . 28.12 -0.05 -26.65
C22 A1JB9 H . 28.67 -0.41 -27.87
C25 A1JB9 H . 29.70 -1.44 -30.42
C02 A1JB9 H . 28.77 -2.27 -19.81
C04 A1JB9 H . 28.62 -0.28 -21.30
C05 A1JB9 H . 27.45 -0.31 -22.14
C06 A1JB9 H . 26.18 -0.03 -21.50
C26 A1JB9 H . 27.19 -2.29 -28.01
C27 A1JB9 H . 26.63 -1.95 -26.79
C30 A1JB9 H . 27.79 -2.33 -23.20
N03 A1JB9 H . 28.82 -1.70 -21.06
C20 A1JB9 H . 27.10 -0.83 -26.12
C23 A1JB9 H . 28.20 -1.52 -28.55
C31 A1JB9 H . 28.99 -2.50 -22.28
C32 A1JB9 H . 28.14 -3.61 -19.71
N07 A1JB9 H . 26.13 1.01 -20.65
N18 A1JB9 H . 27.57 -0.87 -23.43
O01 A1JB9 H . 29.25 -1.68 -18.80
O17 A1JB9 H . 25.24 -0.79 -21.68
O24 A1JB9 H . 28.61 -2.06 -29.74
O28 A1JB9 H . 25.30 -1.28 -24.32
O29 A1JB9 H . 26.27 0.99 -24.45
S19 A1JB9 H . 26.42 -0.43 -24.55
C1 A1JB9 H . 25.18 1.06 -19.56
C3 A1JB9 H . 23.26 2.06 -20.84
C4 A1JB9 H . 22.34 3.06 -21.08
C5 A1JB9 H . 22.26 4.15 -20.22
C6 A1JB9 H . 23.12 4.22 -19.13
C2 A1JB9 H . 24.12 2.12 -19.76
C8 A1JB9 H . 20.43 4.99 -21.50
C7 A1JB9 H . 24.03 3.21 -18.90
O1 A1JB9 H . 21.35 5.15 -20.42
#